data_8TMY
#
_entry.id   8TMY
#
_cell.length_a   73.456
_cell.length_b   73.677
_cell.length_c   330.624
_cell.angle_alpha   90.00
_cell.angle_beta   90.00
_cell.angle_gamma   90.00
#
_symmetry.space_group_name_H-M   'P 2 21 21'
#
loop_
_entity.id
_entity.type
_entity.pdbx_description
1 polymer "Stem helix peptide of Spike protein S2'"
2 polymer 'Neutralizing antibody CHM-16 Heavy Chain'
3 polymer 'Neutralizing antibody CHM-16 Light Chain'
4 non-polymer 'CITRATE ANION'
#
loop_
_entity_poly.entity_id
_entity_poly.type
_entity_poly.pdbx_seq_one_letter_code
_entity_poly.pdbx_strand_id
1 'polypeptide(L)' PLQPELDSFKEELDKYFKNHTSPDV M,N,S
2 'polypeptide(L)'
;EEQLVESGGGLVQPGGSLRLSCTASGFTLSTYFMFWVRQPPGKGLEWVSGINLGGDKTWSTDSVKGRFTTSKENAKNTLY
LQMDSLRPEDTAVYYCARLRSQRGFDHWGQGALVTVSSASTKGPSVFPLAPSSKSTSGGTAALGCLVKDYFPEPVTVSWN
SGALTSGVHTFPAVLQSSGLYSLSSVVTVPSSSLGTQTYICNVNHKPSNTKVDKRVEPKSC
;
H,A,C
3 'polypeptide(L)'
;DIQMTQSPSSLSASVGDRVTFTCRASQGVNNWLAWYQQKPGKAPKLLIYRASNLETGVPSRFSGSGSGTEFTLTISSLQP
EDIATYYCQQHDNFPYTFGQGTKVVIRRTVAAPSVFIFPPSDEQLKSGTASVVCLLNNFYPREAKVQWKVDNALQSGNSQ
ESVTEQDSKDSTYSLSSTLTLSKADYEKHKVYACEVTQGTTSVTKSFNRGEC
;
L,B,D
#
loop_
_chem_comp.id
_chem_comp.type
_chem_comp.name
_chem_comp.formula
FLC non-polymer 'CITRATE ANION' 'C6 H5 O7 -3'
#
# COMPACT_ATOMS: atom_id res chain seq x y z
N SER A 8 -4.84 36.23 -42.42
CA SER A 8 -6.11 35.96 -43.09
C SER A 8 -6.83 34.77 -42.46
N PHE A 9 -6.06 33.86 -41.86
CA PHE A 9 -6.65 32.68 -41.24
C PHE A 9 -7.54 33.07 -40.06
N LYS A 10 -7.06 33.96 -39.19
CA LYS A 10 -7.83 34.35 -38.02
C LYS A 10 -9.10 35.10 -38.41
N GLU A 11 -9.00 35.97 -39.43
CA GLU A 11 -10.19 36.69 -39.89
C GLU A 11 -11.26 35.74 -40.39
N GLU A 12 -10.87 34.82 -41.27
CA GLU A 12 -11.83 33.86 -41.82
CA GLU A 12 -11.83 33.86 -41.82
C GLU A 12 -12.39 32.97 -40.72
N LEU A 13 -11.55 32.54 -39.77
CA LEU A 13 -12.02 31.69 -38.69
C LEU A 13 -13.02 32.43 -37.79
N ASP A 14 -12.75 33.70 -37.48
CA ASP A 14 -13.68 34.46 -36.66
C ASP A 14 -15.00 34.68 -37.40
N LYS A 15 -14.93 34.97 -38.70
CA LYS A 15 -16.16 35.12 -39.48
C LYS A 15 -16.95 33.82 -39.52
N TYR A 16 -16.24 32.68 -39.64
CA TYR A 16 -16.90 31.38 -39.60
C TYR A 16 -17.57 31.15 -38.25
N PHE A 17 -16.89 31.53 -37.17
CA PHE A 17 -17.43 31.31 -35.83
C PHE A 17 -18.64 32.19 -35.54
N LYS A 18 -18.65 33.42 -36.07
CA LYS A 18 -19.79 34.31 -35.83
C LYS A 18 -21.04 33.80 -36.54
N ASN A 19 -20.95 33.63 -37.86
CA ASN A 19 -22.10 33.16 -38.64
C ASN A 19 -22.40 31.69 -38.36
N LEU B 6 36.98 -6.63 -9.12
CA LEU B 6 36.23 -6.00 -8.04
C LEU B 6 35.16 -5.07 -8.59
N ASP B 7 34.11 -4.85 -7.80
CA ASP B 7 33.01 -4.01 -8.21
C ASP B 7 33.40 -2.54 -8.15
N SER B 8 32.60 -1.70 -8.80
CA SER B 8 32.75 -0.25 -8.75
C SER B 8 31.80 0.31 -7.70
N PHE B 9 31.78 1.64 -7.58
CA PHE B 9 30.83 2.28 -6.69
C PHE B 9 29.39 2.10 -7.18
N LYS B 10 29.17 2.28 -8.48
CA LYS B 10 27.81 2.22 -9.02
C LYS B 10 27.24 0.81 -8.91
N GLU B 11 28.05 -0.21 -9.21
CA GLU B 11 27.57 -1.59 -9.10
C GLU B 11 27.24 -1.94 -7.65
N GLU B 12 28.11 -1.54 -6.72
CA GLU B 12 27.85 -1.81 -5.31
CA GLU B 12 27.85 -1.81 -5.31
C GLU B 12 26.59 -1.09 -4.84
N LEU B 13 26.39 0.16 -5.28
CA LEU B 13 25.20 0.90 -4.92
C LEU B 13 23.95 0.24 -5.47
N ASP B 14 23.99 -0.22 -6.72
CA ASP B 14 22.83 -0.88 -7.32
C ASP B 14 22.50 -2.16 -6.58
N LYS B 15 23.52 -2.96 -6.24
CA LYS B 15 23.31 -4.17 -5.48
C LYS B 15 22.74 -3.88 -4.10
N TYR B 16 23.26 -2.86 -3.43
CA TYR B 16 22.80 -2.50 -2.09
C TYR B 16 21.40 -1.91 -2.11
N PHE B 17 20.98 -1.31 -3.22
CA PHE B 17 19.66 -0.70 -3.28
C PHE B 17 18.57 -1.68 -3.71
N LYS B 18 18.84 -2.55 -4.67
CA LYS B 18 17.75 -3.41 -5.17
C LYS B 18 17.68 -4.76 -4.47
N ASN B 19 18.82 -5.43 -4.28
CA ASN B 19 18.80 -6.80 -3.79
C ASN B 19 18.69 -6.91 -2.27
N HIS B 20 18.75 -5.80 -1.55
CA HIS B 20 18.76 -5.81 -0.09
C HIS B 20 17.62 -4.96 0.44
N THR B 21 16.97 -5.46 1.50
CA THR B 21 15.88 -4.74 2.15
C THR B 21 16.36 -4.07 3.44
N SER C 8 -3.05 -66.99 5.48
CA SER C 8 -1.59 -67.06 5.54
C SER C 8 -1.01 -65.88 6.32
N PHE C 9 -1.70 -64.74 6.27
CA PHE C 9 -1.25 -63.55 6.98
C PHE C 9 -1.22 -63.79 8.48
N LYS C 10 -2.28 -64.40 9.02
CA LYS C 10 -2.37 -64.60 10.46
C LYS C 10 -1.29 -65.56 10.96
N GLU C 11 -0.93 -66.56 10.17
CA GLU C 11 0.11 -67.50 10.57
C GLU C 11 1.44 -66.79 10.75
N GLU C 12 1.87 -66.03 9.73
CA GLU C 12 3.14 -65.33 9.81
C GLU C 12 3.10 -64.26 10.90
N LEU C 13 1.96 -63.59 11.07
CA LEU C 13 1.86 -62.57 12.12
C LEU C 13 1.97 -63.19 13.50
N ASP C 14 1.32 -64.33 13.73
CA ASP C 14 1.43 -65.00 15.02
C ASP C 14 2.85 -65.49 15.27
N LYS C 15 3.51 -66.02 14.24
CA LYS C 15 4.90 -66.44 14.41
C LYS C 15 5.80 -65.25 14.69
N TYR C 16 5.52 -64.11 14.06
CA TYR C 16 6.28 -62.89 14.33
C TYR C 16 6.08 -62.43 15.77
N PHE C 17 4.84 -62.53 16.27
CA PHE C 17 4.57 -62.08 17.64
C PHE C 17 5.14 -63.04 18.68
N LYS C 18 5.20 -64.34 18.37
CA LYS C 18 5.78 -65.30 19.31
C LYS C 18 7.28 -65.09 19.45
N ASN C 19 8.01 -65.20 18.33
CA ASN C 19 9.45 -65.02 18.35
C ASN C 19 9.82 -63.55 18.57
N GLU D 1 14.21 -40.76 17.90
CA GLU D 1 14.92 -41.41 16.81
C GLU D 1 13.95 -42.01 15.80
N GLU D 2 13.19 -43.01 16.25
CA GLU D 2 12.20 -43.65 15.39
C GLU D 2 11.05 -42.69 15.13
N GLN D 3 10.83 -42.35 13.87
CA GLN D 3 9.83 -41.37 13.49
C GLN D 3 9.09 -41.81 12.24
N LEU D 4 7.77 -41.64 12.25
CA LEU D 4 6.91 -41.97 11.11
C LEU D 4 6.28 -40.70 10.57
N VAL D 5 6.45 -40.45 9.27
CA VAL D 5 5.91 -39.27 8.61
C VAL D 5 4.89 -39.71 7.57
N GLU D 6 3.79 -38.98 7.48
CA GLU D 6 2.71 -39.32 6.55
C GLU D 6 2.47 -38.19 5.57
N SER D 7 2.02 -38.55 4.37
CA SER D 7 1.74 -37.57 3.34
C SER D 7 0.66 -38.12 2.40
N GLY D 8 -0.08 -37.20 1.78
CA GLY D 8 -1.09 -37.56 0.81
C GLY D 8 -2.52 -37.20 1.18
N GLY D 9 -2.75 -36.68 2.38
CA GLY D 9 -4.10 -36.33 2.77
C GLY D 9 -4.64 -35.16 1.98
N GLY D 10 -5.97 -35.13 1.86
CA GLY D 10 -6.60 -34.05 1.11
C GLY D 10 -8.06 -34.35 0.85
N LEU D 11 -8.60 -33.65 -0.15
CA LEU D 11 -10.00 -33.75 -0.54
C LEU D 11 -10.12 -34.53 -1.84
N VAL D 12 -10.96 -35.56 -1.85
CA VAL D 12 -11.19 -36.40 -3.02
C VAL D 12 -12.69 -36.55 -3.23
N GLN D 13 -13.12 -36.46 -4.49
CA GLN D 13 -14.52 -36.68 -4.82
C GLN D 13 -14.91 -38.13 -4.52
N PRO D 14 -16.18 -38.37 -4.18
CA PRO D 14 -16.64 -39.76 -4.00
C PRO D 14 -16.41 -40.57 -5.28
N GLY D 15 -15.93 -41.79 -5.10
CA GLY D 15 -15.57 -42.64 -6.21
C GLY D 15 -14.19 -42.39 -6.78
N GLY D 16 -13.46 -41.42 -6.24
CA GLY D 16 -12.12 -41.11 -6.71
C GLY D 16 -11.07 -42.00 -6.09
N SER D 17 -9.81 -41.59 -6.25
CA SER D 17 -8.68 -42.35 -5.77
C SER D 17 -7.70 -41.44 -5.04
N LEU D 18 -6.95 -42.03 -4.11
CA LEU D 18 -5.96 -41.28 -3.35
C LEU D 18 -4.89 -42.23 -2.82
N ARG D 19 -3.64 -41.80 -2.87
CA ARG D 19 -2.52 -42.61 -2.39
C ARG D 19 -1.87 -41.93 -1.19
N LEU D 20 -1.78 -42.68 -0.09
CA LEU D 20 -1.13 -42.23 1.14
C LEU D 20 0.24 -42.87 1.26
N SER D 21 1.22 -42.11 1.74
CA SER D 21 2.58 -42.58 1.92
C SER D 21 3.01 -42.39 3.37
N CYS D 22 3.71 -43.38 3.91
CA CYS D 22 4.23 -43.33 5.28
C CYS D 22 5.70 -43.71 5.25
N THR D 23 6.56 -42.74 5.51
CA THR D 23 8.00 -42.94 5.49
C THR D 23 8.53 -43.09 6.92
N ALA D 24 9.38 -44.10 7.11
CA ALA D 24 10.01 -44.34 8.41
C ALA D 24 11.41 -43.72 8.39
N SER D 25 11.63 -42.76 9.29
CA SER D 25 12.90 -42.04 9.36
C SER D 25 13.80 -42.52 10.50
N GLY D 26 13.41 -43.56 11.21
CA GLY D 26 14.19 -44.03 12.34
C GLY D 26 14.74 -45.43 12.21
N PHE D 27 14.02 -46.29 11.50
CA PHE D 27 14.40 -47.71 11.42
C PHE D 27 14.33 -48.23 9.99
N THR D 28 14.47 -49.55 9.83
CA THR D 28 14.62 -50.15 8.51
C THR D 28 13.28 -50.39 7.81
N LEU D 29 12.18 -50.47 8.56
CA LEU D 29 10.83 -50.66 8.04
C LEU D 29 10.64 -52.05 7.45
N SER D 30 11.72 -52.84 7.38
CA SER D 30 11.60 -54.21 6.87
C SER D 30 11.20 -55.17 8.00
N THR D 31 12.01 -55.22 9.06
CA THR D 31 11.84 -56.18 10.15
C THR D 31 10.59 -55.94 10.99
N TYR D 32 9.74 -54.97 10.64
CA TYR D 32 8.54 -54.67 11.41
C TYR D 32 7.31 -54.82 10.52
N PHE D 33 6.27 -55.44 11.06
CA PHE D 33 4.97 -55.45 10.39
C PHE D 33 4.33 -54.08 10.50
N MET D 34 3.61 -53.68 9.45
CA MET D 34 3.02 -52.36 9.39
C MET D 34 1.50 -52.46 9.27
N PHE D 35 0.82 -51.42 9.74
CA PHE D 35 -0.64 -51.41 9.72
C PHE D 35 -1.15 -50.02 9.35
N TRP D 36 -2.32 -50.00 8.71
CA TRP D 36 -3.06 -48.77 8.44
C TRP D 36 -4.34 -48.79 9.26
N VAL D 37 -4.55 -47.74 10.06
CA VAL D 37 -5.70 -47.62 10.95
C VAL D 37 -6.30 -46.22 10.78
N ARG D 38 -7.62 -46.14 10.63
CA ARG D 38 -8.26 -44.83 10.53
C ARG D 38 -9.14 -44.56 11.74
N GLN D 39 -9.36 -43.28 12.00
CA GLN D 39 -10.25 -42.81 13.05
C GLN D 39 -11.21 -41.81 12.42
N PRO D 40 -12.50 -42.14 12.30
CA PRO D 40 -13.48 -41.16 11.81
C PRO D 40 -13.70 -40.06 12.83
N PRO D 41 -14.15 -38.89 12.40
CA PRO D 41 -14.44 -37.81 13.37
C PRO D 41 -15.49 -38.24 14.38
N GLY D 42 -15.23 -37.95 15.65
CA GLY D 42 -16.14 -38.31 16.71
C GLY D 42 -16.38 -39.79 16.86
N LYS D 43 -15.47 -40.62 16.36
CA LYS D 43 -15.63 -42.07 16.37
C LYS D 43 -14.35 -42.72 16.88
N GLY D 44 -14.48 -43.98 17.30
CA GLY D 44 -13.35 -44.72 17.82
C GLY D 44 -12.42 -45.22 16.73
N LEU D 45 -11.40 -45.95 17.15
CA LEU D 45 -10.42 -46.49 16.22
C LEU D 45 -11.05 -47.59 15.37
N GLU D 46 -10.45 -47.82 14.21
CA GLU D 46 -10.90 -48.87 13.29
C GLU D 46 -9.70 -49.32 12.47
N TRP D 47 -9.18 -50.50 12.80
CA TRP D 47 -8.06 -51.05 12.04
C TRP D 47 -8.53 -51.37 10.62
N VAL D 48 -7.68 -51.04 9.64
CA VAL D 48 -8.03 -51.17 8.24
C VAL D 48 -7.21 -52.26 7.56
N SER D 49 -5.89 -52.20 7.65
CA SER D 49 -5.09 -53.11 6.85
C SER D 49 -3.74 -53.37 7.50
N GLY D 50 -3.07 -54.40 7.00
CA GLY D 50 -1.76 -54.76 7.52
C GLY D 50 -0.90 -55.40 6.44
N ILE D 51 0.41 -55.17 6.55
CA ILE D 51 1.40 -55.70 5.62
C ILE D 51 2.56 -56.26 6.41
N ASN D 52 3.18 -57.32 5.88
CA ASN D 52 4.20 -58.08 6.57
C ASN D 52 5.60 -57.55 6.24
N LEU D 53 6.62 -58.36 6.57
CA LEU D 53 8.01 -57.99 6.33
C LEU D 53 8.25 -57.70 4.85
N GLY D 54 8.10 -58.71 4.00
CA GLY D 54 8.41 -58.59 2.59
C GLY D 54 7.28 -58.12 1.70
N GLY D 55 6.12 -57.80 2.26
CA GLY D 55 5.00 -57.38 1.45
C GLY D 55 4.39 -58.48 0.60
N ASP D 56 4.71 -59.74 0.90
CA ASP D 56 4.17 -60.85 0.12
C ASP D 56 2.71 -61.14 0.48
N LYS D 57 2.30 -60.85 1.71
CA LYS D 57 0.95 -61.11 2.17
C LYS D 57 0.38 -59.87 2.83
N THR D 58 -0.91 -59.63 2.62
CA THR D 58 -1.58 -58.45 3.15
C THR D 58 -2.91 -58.86 3.76
N TRP D 59 -3.43 -58.00 4.64
CA TRP D 59 -4.73 -58.19 5.25
C TRP D 59 -5.53 -56.89 5.17
N SER D 60 -6.84 -57.02 4.94
CA SER D 60 -7.74 -55.89 4.93
C SER D 60 -9.12 -56.34 5.41
N THR D 61 -9.82 -55.46 6.12
CA THR D 61 -11.11 -55.81 6.69
C THR D 61 -12.18 -55.93 5.59
N ASP D 62 -13.32 -56.51 5.97
CA ASP D 62 -14.39 -56.74 5.00
C ASP D 62 -14.99 -55.44 4.49
N SER D 63 -14.98 -54.38 5.31
CA SER D 63 -15.61 -53.13 4.90
C SER D 63 -14.85 -52.44 3.78
N VAL D 64 -13.51 -52.58 3.76
CA VAL D 64 -12.67 -51.91 2.77
C VAL D 64 -11.99 -52.91 1.85
N LYS D 65 -12.36 -54.19 1.92
CA LYS D 65 -11.76 -55.19 1.04
C LYS D 65 -12.10 -54.90 -0.42
N GLY D 66 -11.08 -54.99 -1.28
CA GLY D 66 -11.24 -54.74 -2.69
C GLY D 66 -11.00 -53.30 -3.12
N ARG D 67 -11.32 -52.34 -2.27
CA ARG D 67 -11.13 -50.93 -2.60
C ARG D 67 -9.75 -50.42 -2.20
N PHE D 68 -9.24 -50.86 -1.05
CA PHE D 68 -7.94 -50.39 -0.55
C PHE D 68 -6.88 -51.45 -0.78
N THR D 69 -5.73 -51.04 -1.30
CA THR D 69 -4.58 -51.92 -1.48
C THR D 69 -3.39 -51.35 -0.73
N THR D 70 -2.59 -52.23 -0.13
CA THR D 70 -1.43 -51.83 0.64
C THR D 70 -0.17 -52.42 0.03
N SER D 71 0.84 -51.58 -0.16
CA SER D 71 2.13 -51.99 -0.70
C SER D 71 3.23 -51.37 0.15
N LYS D 72 4.47 -51.77 -0.12
CA LYS D 72 5.60 -51.19 0.60
C LYS D 72 6.84 -51.24 -0.27
N GLU D 73 7.76 -50.31 0.00
CA GLU D 73 9.03 -50.20 -0.69
C GLU D 73 10.10 -50.02 0.38
N ASN D 74 10.83 -51.09 0.68
CA ASN D 74 11.87 -51.03 1.71
C ASN D 74 13.10 -50.27 1.23
N ALA D 75 13.33 -50.21 -0.08
CA ALA D 75 14.43 -49.38 -0.59
C ALA D 75 14.18 -47.91 -0.30
N LYS D 76 12.93 -47.47 -0.43
CA LYS D 76 12.54 -46.11 -0.10
C LYS D 76 11.98 -45.98 1.31
N ASN D 77 11.87 -47.08 2.04
CA ASN D 77 11.37 -47.08 3.41
C ASN D 77 9.99 -46.42 3.51
N THR D 78 9.09 -46.81 2.60
CA THR D 78 7.78 -46.17 2.54
C THR D 78 6.69 -47.21 2.39
N LEU D 79 5.66 -47.09 3.23
CA LEU D 79 4.46 -47.92 3.16
C LEU D 79 3.36 -47.13 2.46
N TYR D 80 2.78 -47.71 1.42
CA TYR D 80 1.82 -47.04 0.56
C TYR D 80 0.43 -47.65 0.71
N LEU D 81 -0.58 -46.79 0.72
CA LEU D 81 -1.98 -47.20 0.78
C LEU D 81 -2.71 -46.54 -0.38
N GLN D 82 -3.13 -47.36 -1.35
CA GLN D 82 -3.89 -46.89 -2.51
C GLN D 82 -5.37 -47.12 -2.26
N MET D 83 -6.13 -46.04 -2.20
CA MET D 83 -7.57 -46.08 -1.92
C MET D 83 -8.33 -45.75 -3.20
N ASP D 84 -9.30 -46.60 -3.54
CA ASP D 84 -10.07 -46.46 -4.75
C ASP D 84 -11.56 -46.54 -4.43
N SER D 85 -12.36 -45.79 -5.20
CA SER D 85 -13.80 -45.73 -5.02
C SER D 85 -14.17 -45.32 -3.59
N LEU D 86 -13.75 -44.11 -3.24
CA LEU D 86 -13.97 -43.62 -1.88
C LEU D 86 -15.44 -43.31 -1.64
N ARG D 87 -15.83 -43.41 -0.37
CA ARG D 87 -17.18 -43.15 0.10
C ARG D 87 -17.10 -42.19 1.27
N PRO D 88 -18.20 -41.50 1.59
CA PRO D 88 -18.17 -40.55 2.71
C PRO D 88 -17.81 -41.19 4.04
N GLU D 89 -18.04 -42.49 4.21
CA GLU D 89 -17.65 -43.17 5.44
C GLU D 89 -16.14 -43.25 5.62
N ASP D 90 -15.37 -43.10 4.54
CA ASP D 90 -13.92 -43.16 4.63
C ASP D 90 -13.28 -41.85 5.05
N THR D 91 -14.07 -40.79 5.21
CA THR D 91 -13.55 -39.52 5.71
C THR D 91 -13.06 -39.70 7.15
N ALA D 92 -11.74 -39.69 7.34
CA ALA D 92 -11.17 -40.03 8.64
C ALA D 92 -9.71 -39.60 8.66
N VAL D 93 -9.13 -39.64 9.85
CA VAL D 93 -7.69 -39.42 10.02
C VAL D 93 -7.01 -40.78 9.95
N TYR D 94 -6.10 -40.94 8.99
CA TYR D 94 -5.39 -42.19 8.77
C TYR D 94 -4.03 -42.15 9.45
N TYR D 95 -3.64 -43.29 10.02
CA TYR D 95 -2.40 -43.47 10.74
C TYR D 95 -1.71 -44.73 10.23
N CYS D 96 -0.40 -44.65 10.08
CA CYS D 96 0.45 -45.81 9.84
C CYS D 96 1.11 -46.19 11.16
N ALA D 97 1.01 -47.47 11.52
CA ALA D 97 1.47 -47.95 12.82
C ALA D 97 2.49 -49.07 12.64
N ARG D 98 3.55 -48.99 13.43
CA ARG D 98 4.53 -50.06 13.56
C ARG D 98 4.04 -51.10 14.56
N LEU D 99 4.67 -52.28 14.53
CA LEU D 99 4.30 -53.37 15.43
C LEU D 99 5.57 -54.01 15.95
N ARG D 100 5.86 -53.79 17.23
CA ARG D 100 6.95 -54.50 17.89
C ARG D 100 6.63 -55.99 17.98
N SER D 101 7.69 -56.80 18.05
CA SER D 101 7.51 -58.26 17.97
C SER D 101 6.65 -58.77 19.11
N GLN D 102 7.00 -58.43 20.35
CA GLN D 102 6.29 -58.95 21.52
C GLN D 102 5.55 -57.89 22.31
N ARG D 103 5.70 -56.61 21.97
CA ARG D 103 5.07 -55.55 22.76
C ARG D 103 3.73 -55.12 22.18
N GLY D 104 3.71 -54.65 20.95
CA GLY D 104 2.48 -54.20 20.32
C GLY D 104 2.75 -53.04 19.37
N PHE D 105 1.79 -52.13 19.31
CA PHE D 105 1.88 -50.95 18.44
C PHE D 105 2.66 -49.88 19.21
N ASP D 106 3.91 -49.67 18.81
CA ASP D 106 4.82 -48.77 19.53
C ASP D 106 4.73 -47.34 19.00
N HIS D 107 5.01 -47.16 17.71
CA HIS D 107 5.11 -45.83 17.11
C HIS D 107 4.01 -45.63 16.07
N TRP D 108 3.42 -44.44 16.08
CA TRP D 108 2.39 -44.06 15.14
C TRP D 108 2.81 -42.79 14.42
N GLY D 109 2.08 -42.44 13.36
CA GLY D 109 2.31 -41.20 12.65
C GLY D 109 1.57 -40.04 13.29
N GLN D 110 1.73 -38.86 12.67
CA GLN D 110 1.00 -37.69 13.13
C GLN D 110 -0.41 -37.64 12.59
N GLY D 111 -0.73 -38.42 11.57
CA GLY D 111 -2.08 -38.49 11.04
C GLY D 111 -2.28 -37.69 9.77
N ALA D 112 -2.93 -38.28 8.77
CA ALA D 112 -3.29 -37.61 7.53
C ALA D 112 -4.81 -37.62 7.40
N LEU D 113 -5.41 -36.43 7.33
CA LEU D 113 -6.86 -36.34 7.23
C LEU D 113 -7.30 -36.52 5.79
N VAL D 114 -8.23 -37.44 5.56
CA VAL D 114 -8.78 -37.71 4.24
C VAL D 114 -10.27 -37.37 4.29
N THR D 115 -10.69 -36.46 3.42
CA THR D 115 -12.08 -36.01 3.35
C THR D 115 -12.66 -36.43 2.00
N VAL D 116 -13.83 -37.06 2.03
CA VAL D 116 -14.50 -37.53 0.83
C VAL D 116 -15.80 -36.75 0.70
N SER D 117 -15.84 -35.81 -0.23
CA SER D 117 -17.02 -34.99 -0.43
C SER D 117 -17.04 -34.50 -1.88
N SER D 118 -18.24 -34.16 -2.34
CA SER D 118 -18.43 -33.62 -3.69
C SER D 118 -18.32 -32.10 -3.74
N ALA D 119 -18.04 -31.46 -2.60
CA ALA D 119 -17.93 -30.02 -2.56
C ALA D 119 -16.56 -29.58 -3.05
N SER D 120 -16.41 -28.27 -3.24
CA SER D 120 -15.17 -27.66 -3.70
C SER D 120 -14.49 -26.92 -2.56
N THR D 121 -13.19 -26.69 -2.72
CA THR D 121 -12.43 -25.97 -1.72
C THR D 121 -12.90 -24.53 -1.62
N LYS D 122 -13.01 -24.04 -0.38
CA LYS D 122 -13.45 -22.67 -0.11
C LYS D 122 -12.51 -22.03 0.90
N GLY D 123 -11.98 -20.86 0.58
CA GLY D 123 -11.12 -20.14 1.48
C GLY D 123 -11.88 -19.57 2.65
N PRO D 124 -11.20 -19.36 3.77
CA PRO D 124 -11.85 -18.80 4.95
C PRO D 124 -12.13 -17.31 4.79
N SER D 125 -13.08 -16.84 5.58
CA SER D 125 -13.34 -15.41 5.76
C SER D 125 -13.13 -15.08 7.23
N VAL D 126 -12.19 -14.20 7.52
CA VAL D 126 -11.79 -13.90 8.89
C VAL D 126 -12.40 -12.56 9.29
N PHE D 127 -13.10 -12.55 10.43
CA PHE D 127 -13.71 -11.35 10.97
C PHE D 127 -13.22 -11.11 12.39
N PRO D 128 -13.08 -9.86 12.81
CA PRO D 128 -12.62 -9.57 14.16
C PRO D 128 -13.73 -9.77 15.19
N LEU D 129 -13.29 -10.00 16.43
CA LEU D 129 -14.19 -10.16 17.59
C LEU D 129 -13.56 -9.35 18.71
N ALA D 130 -13.98 -8.09 18.84
CA ALA D 130 -13.32 -7.13 19.70
C ALA D 130 -14.31 -6.51 20.67
N PRO D 131 -13.84 -6.02 21.82
CA PRO D 131 -14.67 -5.27 22.79
C PRO D 131 -15.49 -4.16 22.14
N GLY D 138 -12.88 -4.94 34.35
CA GLY D 138 -11.79 -4.05 33.99
C GLY D 138 -10.45 -4.75 34.01
N GLY D 139 -10.48 -6.07 34.23
CA GLY D 139 -9.29 -6.88 34.29
C GLY D 139 -9.04 -7.63 33.00
N THR D 140 -9.41 -8.90 32.97
CA THR D 140 -9.28 -9.69 31.76
C THR D 140 -10.28 -9.24 30.69
N ALA D 141 -9.80 -9.14 29.46
CA ALA D 141 -10.63 -8.84 28.30
C ALA D 141 -10.42 -9.91 27.24
N ALA D 142 -11.38 -10.01 26.32
CA ALA D 142 -11.40 -11.10 25.35
C ALA D 142 -11.20 -10.55 23.94
N LEU D 143 -10.23 -11.11 23.22
CA LEU D 143 -9.97 -10.76 21.82
C LEU D 143 -10.08 -12.03 20.98
N GLY D 144 -10.76 -11.95 19.84
CA GLY D 144 -10.98 -13.16 19.08
C GLY D 144 -11.09 -12.93 17.59
N CYS D 145 -11.09 -14.05 16.86
CA CYS D 145 -11.24 -14.05 15.42
C CYS D 145 -12.26 -15.12 15.03
N LEU D 146 -13.19 -14.75 14.16
CA LEU D 146 -14.22 -15.65 13.66
C LEU D 146 -13.83 -16.08 12.25
N VAL D 147 -13.59 -17.37 12.07
CA VAL D 147 -13.23 -17.93 10.78
C VAL D 147 -14.49 -18.59 10.22
N LYS D 148 -15.08 -17.98 9.19
CA LYS D 148 -16.38 -18.38 8.68
C LYS D 148 -16.25 -18.87 7.25
N ASP D 149 -17.11 -19.85 6.90
CA ASP D 149 -17.36 -20.23 5.51
C ASP D 149 -16.07 -20.69 4.82
N TYR D 150 -15.51 -21.77 5.33
CA TYR D 150 -14.35 -22.41 4.73
C TYR D 150 -14.62 -23.90 4.57
N PHE D 151 -13.97 -24.49 3.57
CA PHE D 151 -14.09 -25.92 3.29
C PHE D 151 -12.93 -26.33 2.40
N PRO D 152 -12.31 -27.48 2.65
CA PRO D 152 -12.61 -28.36 3.77
C PRO D 152 -11.83 -28.02 5.03
N GLU D 153 -11.82 -28.93 5.98
CA GLU D 153 -11.03 -28.83 7.19
C GLU D 153 -9.66 -29.46 6.94
N PRO D 154 -8.63 -29.08 7.72
CA PRO D 154 -8.59 -28.16 8.86
C PRO D 154 -8.13 -26.75 8.53
N VAL D 155 -8.31 -25.86 9.50
CA VAL D 155 -7.78 -24.50 9.47
C VAL D 155 -7.12 -24.24 10.81
N THR D 156 -5.85 -23.84 10.79
CA THR D 156 -5.12 -23.59 12.02
C THR D 156 -5.05 -22.09 12.30
N VAL D 157 -5.07 -21.74 13.58
CA VAL D 157 -5.05 -20.35 14.01
C VAL D 157 -3.95 -20.16 15.04
N SER D 158 -3.13 -19.13 14.86
CA SER D 158 -2.14 -18.71 15.84
C SER D 158 -2.36 -17.24 16.17
N TRP D 159 -1.64 -16.75 17.17
CA TRP D 159 -1.78 -15.37 17.60
C TRP D 159 -0.40 -14.71 17.65
N ASN D 160 -0.27 -13.57 16.98
CA ASN D 160 0.97 -12.80 16.94
C ASN D 160 2.13 -13.67 16.45
N SER D 161 1.87 -14.42 15.38
CA SER D 161 2.88 -15.29 14.76
C SER D 161 3.42 -16.33 15.74
N GLY D 162 2.58 -16.77 16.67
CA GLY D 162 2.97 -17.76 17.66
C GLY D 162 3.56 -17.19 18.93
N ALA D 163 3.79 -15.88 19.00
CA ALA D 163 4.36 -15.29 20.21
C ALA D 163 3.39 -15.35 21.38
N LEU D 164 2.09 -15.28 21.11
CA LEU D 164 1.08 -15.34 22.15
C LEU D 164 0.48 -16.75 22.19
N THR D 165 0.63 -17.43 23.31
CA THR D 165 0.12 -18.79 23.46
C THR D 165 -0.64 -19.03 24.75
N SER D 166 -0.61 -18.11 25.71
CA SER D 166 -1.27 -18.29 27.00
C SER D 166 -2.69 -17.77 26.93
N GLY D 167 -3.66 -18.66 27.18
CA GLY D 167 -5.05 -18.29 27.19
C GLY D 167 -5.77 -18.34 25.87
N VAL D 168 -5.16 -18.92 24.84
CA VAL D 168 -5.81 -19.03 23.54
C VAL D 168 -6.78 -20.22 23.56
N HIS D 169 -7.97 -20.00 23.01
CA HIS D 169 -8.98 -21.04 22.87
C HIS D 169 -9.42 -21.09 21.41
N THR D 170 -8.96 -22.10 20.68
CA THR D 170 -9.40 -22.34 19.31
C THR D 170 -10.47 -23.43 19.35
N PHE D 171 -11.73 -23.02 19.21
CA PHE D 171 -12.85 -23.92 19.34
C PHE D 171 -12.91 -24.88 18.14
N PRO D 172 -13.53 -26.04 18.33
CA PRO D 172 -13.76 -26.94 17.19
C PRO D 172 -14.71 -26.32 16.17
N ALA D 173 -14.67 -26.88 14.97
CA ALA D 173 -15.43 -26.33 13.84
C ALA D 173 -16.86 -26.85 13.84
N VAL D 174 -17.79 -25.95 13.51
CA VAL D 174 -19.20 -26.28 13.31
C VAL D 174 -19.48 -26.31 11.82
N LEU D 175 -20.21 -27.33 11.37
CA LEU D 175 -20.40 -27.53 9.94
C LEU D 175 -21.25 -26.44 9.30
N GLN D 176 -22.21 -25.88 10.05
CA GLN D 176 -23.12 -24.84 9.56
C GLN D 176 -24.07 -25.39 8.50
N SER D 177 -25.24 -24.74 8.35
CA SER D 177 -26.27 -25.24 7.44
C SER D 177 -25.88 -25.09 5.97
N SER D 178 -24.93 -24.22 5.66
CA SER D 178 -24.51 -24.01 4.28
C SER D 178 -23.49 -25.03 3.81
N GLY D 179 -23.06 -25.95 4.68
CA GLY D 179 -22.03 -26.90 4.34
C GLY D 179 -20.61 -26.38 4.47
N LEU D 180 -20.44 -25.17 4.98
CA LEU D 180 -19.13 -24.54 5.13
C LEU D 180 -18.81 -24.38 6.60
N TYR D 181 -17.61 -24.80 7.01
CA TYR D 181 -17.25 -24.82 8.41
C TYR D 181 -17.03 -23.39 8.95
N SER D 182 -17.14 -23.28 10.27
CA SER D 182 -16.83 -22.02 10.94
C SER D 182 -16.34 -22.34 12.35
N LEU D 183 -15.42 -21.51 12.84
CA LEU D 183 -14.85 -21.67 14.16
C LEU D 183 -14.49 -20.30 14.71
N SER D 184 -14.09 -20.27 15.97
CA SER D 184 -13.63 -19.06 16.63
C SER D 184 -12.36 -19.35 17.40
N SER D 185 -11.44 -18.38 17.40
CA SER D 185 -10.20 -18.46 18.16
C SER D 185 -10.11 -17.24 19.07
N VAL D 186 -10.13 -17.46 20.37
CA VAL D 186 -10.22 -16.37 21.34
C VAL D 186 -9.09 -16.49 22.34
N VAL D 187 -8.65 -15.33 22.85
CA VAL D 187 -7.62 -15.23 23.87
C VAL D 187 -8.05 -14.19 24.89
N THR D 188 -7.53 -14.33 26.12
CA THR D 188 -7.79 -13.39 27.21
C THR D 188 -6.51 -12.62 27.50
N VAL D 189 -6.63 -11.30 27.60
CA VAL D 189 -5.47 -10.43 27.77
C VAL D 189 -5.78 -9.37 28.82
N PRO D 190 -4.74 -8.81 29.44
CA PRO D 190 -4.96 -7.69 30.35
C PRO D 190 -5.58 -6.49 29.62
N SER D 191 -6.49 -5.81 30.32
CA SER D 191 -7.18 -4.67 29.70
C SER D 191 -6.23 -3.53 29.42
N SER D 192 -5.27 -3.28 30.32
CA SER D 192 -4.33 -2.19 30.13
C SER D 192 -3.47 -2.36 28.87
N SER D 193 -3.35 -3.58 28.37
CA SER D 193 -2.60 -3.85 27.14
C SER D 193 -3.43 -3.63 25.89
N LEU D 194 -4.71 -3.30 26.02
CA LEU D 194 -5.57 -3.10 24.86
C LEU D 194 -5.16 -1.90 24.01
N GLY D 195 -4.43 -0.95 24.59
CA GLY D 195 -4.01 0.22 23.85
C GLY D 195 -2.54 0.24 23.50
N THR D 196 -1.77 -0.68 24.10
CA THR D 196 -0.33 -0.74 23.88
C THR D 196 0.06 -1.85 22.89
N GLN D 197 -0.32 -3.09 23.18
CA GLN D 197 0.01 -4.21 22.31
C GLN D 197 -1.04 -4.37 21.21
N THR D 198 -0.57 -4.78 20.03
CA THR D 198 -1.43 -5.05 18.89
C THR D 198 -1.55 -6.55 18.70
N TYR D 199 -2.78 -7.04 18.63
CA TYR D 199 -3.06 -8.46 18.50
C TYR D 199 -3.52 -8.77 17.08
N ILE D 200 -2.84 -9.73 16.45
CA ILE D 200 -3.20 -10.21 15.12
C ILE D 200 -3.40 -11.72 15.20
N CYS D 201 -4.47 -12.19 14.57
CA CYS D 201 -4.74 -13.62 14.45
C CYS D 201 -4.29 -14.08 13.08
N ASN D 202 -3.57 -15.19 13.03
CA ASN D 202 -3.03 -15.74 11.81
C ASN D 202 -3.81 -17.02 11.49
N VAL D 203 -4.61 -16.97 10.44
CA VAL D 203 -5.49 -18.07 10.03
C VAL D 203 -4.91 -18.68 8.78
N ASN D 204 -4.61 -19.98 8.84
CA ASN D 204 -4.00 -20.71 7.73
C ASN D 204 -4.92 -21.83 7.29
N HIS D 205 -5.24 -21.85 6.00
CA HIS D 205 -6.04 -22.89 5.35
C HIS D 205 -5.18 -23.45 4.23
N LYS D 206 -4.45 -24.52 4.53
CA LYS D 206 -3.60 -25.16 3.53
C LYS D 206 -4.37 -25.72 2.34
N PRO D 207 -5.54 -26.38 2.51
CA PRO D 207 -6.26 -26.88 1.32
C PRO D 207 -6.55 -25.80 0.30
N SER D 208 -6.89 -24.59 0.73
CA SER D 208 -7.12 -23.48 -0.18
C SER D 208 -5.88 -22.61 -0.38
N ASN D 209 -4.77 -22.94 0.25
CA ASN D 209 -3.52 -22.18 0.15
C ASN D 209 -3.74 -20.71 0.52
N THR D 210 -4.51 -20.48 1.58
CA THR D 210 -4.86 -19.13 2.00
C THR D 210 -4.32 -18.85 3.40
N LYS D 211 -3.84 -17.63 3.61
CA LYS D 211 -3.34 -17.20 4.91
C LYS D 211 -3.81 -15.77 5.15
N VAL D 212 -4.64 -15.60 6.16
CA VAL D 212 -5.22 -14.29 6.50
C VAL D 212 -4.68 -13.87 7.86
N ASP D 213 -4.01 -12.72 7.90
CA ASP D 213 -3.52 -12.14 9.15
C ASP D 213 -4.41 -10.94 9.46
N LYS D 214 -5.32 -11.12 10.41
CA LYS D 214 -6.30 -10.10 10.75
C LYS D 214 -5.91 -9.40 12.05
N ARG D 215 -5.78 -8.08 12.00
CA ARG D 215 -5.53 -7.28 13.18
C ARG D 215 -6.86 -6.95 13.84
N VAL D 216 -7.14 -7.60 14.98
CA VAL D 216 -8.39 -7.38 15.70
C VAL D 216 -8.12 -6.29 16.75
N GLU D 217 -8.57 -5.08 16.45
CA GLU D 217 -8.35 -3.92 17.29
C GLU D 217 -9.66 -3.47 17.94
N PRO D 218 -9.59 -2.80 19.09
CA PRO D 218 -10.83 -2.41 19.80
C PRO D 218 -11.66 -1.40 19.02
N LYS D 219 -12.77 -0.99 19.63
CA LYS D 219 -13.77 -0.09 19.04
C LYS D 219 -14.49 -0.77 17.89
N ASP E 1 -12.93 -66.08 17.87
CA ASP E 1 -12.61 -64.68 18.11
C ASP E 1 -12.71 -64.33 19.60
N ILE E 2 -12.05 -63.25 20.00
CA ILE E 2 -12.00 -62.80 21.39
C ILE E 2 -12.65 -61.43 21.48
N GLN E 3 -13.41 -61.22 22.55
CA GLN E 3 -14.09 -59.95 22.79
C GLN E 3 -13.55 -59.33 24.07
N MET E 4 -13.12 -58.07 23.98
CA MET E 4 -12.60 -57.32 25.12
C MET E 4 -13.65 -56.34 25.60
N THR E 5 -14.00 -56.43 26.88
CA THR E 5 -14.99 -55.54 27.49
C THR E 5 -14.32 -54.76 28.60
N GLN E 6 -14.35 -53.43 28.50
CA GLN E 6 -13.74 -52.58 29.52
C GLN E 6 -14.78 -52.08 30.52
N SER E 7 -14.28 -51.66 31.68
CA SER E 7 -15.15 -51.07 32.70
C SER E 7 -14.30 -50.17 33.60
N PRO E 8 -14.80 -48.98 33.97
CA PRO E 8 -16.07 -48.46 33.47
C PRO E 8 -15.92 -47.74 32.13
N SER E 9 -17.05 -47.45 31.47
CA SER E 9 -16.99 -46.72 30.21
C SER E 9 -16.53 -45.28 30.37
N SER E 10 -16.64 -44.73 31.58
CA SER E 10 -16.14 -43.40 31.88
C SER E 10 -15.83 -43.32 33.35
N LEU E 11 -15.02 -42.33 33.73
CA LEU E 11 -14.60 -42.18 35.10
C LEU E 11 -14.30 -40.71 35.39
N SER E 12 -14.57 -40.30 36.62
CA SER E 12 -14.29 -38.94 37.07
C SER E 12 -13.58 -39.01 38.41
N ALA E 13 -12.34 -38.52 38.46
CA ALA E 13 -11.54 -38.55 39.67
C ALA E 13 -10.77 -37.24 39.80
N SER E 14 -10.43 -36.89 41.04
CA SER E 14 -9.70 -35.67 41.32
C SER E 14 -8.20 -35.87 41.10
N VAL E 15 -7.46 -34.75 41.16
CA VAL E 15 -6.03 -34.80 40.95
C VAL E 15 -5.36 -35.54 42.10
N GLY E 16 -4.45 -36.46 41.76
CA GLY E 16 -3.73 -37.25 42.74
C GLY E 16 -4.39 -38.54 43.15
N ASP E 17 -5.66 -38.75 42.79
CA ASP E 17 -6.35 -39.97 43.16
C ASP E 17 -5.88 -41.13 42.29
N ARG E 18 -5.82 -42.31 42.89
CA ARG E 18 -5.50 -43.52 42.13
C ARG E 18 -6.77 -44.03 41.44
N VAL E 19 -6.61 -44.48 40.19
CA VAL E 19 -7.73 -44.96 39.39
C VAL E 19 -7.38 -46.32 38.82
N THR E 20 -8.41 -47.12 38.57
CA THR E 20 -8.26 -48.49 38.11
C THR E 20 -9.25 -48.77 36.99
N PHE E 21 -8.76 -49.36 35.90
CA PHE E 21 -9.56 -49.76 34.76
C PHE E 21 -9.47 -51.27 34.63
N THR E 22 -10.61 -51.93 34.48
CA THR E 22 -10.66 -53.39 34.34
C THR E 22 -11.01 -53.76 32.91
N CYS E 23 -10.33 -54.78 32.40
CA CYS E 23 -10.52 -55.27 31.03
C CYS E 23 -10.77 -56.77 31.11
N ARG E 24 -11.97 -57.20 30.73
CA ARG E 24 -12.35 -58.60 30.78
C ARG E 24 -12.31 -59.21 29.38
N ALA E 25 -11.84 -60.46 29.31
CA ALA E 25 -11.69 -61.17 28.06
C ALA E 25 -12.72 -62.29 27.97
N SER E 26 -13.24 -62.52 26.76
CA SER E 26 -14.20 -63.60 26.56
C SER E 26 -13.57 -64.98 26.70
N GLN E 27 -12.25 -65.08 26.56
CA GLN E 27 -11.55 -66.36 26.69
C GLN E 27 -10.12 -66.09 27.14
N GLY E 28 -9.36 -67.17 27.29
CA GLY E 28 -7.99 -67.03 27.76
C GLY E 28 -7.08 -66.46 26.68
N VAL E 29 -6.29 -65.45 27.06
CA VAL E 29 -5.32 -64.82 26.17
C VAL E 29 -3.91 -64.88 26.75
N ASN E 30 -3.70 -65.64 27.82
CA ASN E 30 -2.41 -65.76 28.51
C ASN E 30 -2.03 -64.36 28.99
N ASN E 31 -0.82 -63.87 28.69
CA ASN E 31 -0.40 -62.53 29.09
C ASN E 31 -0.26 -61.60 27.90
N TRP E 32 -0.87 -61.94 26.76
CA TRP E 32 -0.78 -61.14 25.55
C TRP E 32 -1.89 -60.08 25.58
N LEU E 33 -1.61 -59.00 26.31
CA LEU E 33 -2.55 -57.89 26.41
C LEU E 33 -1.75 -56.60 26.60
N ALA E 34 -2.22 -55.54 25.96
CA ALA E 34 -1.54 -54.24 26.01
C ALA E 34 -2.55 -53.15 26.36
N TRP E 35 -2.04 -52.08 26.95
CA TRP E 35 -2.84 -50.91 27.31
C TRP E 35 -2.30 -49.70 26.56
N TYR E 36 -3.18 -49.00 25.84
CA TYR E 36 -2.83 -47.82 25.07
C TYR E 36 -3.62 -46.61 25.55
N GLN E 37 -3.01 -45.44 25.43
CA GLN E 37 -3.63 -44.17 25.78
C GLN E 37 -3.70 -43.29 24.55
N GLN E 38 -4.88 -42.71 24.31
CA GLN E 38 -5.07 -41.82 23.16
C GLN E 38 -5.74 -40.54 23.62
N LYS E 39 -5.11 -39.40 23.32
CA LYS E 39 -5.71 -38.10 23.53
C LYS E 39 -6.62 -37.76 22.35
N PRO E 40 -7.62 -36.89 22.57
CA PRO E 40 -8.53 -36.53 21.48
C PRO E 40 -7.78 -35.89 20.31
N GLY E 41 -7.90 -36.52 19.15
CA GLY E 41 -7.29 -36.01 17.94
C GLY E 41 -5.98 -36.67 17.58
N LYS E 42 -5.13 -36.92 18.59
CA LYS E 42 -3.81 -37.48 18.36
C LYS E 42 -3.86 -39.00 18.28
N ALA E 43 -2.72 -39.59 17.92
CA ALA E 43 -2.58 -41.03 17.80
C ALA E 43 -2.40 -41.68 19.17
N PRO E 44 -2.82 -42.93 19.32
CA PRO E 44 -2.63 -43.63 20.60
C PRO E 44 -1.15 -43.84 20.91
N LYS E 45 -0.84 -43.82 22.20
CA LYS E 45 0.51 -44.03 22.69
C LYS E 45 0.56 -45.32 23.50
N LEU E 46 1.55 -46.16 23.22
CA LEU E 46 1.69 -47.41 23.96
C LEU E 46 2.08 -47.12 25.40
N LEU E 47 1.31 -47.70 26.33
CA LEU E 47 1.54 -47.52 27.76
C LEU E 47 2.04 -48.78 28.44
N ILE E 48 1.33 -49.90 28.28
CA ILE E 48 1.67 -51.13 28.97
C ILE E 48 1.74 -52.26 27.94
N TYR E 49 2.83 -53.03 27.97
CA TYR E 49 2.95 -54.22 27.15
C TYR E 49 3.09 -55.45 28.05
N ARG E 50 2.69 -56.60 27.51
CA ARG E 50 2.68 -57.88 28.24
C ARG E 50 1.85 -57.81 29.52
N ALA E 51 0.92 -56.85 29.58
CA ALA E 51 -0.05 -56.68 30.65
C ALA E 51 0.59 -56.25 31.97
N SER E 52 1.91 -56.21 32.04
CA SER E 52 2.59 -55.76 33.25
C SER E 52 3.80 -54.86 33.02
N ASN E 53 4.33 -54.77 31.80
CA ASN E 53 5.59 -54.09 31.56
C ASN E 53 5.36 -52.67 31.07
N LEU E 54 6.29 -51.78 31.44
CA LEU E 54 6.20 -50.36 31.13
C LEU E 54 7.02 -50.06 29.89
N GLU E 55 6.42 -49.35 28.94
CA GLU E 55 7.15 -48.89 27.77
C GLU E 55 8.10 -47.75 28.14
N THR E 56 9.14 -47.61 27.31
CA THR E 56 10.15 -46.58 27.57
C THR E 56 9.57 -45.19 27.35
N GLY E 57 9.79 -44.30 28.32
CA GLY E 57 9.35 -42.94 28.19
C GLY E 57 8.14 -42.59 29.05
N VAL E 58 7.19 -43.51 29.15
CA VAL E 58 5.95 -43.26 29.89
C VAL E 58 6.28 -43.15 31.37
N PRO E 59 5.52 -42.38 32.15
CA PRO E 59 5.87 -42.18 33.56
C PRO E 59 5.61 -43.42 34.40
N SER E 60 6.20 -43.41 35.60
CA SER E 60 6.15 -44.56 36.50
C SER E 60 4.81 -44.71 37.21
N ARG E 61 3.92 -43.73 37.12
CA ARG E 61 2.64 -43.82 37.82
C ARG E 61 1.69 -44.81 37.18
N PHE E 62 2.01 -45.34 36.01
CA PHE E 62 1.18 -46.33 35.33
C PHE E 62 1.59 -47.73 35.73
N SER E 63 0.60 -48.60 35.95
CA SER E 63 0.86 -49.97 36.34
C SER E 63 0.10 -50.95 35.46
N GLY E 64 0.12 -52.24 35.82
CA GLY E 64 -0.60 -53.24 35.06
C GLY E 64 -0.57 -54.61 35.71
N SER E 65 -1.70 -55.33 35.64
CA SER E 65 -1.79 -56.66 36.23
C SER E 65 -2.98 -57.39 35.63
N GLY E 66 -2.90 -58.72 35.62
CA GLY E 66 -3.95 -59.56 35.09
C GLY E 66 -3.47 -60.96 34.76
N SER E 67 -4.28 -61.99 35.03
CA SER E 67 -3.80 -63.37 34.86
C SER E 67 -4.13 -63.95 33.50
N GLY E 68 -5.42 -64.20 33.23
CA GLY E 68 -5.81 -64.63 31.90
C GLY E 68 -7.14 -64.14 31.40
N THR E 69 -7.95 -63.54 32.28
CA THR E 69 -9.28 -63.06 31.91
C THR E 69 -9.59 -61.66 32.42
N GLU E 70 -9.02 -61.25 33.55
CA GLU E 70 -9.27 -59.93 34.14
C GLU E 70 -7.95 -59.19 34.23
N PHE E 71 -7.81 -58.12 33.47
CA PHE E 71 -6.59 -57.32 33.47
C PHE E 71 -6.89 -55.95 34.06
N THR E 72 -5.88 -55.36 34.72
CA THR E 72 -6.09 -54.14 35.48
C THR E 72 -5.02 -53.14 35.14
N LEU E 73 -5.43 -51.91 34.82
CA LEU E 73 -4.53 -50.79 34.60
C LEU E 73 -4.78 -49.76 35.70
N THR E 74 -3.75 -49.46 36.48
CA THR E 74 -3.87 -48.54 37.61
C THR E 74 -2.96 -47.35 37.42
N ILE E 75 -3.48 -46.16 37.75
CA ILE E 75 -2.68 -44.95 37.84
C ILE E 75 -2.66 -44.53 39.30
N SER E 76 -1.46 -44.48 39.88
CA SER E 76 -1.34 -44.21 41.31
C SER E 76 -1.69 -42.76 41.64
N SER E 77 -1.18 -41.81 40.85
CA SER E 77 -1.41 -40.39 41.09
C SER E 77 -1.90 -39.76 39.79
N LEU E 78 -3.20 -39.46 39.73
CA LEU E 78 -3.77 -38.87 38.53
C LEU E 78 -3.25 -37.44 38.35
N GLN E 79 -2.95 -37.10 37.10
CA GLN E 79 -2.38 -35.80 36.77
C GLN E 79 -3.26 -35.10 35.74
N PRO E 80 -3.27 -33.76 35.72
CA PRO E 80 -4.12 -33.05 34.75
C PRO E 80 -3.79 -33.36 33.31
N GLU E 81 -2.59 -33.84 33.01
CA GLU E 81 -2.21 -34.16 31.64
C GLU E 81 -2.71 -35.54 31.21
N ASP E 82 -3.34 -36.29 32.10
CA ASP E 82 -3.77 -37.65 31.79
C ASP E 82 -5.20 -37.74 31.29
N ILE E 83 -5.83 -36.61 30.96
CA ILE E 83 -7.15 -36.64 30.36
C ILE E 83 -7.02 -37.27 28.98
N ALA E 84 -7.54 -38.48 28.82
CA ALA E 84 -7.44 -39.22 27.57
C ALA E 84 -8.37 -40.43 27.66
N THR E 85 -8.35 -41.25 26.62
CA THR E 85 -9.09 -42.52 26.60
C THR E 85 -8.08 -43.66 26.61
N TYR E 86 -8.25 -44.58 27.55
CA TYR E 86 -7.35 -45.71 27.73
C TYR E 86 -8.07 -46.98 27.30
N TYR E 87 -7.48 -47.71 26.36
CA TYR E 87 -8.10 -48.91 25.83
C TYR E 87 -7.15 -50.10 25.91
N CYS E 88 -7.71 -51.25 26.30
CA CYS E 88 -6.99 -52.51 26.33
C CYS E 88 -7.17 -53.24 25.00
N GLN E 89 -6.11 -53.94 24.58
CA GLN E 89 -6.12 -54.64 23.31
C GLN E 89 -5.41 -55.97 23.46
N GLN E 90 -6.02 -57.03 22.91
CA GLN E 90 -5.44 -58.35 22.96
C GLN E 90 -4.51 -58.57 21.77
N HIS E 91 -3.56 -59.48 21.94
CA HIS E 91 -2.63 -59.81 20.88
C HIS E 91 -2.36 -61.30 20.78
N ASP E 92 -3.08 -62.14 21.53
CA ASP E 92 -2.84 -63.58 21.48
C ASP E 92 -3.23 -64.17 20.13
N ASN E 93 -4.36 -63.75 19.58
CA ASN E 93 -4.85 -64.27 18.31
C ASN E 93 -5.38 -63.13 17.45
N PHE E 94 -4.95 -63.10 16.19
CA PHE E 94 -5.44 -62.10 15.25
C PHE E 94 -6.88 -62.41 14.85
N PRO E 95 -7.74 -61.39 14.66
CA PRO E 95 -7.48 -59.95 14.74
C PRO E 95 -7.33 -59.42 16.17
N TYR E 96 -6.53 -58.37 16.32
CA TYR E 96 -6.30 -57.75 17.62
C TYR E 96 -7.51 -56.89 17.97
N THR E 97 -8.43 -57.46 18.74
CA THR E 97 -9.62 -56.75 19.17
C THR E 97 -9.31 -55.90 20.40
N PHE E 98 -9.90 -54.71 20.44
CA PHE E 98 -9.68 -53.75 21.51
C PHE E 98 -10.97 -53.52 22.30
N GLY E 99 -10.81 -53.00 23.51
CA GLY E 99 -11.94 -52.68 24.34
C GLY E 99 -12.66 -51.42 23.86
N GLN E 100 -13.87 -51.22 24.38
CA GLN E 100 -14.67 -50.08 23.95
C GLN E 100 -14.08 -48.75 24.37
N GLY E 101 -13.16 -48.73 25.32
CA GLY E 101 -12.52 -47.50 25.72
C GLY E 101 -13.09 -46.95 27.02
N THR E 102 -12.24 -46.23 27.76
CA THR E 102 -12.62 -45.63 29.02
C THR E 102 -12.15 -44.18 29.04
N LYS E 103 -13.08 -43.26 29.19
CA LYS E 103 -12.77 -41.83 29.21
C LYS E 103 -12.45 -41.37 30.62
N VAL E 104 -11.49 -40.46 30.73
CA VAL E 104 -11.02 -39.94 32.02
C VAL E 104 -11.30 -38.45 32.07
N VAL E 105 -12.00 -38.02 33.13
CA VAL E 105 -12.33 -36.62 33.34
C VAL E 105 -11.91 -36.24 34.76
N ILE E 106 -11.17 -35.14 34.87
CA ILE E 106 -10.74 -34.65 36.18
C ILE E 106 -11.93 -33.97 36.87
N ARG E 107 -12.05 -34.20 38.17
CA ARG E 107 -13.06 -33.54 38.99
C ARG E 107 -12.38 -32.42 39.77
N ARG E 108 -12.85 -31.20 39.55
CA ARG E 108 -12.22 -30.00 40.09
C ARG E 108 -13.28 -29.11 40.73
N THR E 109 -12.81 -28.10 41.45
CA THR E 109 -13.70 -27.15 42.10
C THR E 109 -14.55 -26.42 41.06
N VAL E 110 -15.83 -26.23 41.38
CA VAL E 110 -16.73 -25.55 40.46
C VAL E 110 -16.27 -24.11 40.26
N ALA E 111 -16.12 -23.72 39.00
CA ALA E 111 -15.65 -22.39 38.64
C ALA E 111 -16.71 -21.67 37.82
N ALA E 112 -16.94 -20.40 38.15
CA ALA E 112 -17.89 -19.60 37.41
C ALA E 112 -17.35 -19.29 36.02
N PRO E 113 -18.17 -19.42 34.97
CA PRO E 113 -17.68 -19.12 33.62
C PRO E 113 -17.53 -17.62 33.41
N SER E 114 -16.39 -17.21 32.88
CA SER E 114 -16.22 -15.83 32.48
C SER E 114 -16.87 -15.66 31.11
N VAL E 115 -17.90 -14.81 31.04
CA VAL E 115 -18.78 -14.74 29.87
C VAL E 115 -18.58 -13.38 29.20
N PHE E 116 -18.30 -13.41 27.91
CA PHE E 116 -18.18 -12.23 27.08
C PHE E 116 -19.15 -12.32 25.91
N ILE E 117 -19.48 -11.17 25.33
CA ILE E 117 -20.34 -11.11 24.16
C ILE E 117 -19.64 -10.29 23.09
N PHE E 118 -19.81 -10.71 21.83
CA PHE E 118 -19.13 -10.13 20.69
C PHE E 118 -20.15 -9.73 19.64
N PRO E 119 -20.33 -8.45 19.37
CA PRO E 119 -21.27 -8.01 18.33
C PRO E 119 -20.73 -8.33 16.95
N PRO E 120 -21.59 -8.41 15.94
CA PRO E 120 -21.11 -8.62 14.57
C PRO E 120 -20.21 -7.47 14.11
N SER E 121 -19.20 -7.82 13.32
CA SER E 121 -18.31 -6.82 12.77
C SER E 121 -18.94 -6.16 11.54
N ASP E 122 -18.51 -4.93 11.25
CA ASP E 122 -19.01 -4.22 10.08
C ASP E 122 -18.60 -4.92 8.79
N GLU E 123 -17.40 -5.52 8.78
CA GLU E 123 -16.96 -6.27 7.60
C GLU E 123 -17.92 -7.41 7.30
N GLN E 124 -18.36 -8.13 8.33
CA GLN E 124 -19.38 -9.16 8.13
C GLN E 124 -20.72 -8.55 7.78
N LEU E 125 -21.04 -7.37 8.33
CA LEU E 125 -22.29 -6.72 8.00
C LEU E 125 -22.38 -6.38 6.53
N LYS E 126 -21.23 -6.12 5.89
CA LYS E 126 -21.23 -5.92 4.44
C LYS E 126 -21.74 -7.16 3.71
N SER E 127 -21.32 -8.35 4.17
CA SER E 127 -21.65 -9.59 3.48
C SER E 127 -23.15 -9.89 3.48
N GLY E 128 -23.92 -9.26 4.37
CA GLY E 128 -25.34 -9.50 4.46
C GLY E 128 -25.77 -10.43 5.57
N THR E 129 -24.81 -11.05 6.26
CA THR E 129 -25.09 -11.88 7.43
C THR E 129 -24.48 -11.22 8.66
N ALA E 130 -24.85 -11.71 9.83
CA ALA E 130 -24.34 -11.17 11.08
C ALA E 130 -24.26 -12.29 12.11
N SER E 131 -23.09 -12.46 12.70
CA SER E 131 -22.86 -13.45 13.74
C SER E 131 -22.61 -12.74 15.06
N VAL E 132 -23.40 -13.09 16.08
CA VAL E 132 -23.22 -12.59 17.44
C VAL E 132 -22.68 -13.73 18.28
N VAL E 133 -21.57 -13.50 18.99
CA VAL E 133 -20.85 -14.55 19.67
C VAL E 133 -21.02 -14.42 21.17
N CYS E 134 -21.23 -15.55 21.84
CA CYS E 134 -21.21 -15.62 23.30
C CYS E 134 -20.09 -16.57 23.70
N LEU E 135 -19.16 -16.09 24.52
CA LEU E 135 -17.97 -16.83 24.90
C LEU E 135 -18.02 -17.13 26.40
N LEU E 136 -17.89 -18.41 26.74
CA LEU E 136 -17.82 -18.87 28.11
C LEU E 136 -16.44 -19.47 28.32
N ASN E 137 -15.70 -18.96 29.30
CA ASN E 137 -14.31 -19.34 29.49
C ASN E 137 -14.07 -19.89 30.88
N ASN E 138 -13.31 -20.99 30.96
CA ASN E 138 -12.66 -21.45 32.19
C ASN E 138 -13.68 -21.73 33.29
N PHE E 139 -14.51 -22.73 33.03
CA PHE E 139 -15.55 -23.14 33.97
C PHE E 139 -15.57 -24.66 34.09
N TYR E 140 -16.28 -25.12 35.13
CA TYR E 140 -16.48 -26.54 35.41
C TYR E 140 -17.77 -26.66 36.21
N PRO E 141 -18.64 -27.63 35.88
CA PRO E 141 -18.48 -28.61 34.80
C PRO E 141 -18.92 -28.11 33.43
N ARG E 142 -18.87 -29.00 32.43
CA ARG E 142 -19.19 -28.63 31.06
C ARG E 142 -20.66 -28.28 30.90
N GLU E 143 -21.53 -28.85 31.74
CA GLU E 143 -22.97 -28.64 31.58
C GLU E 143 -23.34 -27.19 31.80
N ALA E 144 -23.99 -26.59 30.81
CA ALA E 144 -24.44 -25.20 30.89
C ALA E 144 -25.53 -24.98 29.87
N LYS E 145 -26.39 -23.99 30.15
CA LYS E 145 -27.46 -23.59 29.24
C LYS E 145 -27.16 -22.20 28.73
N VAL E 146 -27.05 -22.06 27.41
CA VAL E 146 -26.78 -20.79 26.76
C VAL E 146 -28.00 -20.43 25.91
N GLN E 147 -28.71 -19.39 26.32
CA GLN E 147 -29.90 -18.94 25.61
C GLN E 147 -29.66 -17.57 24.99
N TRP E 148 -30.14 -17.39 23.76
CA TRP E 148 -29.99 -16.14 23.05
C TRP E 148 -31.31 -15.38 23.11
N LYS E 149 -31.29 -14.17 23.66
CA LYS E 149 -32.47 -13.32 23.79
C LYS E 149 -32.25 -12.05 22.98
N VAL E 150 -33.14 -11.81 22.02
CA VAL E 150 -33.06 -10.65 21.15
C VAL E 150 -34.31 -9.82 21.40
N ASP E 151 -34.12 -8.62 21.96
CA ASP E 151 -35.21 -7.75 22.38
C ASP E 151 -36.19 -8.50 23.29
N ASN E 152 -35.62 -9.23 24.25
CA ASN E 152 -36.39 -10.05 25.20
C ASN E 152 -37.28 -11.06 24.45
N ALA E 153 -36.65 -11.84 23.58
CA ALA E 153 -37.35 -12.90 22.85
C ALA E 153 -36.41 -14.08 22.71
N LEU E 154 -36.85 -15.24 23.20
CA LEU E 154 -36.03 -16.44 23.10
C LEU E 154 -35.83 -16.84 21.65
N GLN E 155 -34.59 -17.11 21.27
CA GLN E 155 -34.24 -17.52 19.92
C GLN E 155 -33.94 -19.01 19.89
N SER E 156 -34.56 -19.71 18.94
CA SER E 156 -34.35 -21.14 18.76
C SER E 156 -34.08 -21.43 17.29
N GLY E 157 -33.09 -22.30 17.04
CA GLY E 157 -32.72 -22.66 15.69
C GLY E 157 -31.65 -21.81 15.06
N ASN E 158 -31.36 -20.64 15.63
CA ASN E 158 -30.34 -19.74 15.11
C ASN E 158 -29.01 -19.85 15.84
N SER E 159 -28.90 -20.78 16.79
CA SER E 159 -27.72 -20.88 17.64
C SER E 159 -26.93 -22.14 17.32
N GLN E 160 -25.61 -22.04 17.45
CA GLN E 160 -24.72 -23.17 17.17
C GLN E 160 -23.54 -23.08 18.12
N GLU E 161 -23.30 -24.15 18.90
CA GLU E 161 -22.31 -24.10 19.97
C GLU E 161 -21.13 -25.01 19.68
N SER E 162 -19.95 -24.56 20.09
CA SER E 162 -18.72 -25.33 20.03
C SER E 162 -18.13 -25.44 21.43
N VAL E 163 -17.57 -26.62 21.74
CA VAL E 163 -17.07 -26.93 23.07
C VAL E 163 -15.62 -27.41 22.94
N THR E 164 -14.72 -26.80 23.70
CA THR E 164 -13.33 -27.23 23.70
C THR E 164 -13.17 -28.46 24.59
N GLU E 165 -12.02 -29.13 24.42
CA GLU E 165 -11.69 -30.26 25.28
C GLU E 165 -11.27 -29.76 26.66
N GLN E 166 -11.33 -30.66 27.63
CA GLN E 166 -10.92 -30.33 28.99
C GLN E 166 -9.45 -29.92 29.01
N ASP E 167 -9.15 -28.81 29.68
CA ASP E 167 -7.81 -28.26 29.69
C ASP E 167 -6.83 -29.23 30.33
N SER E 168 -5.60 -29.25 29.81
CA SER E 168 -4.55 -30.12 30.31
C SER E 168 -3.81 -29.53 31.51
N LYS E 169 -4.20 -28.33 31.96
CA LYS E 169 -3.56 -27.70 33.10
C LYS E 169 -4.51 -27.48 34.27
N ASP E 170 -5.68 -26.90 34.02
CA ASP E 170 -6.65 -26.63 35.08
C ASP E 170 -7.97 -27.38 34.90
N SER E 171 -8.11 -28.17 33.84
CA SER E 171 -9.29 -29.01 33.62
C SER E 171 -10.58 -28.19 33.56
N THR E 172 -10.55 -27.12 32.78
CA THR E 172 -11.71 -26.26 32.58
C THR E 172 -12.15 -26.31 31.12
N TYR E 173 -13.41 -25.93 30.90
CA TYR E 173 -14.01 -25.97 29.57
C TYR E 173 -14.24 -24.55 29.05
N SER E 174 -14.56 -24.48 27.76
CA SER E 174 -14.94 -23.23 27.13
C SER E 174 -16.01 -23.50 26.08
N LEU E 175 -17.00 -22.62 26.03
CA LEU E 175 -18.10 -22.70 25.08
C LEU E 175 -18.09 -21.47 24.18
N SER E 176 -18.47 -21.67 22.93
CA SER E 176 -18.65 -20.58 21.97
C SER E 176 -19.98 -20.79 21.27
N SER E 177 -20.96 -19.95 21.60
CA SER E 177 -22.29 -20.02 20.99
C SER E 177 -22.42 -18.90 19.98
N THR E 178 -22.55 -19.27 18.70
CA THR E 178 -22.67 -18.31 17.61
C THR E 178 -24.11 -18.25 17.16
N LEU E 179 -24.62 -17.03 17.02
CA LEU E 179 -25.97 -16.76 16.53
C LEU E 179 -25.84 -16.13 15.15
N THR E 180 -26.18 -16.89 14.13
CA THR E 180 -26.19 -16.39 12.76
C THR E 180 -27.55 -15.82 12.45
N LEU E 181 -27.57 -14.63 11.86
CA LEU E 181 -28.83 -13.91 11.67
C LEU E 181 -28.69 -12.99 10.46
N SER E 182 -29.72 -12.94 9.64
CA SER E 182 -29.67 -12.12 8.44
C SER E 182 -29.57 -10.64 8.81
N LYS E 183 -28.92 -9.87 7.93
CA LYS E 183 -28.73 -8.45 8.19
C LYS E 183 -30.08 -7.73 8.33
N ALA E 184 -31.04 -8.09 7.48
CA ALA E 184 -32.36 -7.47 7.56
C ALA E 184 -32.99 -7.72 8.93
N ASP E 185 -32.93 -8.97 9.40
CA ASP E 185 -33.47 -9.29 10.71
C ASP E 185 -32.62 -8.71 11.83
N TYR E 186 -31.32 -8.50 11.57
CA TYR E 186 -30.45 -7.92 12.59
C TYR E 186 -30.73 -6.44 12.78
N GLU E 187 -31.15 -5.75 11.72
CA GLU E 187 -31.40 -4.31 11.81
C GLU E 187 -32.75 -3.98 12.47
N LYS E 188 -33.64 -4.96 12.63
CA LYS E 188 -34.94 -4.72 13.23
C LYS E 188 -34.93 -4.83 14.75
N HIS E 189 -33.78 -5.10 15.36
CA HIS E 189 -33.70 -5.25 16.80
C HIS E 189 -32.49 -4.49 17.33
N LYS E 190 -32.54 -4.16 18.62
CA LYS E 190 -31.55 -3.30 19.25
C LYS E 190 -30.76 -3.99 20.35
N VAL E 191 -31.44 -4.69 21.26
CA VAL E 191 -30.78 -5.30 22.42
C VAL E 191 -30.56 -6.78 22.14
N TYR E 192 -29.30 -7.21 22.24
CA TYR E 192 -28.94 -8.61 22.04
C TYR E 192 -28.24 -9.10 23.30
N ALA E 193 -28.64 -10.28 23.79
CA ALA E 193 -28.08 -10.81 25.02
C ALA E 193 -27.93 -12.31 24.93
N CYS E 194 -26.95 -12.83 25.66
CA CYS E 194 -26.82 -14.27 25.89
C CYS E 194 -26.84 -14.50 27.40
N GLU E 195 -27.63 -15.50 27.80
CA GLU E 195 -27.82 -15.86 29.21
C GLU E 195 -27.25 -17.25 29.44
N VAL E 196 -26.36 -17.36 30.42
CA VAL E 196 -25.66 -18.58 30.76
C VAL E 196 -26.15 -19.03 32.13
N THR E 197 -26.66 -20.25 32.19
CA THR E 197 -27.19 -20.84 33.43
C THR E 197 -26.46 -22.15 33.67
N GLN E 198 -25.65 -22.21 34.72
CA GLN E 198 -24.93 -23.42 35.11
C GLN E 198 -25.63 -24.14 36.25
N GLY E 199 -25.81 -23.45 37.37
CA GLY E 199 -26.55 -23.99 38.51
C GLY E 199 -27.62 -23.01 38.95
N THR E 200 -27.55 -22.58 40.21
CA THR E 200 -28.39 -21.48 40.68
C THR E 200 -27.98 -20.15 40.07
N THR E 201 -26.81 -20.08 39.45
CA THR E 201 -26.37 -18.86 38.77
C THR E 201 -27.04 -18.71 37.41
N SER E 202 -27.27 -17.46 37.03
CA SER E 202 -27.76 -17.14 35.68
C SER E 202 -27.20 -15.76 35.31
N VAL E 203 -26.06 -15.76 34.64
CA VAL E 203 -25.41 -14.52 34.21
C VAL E 203 -25.93 -14.16 32.84
N THR E 204 -26.06 -12.87 32.56
CA THR E 204 -26.57 -12.42 31.27
C THR E 204 -25.71 -11.26 30.77
N LYS E 205 -25.14 -11.41 29.58
CA LYS E 205 -24.38 -10.34 28.96
C LYS E 205 -25.13 -9.83 27.75
N SER E 206 -25.32 -8.51 27.69
CA SER E 206 -26.13 -7.86 26.68
C SER E 206 -25.41 -6.66 26.10
N PHE E 207 -25.86 -6.23 24.93
CA PHE E 207 -25.36 -5.02 24.31
C PHE E 207 -26.45 -4.44 23.42
N ASN E 208 -26.45 -3.11 23.31
CA ASN E 208 -27.37 -2.38 22.47
C ASN E 208 -26.70 -2.09 21.13
N ARG E 209 -27.36 -2.46 20.04
CA ARG E 209 -26.79 -2.30 18.71
C ARG E 209 -26.52 -0.84 18.42
N GLY E 210 -25.26 -0.50 18.19
CA GLY E 210 -24.85 0.86 17.89
C GLY E 210 -24.06 1.54 18.99
N GLU E 211 -23.90 0.91 20.14
CA GLU E 211 -23.14 1.50 21.24
C GLU E 211 -21.66 1.18 21.11
N CYS E 212 -20.84 2.04 21.72
CA CYS E 212 -19.40 1.87 21.71
C CYS E 212 -18.89 1.34 23.05
N GLU F 1 -24.17 8.95 -37.51
CA GLU F 1 -23.68 8.94 -38.89
C GLU F 1 -22.33 9.63 -39.01
N GLU F 2 -22.24 10.86 -38.50
CA GLU F 2 -21.02 11.64 -38.58
C GLU F 2 -19.89 10.95 -37.83
N GLN F 3 -18.88 10.49 -38.56
CA GLN F 3 -17.77 9.74 -37.98
C GLN F 3 -16.48 10.14 -38.67
N LEU F 4 -15.42 10.28 -37.88
CA LEU F 4 -14.09 10.59 -38.39
C LEU F 4 -13.17 9.40 -38.17
N VAL F 5 -12.52 8.95 -39.23
CA VAL F 5 -11.63 7.80 -39.18
C VAL F 5 -10.22 8.25 -39.52
N GLU F 6 -9.23 7.71 -38.80
CA GLU F 6 -7.84 8.10 -38.97
C GLU F 6 -7.00 6.90 -39.40
N SER F 7 -5.96 7.16 -40.18
CA SER F 7 -5.07 6.12 -40.66
C SER F 7 -3.68 6.72 -40.87
N GLY F 8 -2.67 5.85 -40.78
CA GLY F 8 -1.30 6.25 -41.04
C GLY F 8 -0.36 6.15 -39.85
N GLY F 9 -0.85 5.76 -38.68
CA GLY F 9 0.01 5.69 -37.51
C GLY F 9 1.02 4.56 -37.60
N GLY F 10 2.14 4.74 -36.92
CA GLY F 10 3.19 3.72 -36.95
C GLY F 10 4.47 4.24 -36.33
N LEU F 11 5.56 3.53 -36.62
CA LEU F 11 6.88 3.83 -36.09
C LEU F 11 7.73 4.46 -37.18
N VAL F 12 8.32 5.61 -36.88
CA VAL F 12 9.16 6.35 -37.82
C VAL F 12 10.45 6.72 -37.14
N GLN F 13 11.57 6.54 -37.86
CA GLN F 13 12.87 6.93 -37.35
C GLN F 13 12.94 8.45 -37.23
N PRO F 14 13.74 8.97 -36.28
CA PRO F 14 13.90 10.42 -36.17
C PRO F 14 14.42 11.01 -37.48
N GLY F 15 13.85 12.16 -37.85
CA GLY F 15 14.15 12.79 -39.11
C GLY F 15 13.38 12.25 -40.30
N GLY F 16 12.52 11.26 -40.10
CA GLY F 16 11.76 10.68 -41.18
C GLY F 16 10.49 11.45 -41.49
N SER F 17 9.64 10.82 -42.30
CA SER F 17 8.39 11.43 -42.74
C SER F 17 7.24 10.45 -42.54
N LEU F 18 6.03 11.01 -42.40
CA LEU F 18 4.85 10.19 -42.21
C LEU F 18 3.61 11.00 -42.60
N ARG F 19 2.68 10.36 -43.30
CA ARG F 19 1.46 11.01 -43.76
C ARG F 19 0.26 10.42 -43.05
N LEU F 20 -0.52 11.26 -42.38
CA LEU F 20 -1.74 10.87 -41.70
C LEU F 20 -2.95 11.28 -42.51
N SER F 21 -3.98 10.43 -42.52
CA SER F 21 -5.21 10.71 -43.24
C SER F 21 -6.40 10.62 -42.29
N CYS F 22 -7.34 11.55 -42.45
CA CYS F 22 -8.56 11.58 -41.66
C CYS F 22 -9.75 11.71 -42.61
N THR F 23 -10.55 10.66 -42.72
CA THR F 23 -11.69 10.62 -43.61
C THR F 23 -12.97 10.87 -42.83
N ALA F 24 -13.83 11.73 -43.37
CA ALA F 24 -15.13 12.04 -42.78
C ALA F 24 -16.20 11.23 -43.50
N SER F 25 -16.89 10.36 -42.76
CA SER F 25 -17.88 9.47 -43.32
C SER F 25 -19.31 9.92 -43.07
N GLY F 26 -19.51 11.07 -42.45
CA GLY F 26 -20.85 11.52 -42.14
C GLY F 26 -21.28 12.82 -42.81
N PHE F 27 -20.33 13.72 -43.04
CA PHE F 27 -20.67 15.03 -43.58
C PHE F 27 -19.78 15.41 -44.77
N THR F 28 -19.91 16.64 -45.24
CA THR F 28 -19.26 17.06 -46.48
C THR F 28 -17.77 17.35 -46.31
N LEU F 29 -17.34 17.70 -45.10
CA LEU F 29 -15.95 18.04 -44.79
C LEU F 29 -15.54 19.36 -45.45
N SER F 30 -16.44 19.92 -46.26
CA SER F 30 -16.18 21.18 -46.94
C SER F 30 -16.56 22.36 -46.05
N THR F 31 -17.82 22.42 -45.64
CA THR F 31 -18.37 23.51 -44.83
C THR F 31 -17.83 23.54 -43.40
N TYR F 32 -16.85 22.73 -43.03
CA TYR F 32 -16.30 22.71 -41.67
C TYR F 32 -14.80 22.99 -41.70
N PHE F 33 -14.35 23.83 -40.78
CA PHE F 33 -12.92 23.98 -40.55
C PHE F 33 -12.39 22.75 -39.81
N MET F 34 -11.15 22.36 -40.13
CA MET F 34 -10.58 21.16 -39.55
C MET F 34 -9.30 21.48 -38.78
N PHE F 35 -8.98 20.65 -37.80
CA PHE F 35 -7.81 20.89 -36.96
C PHE F 35 -7.11 19.57 -36.66
N TRP F 36 -5.80 19.65 -36.46
CA TRP F 36 -4.97 18.54 -36.01
C TRP F 36 -4.45 18.86 -34.62
N VAL F 37 -4.69 17.96 -33.66
CA VAL F 37 -4.30 18.13 -32.27
C VAL F 37 -3.67 16.84 -31.77
N ARG F 38 -2.51 16.94 -31.11
CA ARG F 38 -1.87 15.75 -30.57
C ARG F 38 -1.86 15.79 -29.04
N GLN F 39 -1.79 14.60 -28.46
CA GLN F 39 -1.65 14.42 -27.01
C GLN F 39 -0.41 13.56 -26.76
N PRO F 40 0.64 14.12 -26.18
CA PRO F 40 1.81 13.31 -25.82
C PRO F 40 1.50 12.41 -24.63
N PRO F 41 2.28 11.36 -24.41
CA PRO F 41 2.02 10.48 -23.26
C PRO F 41 2.17 11.24 -21.95
N GLY F 42 1.21 11.05 -21.05
CA GLY F 42 1.25 11.70 -19.76
C GLY F 42 1.24 13.21 -19.81
N LYS F 43 0.77 13.80 -20.91
CA LYS F 43 0.79 15.24 -21.10
C LYS F 43 -0.56 15.67 -21.66
N GLY F 44 -0.91 16.93 -21.42
CA GLY F 44 -2.18 17.46 -21.82
C GLY F 44 -2.27 17.68 -23.33
N LEU F 45 -3.43 18.18 -23.75
CA LEU F 45 -3.69 18.42 -25.16
C LEU F 45 -2.79 19.53 -25.70
N GLU F 46 -2.59 19.52 -27.01
CA GLU F 46 -1.74 20.51 -27.66
C GLU F 46 -2.21 20.65 -29.11
N TRP F 47 -2.90 21.75 -29.39
CA TRP F 47 -3.35 22.02 -30.75
C TRP F 47 -2.14 22.24 -31.66
N VAL F 48 -2.19 21.65 -32.85
CA VAL F 48 -1.07 21.64 -33.78
C VAL F 48 -1.34 22.50 -35.01
N SER F 49 -2.44 22.23 -35.70
CA SER F 49 -2.64 22.90 -36.99
C SER F 49 -4.12 23.01 -37.32
N GLY F 50 -4.41 23.82 -38.33
CA GLY F 50 -5.77 24.04 -38.76
C GLY F 50 -5.84 24.40 -40.23
N ILE F 51 -6.92 23.97 -40.88
CA ILE F 51 -7.18 24.22 -42.28
C ILE F 51 -8.63 24.67 -42.46
N ASN F 52 -8.84 25.53 -43.44
CA ASN F 52 -10.12 26.19 -43.68
C ASN F 52 -10.98 25.41 -44.66
N LEU F 53 -12.04 26.07 -45.17
CA LEU F 53 -12.95 25.47 -46.12
C LEU F 53 -12.23 24.98 -47.38
N GLY F 54 -11.66 25.92 -48.13
CA GLY F 54 -11.03 25.60 -49.40
C GLY F 54 -9.58 25.21 -49.34
N GLY F 55 -8.99 25.12 -48.15
CA GLY F 55 -7.59 24.79 -48.03
C GLY F 55 -6.64 25.84 -48.54
N ASP F 56 -7.11 27.08 -48.72
CA ASP F 56 -6.26 28.15 -49.23
C ASP F 56 -5.36 28.73 -48.14
N LYS F 57 -5.77 28.65 -46.88
CA LYS F 57 -5.02 29.20 -45.77
C LYS F 57 -4.88 28.14 -44.68
N THR F 58 -3.71 28.10 -44.05
CA THR F 58 -3.42 27.10 -43.03
C THR F 58 -2.75 27.78 -41.83
N TRP F 59 -2.88 27.13 -40.68
CA TRP F 59 -2.20 27.57 -39.46
C TRP F 59 -1.46 26.40 -38.83
N SER F 60 -0.29 26.69 -38.28
CA SER F 60 0.49 25.71 -37.53
C SER F 60 1.27 26.44 -36.45
N THR F 61 1.41 25.82 -35.29
CA THR F 61 2.09 26.45 -34.18
C THR F 61 3.59 26.58 -34.46
N ASP F 62 4.23 27.46 -33.70
CA ASP F 62 5.65 27.77 -33.94
C ASP F 62 6.55 26.57 -33.69
N SER F 63 6.14 25.67 -32.79
CA SER F 63 7.00 24.53 -32.46
C SER F 63 7.10 23.55 -33.62
N VAL F 64 6.05 23.40 -34.41
CA VAL F 64 6.03 22.49 -35.55
C VAL F 64 5.94 23.21 -36.88
N LYS F 65 6.06 24.54 -36.87
CA LYS F 65 6.02 25.30 -38.11
C LYS F 65 7.18 24.92 -39.02
N GLY F 66 6.87 24.71 -40.30
CA GLY F 66 7.85 24.34 -41.30
C GLY F 66 8.02 22.84 -41.49
N ARG F 67 7.86 22.06 -40.42
CA ARG F 67 8.01 20.62 -40.50
C ARG F 67 6.71 19.92 -40.89
N PHE F 68 5.57 20.41 -40.40
CA PHE F 68 4.28 19.80 -40.66
C PHE F 68 3.51 20.63 -41.68
N THR F 69 2.92 19.96 -42.65
CA THR F 69 2.05 20.60 -43.65
C THR F 69 0.69 19.94 -43.61
N THR F 70 -0.36 20.74 -43.83
CA THR F 70 -1.73 20.25 -43.79
C THR F 70 -2.41 20.53 -45.13
N SER F 71 -3.07 19.51 -45.68
CA SER F 71 -3.78 19.63 -46.94
C SER F 71 -5.13 18.95 -46.80
N LYS F 72 -5.98 19.12 -47.81
CA LYS F 72 -7.27 18.47 -47.80
C LYS F 72 -7.71 18.15 -49.22
N GLU F 73 -8.56 17.12 -49.33
CA GLU F 73 -9.14 16.71 -50.60
C GLU F 73 -10.62 16.48 -50.33
N ASN F 74 -11.45 17.45 -50.73
CA ASN F 74 -12.89 17.36 -50.51
C ASN F 74 -13.54 16.34 -51.42
N ALA F 75 -12.95 16.07 -52.59
CA ALA F 75 -13.48 15.02 -53.46
C ALA F 75 -13.40 13.66 -52.79
N LYS F 76 -12.30 13.39 -52.10
CA LYS F 76 -12.15 12.16 -51.33
C LYS F 76 -12.57 12.32 -49.88
N ASN F 77 -12.95 13.52 -49.46
CA ASN F 77 -13.36 13.79 -48.08
C ASN F 77 -12.28 13.39 -47.08
N THR F 78 -11.04 13.78 -47.36
CA THR F 78 -9.91 13.36 -46.54
C THR F 78 -9.01 14.54 -46.23
N LEU F 79 -8.66 14.69 -44.95
CA LEU F 79 -7.71 15.69 -44.49
C LEU F 79 -6.36 15.02 -44.25
N TYR F 80 -5.31 15.57 -44.86
CA TYR F 80 -3.99 14.97 -44.85
C TYR F 80 -3.03 15.82 -44.05
N LEU F 81 -2.17 15.14 -43.28
CA LEU F 81 -1.12 15.78 -42.50
C LEU F 81 0.22 15.14 -42.85
N GLN F 82 1.08 15.91 -43.52
CA GLN F 82 2.41 15.44 -43.88
C GLN F 82 3.39 15.92 -42.81
N MET F 83 4.04 14.99 -42.13
CA MET F 83 4.99 15.28 -41.07
C MET F 83 6.39 14.97 -41.57
N ASP F 84 7.30 15.92 -41.42
CA ASP F 84 8.67 15.79 -41.92
C ASP F 84 9.65 16.14 -40.81
N SER F 85 10.79 15.46 -40.82
CA SER F 85 11.85 15.68 -39.83
C SER F 85 11.33 15.52 -38.41
N LEU F 86 10.86 14.30 -38.12
CA LEU F 86 10.25 14.01 -36.83
C LEU F 86 11.30 14.00 -35.72
N ARG F 87 10.85 14.29 -34.51
CA ARG F 87 11.65 14.35 -33.31
C ARG F 87 10.96 13.54 -32.22
N PRO F 88 11.70 13.12 -31.18
CA PRO F 88 11.07 12.34 -30.11
C PRO F 88 9.94 13.07 -29.40
N GLU F 89 9.90 14.40 -29.48
CA GLU F 89 8.80 15.15 -28.87
C GLU F 89 7.49 14.99 -29.63
N ASP F 90 7.55 14.54 -30.89
CA ASP F 90 6.34 14.35 -31.69
C ASP F 90 5.64 13.03 -31.42
N THR F 91 6.22 12.16 -30.60
CA THR F 91 5.58 10.91 -30.22
C THR F 91 4.31 11.20 -29.44
N ALA F 92 3.16 10.99 -30.05
CA ALA F 92 1.89 11.39 -29.43
C ALA F 92 0.75 10.71 -30.17
N VAL F 93 -0.44 10.81 -29.58
CA VAL F 93 -1.67 10.37 -30.25
C VAL F 93 -2.25 11.57 -30.98
N TYR F 94 -2.40 11.44 -32.30
CA TYR F 94 -2.90 12.51 -33.15
C TYR F 94 -4.39 12.34 -33.39
N TYR F 95 -5.10 13.48 -33.40
CA TYR F 95 -6.54 13.55 -33.57
C TYR F 95 -6.87 14.59 -34.63
N CYS F 96 -7.88 14.30 -35.43
CA CYS F 96 -8.48 15.26 -36.36
C CYS F 96 -9.81 15.70 -35.79
N ALA F 97 -10.02 17.01 -35.69
CA ALA F 97 -11.17 17.58 -35.02
C ALA F 97 -11.94 18.49 -35.96
N ARG F 98 -13.27 18.35 -35.94
CA ARG F 98 -14.19 19.22 -36.64
C ARG F 98 -14.49 20.46 -35.78
N LEU F 99 -15.05 21.48 -36.43
CA LEU F 99 -15.37 22.73 -35.74
C LEU F 99 -16.65 23.29 -36.34
N ARG F 100 -17.75 23.16 -35.58
CA ARG F 100 -19.00 23.83 -35.94
C ARG F 100 -18.85 25.33 -35.72
N SER F 101 -19.63 26.10 -36.47
CA SER F 101 -19.50 27.56 -36.45
C SER F 101 -19.71 28.12 -35.04
N GLN F 102 -20.82 27.75 -34.39
CA GLN F 102 -21.21 28.38 -33.14
C GLN F 102 -20.94 27.50 -31.92
N ARG F 103 -20.57 26.23 -32.12
CA ARG F 103 -20.53 25.24 -31.05
C ARG F 103 -19.15 25.17 -30.42
N GLY F 104 -18.14 24.83 -31.23
CA GLY F 104 -16.82 24.46 -30.77
C GLY F 104 -16.32 23.23 -31.50
N PHE F 105 -15.54 22.40 -30.82
CA PHE F 105 -15.05 21.14 -31.40
C PHE F 105 -16.03 20.03 -31.02
N ASP F 106 -16.72 19.47 -32.01
CA ASP F 106 -17.79 18.50 -31.75
C ASP F 106 -17.31 17.07 -31.89
N HIS F 107 -16.79 16.69 -33.06
CA HIS F 107 -16.45 15.31 -33.36
C HIS F 107 -14.95 15.19 -33.58
N TRP F 108 -14.37 14.15 -32.99
CA TRP F 108 -12.96 13.83 -33.10
C TRP F 108 -12.80 12.45 -33.72
N GLY F 109 -11.57 12.11 -34.07
CA GLY F 109 -11.24 10.76 -34.49
C GLY F 109 -10.96 9.87 -33.30
N GLN F 110 -10.68 8.60 -33.60
CA GLN F 110 -10.34 7.65 -32.55
C GLN F 110 -8.90 7.78 -32.08
N GLY F 111 -8.06 8.48 -32.83
CA GLY F 111 -6.68 8.68 -32.45
C GLY F 111 -5.71 7.74 -33.12
N ALA F 112 -4.65 8.29 -33.71
CA ALA F 112 -3.59 7.50 -34.33
C ALA F 112 -2.29 7.77 -33.59
N LEU F 113 -1.68 6.72 -33.05
CA LEU F 113 -0.45 6.89 -32.28
C LEU F 113 0.75 6.94 -33.22
N VAL F 114 1.58 7.97 -33.05
CA VAL F 114 2.80 8.14 -33.82
C VAL F 114 3.97 8.10 -32.86
N THR F 115 4.89 7.17 -33.08
CA THR F 115 6.07 6.99 -32.24
C THR F 115 7.30 7.29 -33.06
N VAL F 116 8.19 8.11 -32.52
CA VAL F 116 9.43 8.50 -33.18
C VAL F 116 10.59 7.93 -32.35
N SER F 117 11.23 6.89 -32.85
CA SER F 117 12.32 6.26 -32.14
C SER F 117 13.22 5.54 -33.13
N SER F 118 14.46 5.29 -32.70
CA SER F 118 15.43 4.56 -33.51
C SER F 118 15.41 3.06 -33.24
N ALA F 119 14.53 2.59 -32.36
CA ALA F 119 14.44 1.17 -32.07
C ALA F 119 13.70 0.43 -33.18
N SER F 120 13.69 -0.89 -33.09
CA SER F 120 13.08 -1.75 -34.10
C SER F 120 11.83 -2.42 -33.55
N THR F 121 10.92 -2.78 -34.46
CA THR F 121 9.67 -3.40 -34.07
C THR F 121 9.90 -4.79 -33.49
N LYS F 122 9.19 -5.10 -32.41
CA LYS F 122 9.29 -6.39 -31.74
C LYS F 122 7.89 -6.93 -31.48
N GLY F 123 7.65 -8.17 -31.91
CA GLY F 123 6.36 -8.79 -31.73
C GLY F 123 6.15 -9.24 -30.29
N PRO F 124 4.89 -9.34 -29.87
CA PRO F 124 4.60 -9.77 -28.50
C PRO F 124 4.80 -11.27 -28.32
N SER F 125 4.96 -11.66 -27.05
CA SER F 125 4.99 -13.06 -26.66
C SER F 125 3.86 -13.30 -25.68
N VAL F 126 2.93 -14.19 -26.03
CA VAL F 126 1.71 -14.40 -25.26
C VAL F 126 1.86 -15.70 -24.46
N PHE F 127 1.63 -15.62 -23.15
CA PHE F 127 1.71 -16.76 -22.27
C PHE F 127 0.42 -16.95 -21.51
N PRO F 128 0.00 -18.18 -21.23
CA PRO F 128 -1.25 -18.40 -20.50
C PRO F 128 -1.04 -18.28 -18.99
N LEU F 129 -2.15 -17.98 -18.31
CA LEU F 129 -2.20 -17.87 -16.85
C LEU F 129 -3.48 -18.58 -16.42
N ALA F 130 -3.38 -19.87 -16.14
CA ALA F 130 -4.55 -20.73 -15.93
C ALA F 130 -4.32 -21.72 -14.81
N PRO F 131 -4.39 -21.27 -13.56
CA PRO F 131 -4.37 -22.22 -12.43
C PRO F 131 -5.67 -23.01 -12.38
N SER F 132 -5.56 -24.24 -11.88
CA SER F 132 -6.74 -25.09 -11.79
C SER F 132 -6.88 -25.71 -10.40
N SER F 133 -5.76 -25.98 -9.73
CA SER F 133 -5.81 -26.63 -8.42
C SER F 133 -6.12 -25.61 -7.31
N LYS F 134 -5.28 -24.60 -7.19
CA LYS F 134 -5.55 -23.50 -6.25
C LYS F 134 -6.73 -22.66 -6.70
N SER F 135 -7.21 -22.84 -7.92
CA SER F 135 -8.30 -22.04 -8.47
C SER F 135 -9.67 -22.67 -8.29
N THR F 136 -9.75 -24.00 -8.18
CA THR F 136 -10.98 -24.60 -7.69
C THR F 136 -11.28 -24.19 -6.26
N SER F 137 -10.33 -23.53 -5.59
CA SER F 137 -10.52 -23.01 -4.24
C SER F 137 -11.28 -21.69 -4.28
N GLY F 138 -12.48 -21.74 -4.86
CA GLY F 138 -13.32 -20.57 -4.96
C GLY F 138 -14.33 -20.65 -6.08
N GLY F 139 -15.43 -19.93 -5.93
CA GLY F 139 -16.47 -19.89 -6.95
C GLY F 139 -15.99 -19.25 -8.23
N THR F 140 -15.56 -17.99 -8.15
CA THR F 140 -15.00 -17.31 -9.30
C THR F 140 -13.52 -17.60 -9.41
N ALA F 141 -13.07 -17.91 -10.62
CA ALA F 141 -11.67 -18.16 -10.93
C ALA F 141 -11.18 -17.14 -11.94
N ALA F 142 -9.86 -17.04 -12.08
CA ALA F 142 -9.25 -16.04 -12.93
C ALA F 142 -8.46 -16.70 -14.05
N LEU F 143 -8.69 -16.27 -15.28
CA LEU F 143 -7.99 -16.74 -16.47
C LEU F 143 -7.32 -15.56 -17.13
N GLY F 144 -6.04 -15.69 -17.48
CA GLY F 144 -5.30 -14.53 -17.96
C GLY F 144 -4.34 -14.87 -19.09
N CYS F 145 -3.89 -13.81 -19.75
CA CYS F 145 -2.85 -13.88 -20.76
C CYS F 145 -1.82 -12.79 -20.49
N LEU F 146 -0.55 -13.16 -20.52
CA LEU F 146 0.55 -12.25 -20.28
C LEU F 146 1.20 -11.92 -21.62
N VAL F 147 1.24 -10.64 -21.97
CA VAL F 147 1.82 -10.17 -23.22
C VAL F 147 3.16 -9.53 -22.87
N LYS F 148 4.25 -10.20 -23.23
CA LYS F 148 5.59 -9.83 -22.79
C LYS F 148 6.44 -9.41 -23.98
N ASP F 149 7.28 -8.39 -23.76
CA ASP F 149 8.40 -8.04 -24.64
C ASP F 149 7.92 -7.72 -26.05
N TYR F 150 7.16 -6.62 -26.15
CA TYR F 150 6.71 -6.11 -27.44
C TYR F 150 7.05 -4.63 -27.55
N PHE F 151 7.15 -4.16 -28.79
CA PHE F 151 7.42 -2.76 -29.09
C PHE F 151 7.11 -2.51 -30.56
N PRO F 152 6.47 -1.38 -30.92
CA PRO F 152 5.98 -0.37 -29.97
C PRO F 152 4.55 -0.63 -29.54
N GLU F 153 3.90 0.39 -29.00
CA GLU F 153 2.49 0.36 -28.65
C GLU F 153 1.66 0.86 -29.82
N PRO F 154 0.35 0.54 -29.86
CA PRO F 154 -0.46 -0.20 -28.89
C PRO F 154 -0.60 -1.70 -29.19
N VAL F 155 -1.00 -2.45 -28.17
CA VAL F 155 -1.39 -3.85 -28.31
C VAL F 155 -2.77 -4.00 -27.71
N THR F 156 -3.69 -4.56 -28.48
CA THR F 156 -5.07 -4.75 -28.02
C THR F 156 -5.31 -6.21 -27.72
N VAL F 157 -6.17 -6.47 -26.73
CA VAL F 157 -6.50 -7.83 -26.32
C VAL F 157 -8.01 -7.96 -26.23
N SER F 158 -8.55 -9.01 -26.84
CA SER F 158 -9.94 -9.39 -26.69
C SER F 158 -10.03 -10.83 -26.22
N TRP F 159 -11.24 -11.27 -25.90
CA TRP F 159 -11.46 -12.64 -25.43
C TRP F 159 -12.57 -13.28 -26.25
N ASN F 160 -12.30 -14.48 -26.76
CA ASN F 160 -13.25 -15.24 -27.58
C ASN F 160 -13.74 -14.41 -28.76
N SER F 161 -12.80 -13.73 -29.43
CA SER F 161 -13.09 -12.88 -30.58
C SER F 161 -14.10 -11.79 -30.23
N GLY F 162 -14.07 -11.33 -28.97
CA GLY F 162 -15.01 -10.33 -28.50
C GLY F 162 -16.27 -10.87 -27.89
N ALA F 163 -16.49 -12.19 -27.93
CA ALA F 163 -17.70 -12.75 -27.35
C ALA F 163 -17.73 -12.60 -25.83
N LEU F 164 -16.56 -12.63 -25.19
CA LEU F 164 -16.47 -12.46 -23.74
C LEU F 164 -15.99 -11.05 -23.45
N THR F 165 -16.82 -10.27 -22.75
CA THR F 165 -16.49 -8.90 -22.41
C THR F 165 -16.79 -8.53 -20.96
N SER F 166 -17.45 -9.40 -20.20
CA SER F 166 -17.84 -9.09 -18.83
C SER F 166 -16.74 -9.55 -17.87
N GLY F 167 -16.18 -8.60 -17.13
CA GLY F 167 -15.14 -8.91 -16.16
C GLY F 167 -13.73 -8.88 -16.69
N VAL F 168 -13.50 -8.40 -17.91
CA VAL F 168 -12.15 -8.32 -18.46
C VAL F 168 -11.45 -7.10 -17.90
N HIS F 169 -10.18 -7.29 -17.52
CA HIS F 169 -9.31 -6.21 -17.06
C HIS F 169 -8.01 -6.33 -17.86
N THR F 170 -7.80 -5.41 -18.80
CA THR F 170 -6.57 -5.34 -19.57
C THR F 170 -5.71 -4.24 -18.96
N PHE F 171 -4.67 -4.64 -18.24
CA PHE F 171 -3.84 -3.68 -17.52
C PHE F 171 -3.06 -2.81 -18.50
N PRO F 172 -2.72 -1.59 -18.10
CA PRO F 172 -1.88 -0.74 -18.95
C PRO F 172 -0.49 -1.33 -19.10
N ALA F 173 0.19 -0.89 -20.16
CA ALA F 173 1.52 -1.38 -20.47
C ALA F 173 2.57 -0.68 -19.63
N VAL F 174 3.52 -1.46 -19.11
CA VAL F 174 4.67 -0.94 -18.38
C VAL F 174 5.88 -0.98 -19.30
N LEU F 175 6.65 0.11 -19.32
CA LEU F 175 7.76 0.22 -20.25
C LEU F 175 8.84 -0.81 -19.99
N GLN F 176 9.02 -1.21 -18.72
CA GLN F 176 10.02 -2.19 -18.30
C GLN F 176 11.45 -1.67 -18.50
N SER F 177 12.41 -2.26 -17.78
CA SER F 177 13.78 -1.79 -17.85
C SER F 177 14.46 -2.13 -19.17
N SER F 178 13.91 -3.09 -19.93
CA SER F 178 14.51 -3.49 -21.19
C SER F 178 14.08 -2.61 -22.37
N GLY F 179 13.19 -1.65 -22.14
CA GLY F 179 12.68 -0.82 -23.20
C GLY F 179 11.56 -1.44 -24.01
N LEU F 180 11.10 -2.62 -23.65
CA LEU F 180 10.02 -3.31 -24.35
C LEU F 180 8.80 -3.34 -23.45
N TYR F 181 7.65 -2.96 -24.01
CA TYR F 181 6.43 -2.88 -23.22
C TYR F 181 5.93 -4.28 -22.87
N SER F 182 5.10 -4.34 -21.83
CA SER F 182 4.50 -5.60 -21.40
C SER F 182 3.24 -5.30 -20.61
N LEU F 183 2.28 -6.23 -20.68
CA LEU F 183 1.01 -6.07 -19.99
C LEU F 183 0.40 -7.43 -19.72
N SER F 184 -0.78 -7.43 -19.13
CA SER F 184 -1.53 -8.65 -18.88
C SER F 184 -3.02 -8.34 -18.99
N SER F 185 -3.78 -9.33 -19.46
CA SER F 185 -5.23 -9.20 -19.58
C SER F 185 -5.87 -10.40 -18.89
N VAL F 186 -6.68 -10.14 -17.87
CA VAL F 186 -7.23 -11.19 -17.02
C VAL F 186 -8.74 -11.02 -16.93
N VAL F 187 -9.46 -12.14 -16.91
CA VAL F 187 -10.91 -12.14 -16.77
C VAL F 187 -11.29 -13.11 -15.65
N THR F 188 -12.47 -12.88 -15.10
CA THR F 188 -13.04 -13.73 -14.05
C THR F 188 -14.18 -14.54 -14.64
N VAL F 189 -14.19 -15.85 -14.35
CA VAL F 189 -15.22 -16.75 -14.86
C VAL F 189 -15.63 -17.72 -13.78
N PRO F 190 -16.85 -18.24 -13.87
CA PRO F 190 -17.25 -19.31 -12.92
C PRO F 190 -16.34 -20.52 -13.07
N SER F 191 -16.01 -21.13 -11.92
CA SER F 191 -15.13 -22.28 -11.92
C SER F 191 -15.76 -23.47 -12.65
N SER F 192 -17.07 -23.65 -12.48
CA SER F 192 -17.77 -24.73 -13.17
C SER F 192 -17.67 -24.61 -14.68
N SER F 193 -17.41 -23.42 -15.20
CA SER F 193 -17.25 -23.21 -16.64
C SER F 193 -15.86 -23.52 -17.13
N LEU F 194 -14.92 -23.87 -16.24
CA LEU F 194 -13.56 -24.14 -16.66
C LEU F 194 -13.44 -25.42 -17.50
N GLY F 195 -14.45 -26.29 -17.47
CA GLY F 195 -14.39 -27.52 -18.23
C GLY F 195 -15.34 -27.56 -19.41
N THR F 196 -16.25 -26.60 -19.49
CA THR F 196 -17.25 -26.56 -20.57
C THR F 196 -16.87 -25.58 -21.67
N GLN F 197 -16.69 -24.31 -21.32
CA GLN F 197 -16.31 -23.29 -22.29
C GLN F 197 -14.80 -23.16 -22.39
N THR F 198 -14.34 -22.87 -23.59
CA THR F 198 -12.92 -22.66 -23.87
C THR F 198 -12.68 -21.17 -24.09
N TYR F 199 -11.75 -20.61 -23.33
CA TYR F 199 -11.42 -19.19 -23.42
C TYR F 199 -10.12 -19.00 -24.19
N ILE F 200 -10.15 -18.14 -25.20
CA ILE F 200 -8.99 -17.79 -26.01
C ILE F 200 -8.79 -16.28 -25.91
N CYS F 201 -7.55 -15.86 -25.67
CA CYS F 201 -7.21 -14.45 -25.71
C CYS F 201 -6.63 -14.13 -27.09
N ASN F 202 -7.16 -13.09 -27.71
CA ASN F 202 -6.74 -12.64 -29.03
C ASN F 202 -5.93 -11.36 -28.83
N VAL F 203 -4.63 -11.46 -29.01
CA VAL F 203 -3.70 -10.34 -28.84
C VAL F 203 -3.30 -9.86 -30.22
N ASN F 204 -3.55 -8.59 -30.49
CA ASN F 204 -3.24 -7.97 -31.77
C ASN F 204 -2.21 -6.88 -31.57
N HIS F 205 -1.13 -6.94 -32.35
CA HIS F 205 -0.08 -5.94 -32.38
C HIS F 205 0.02 -5.47 -33.83
N LYS F 206 -0.71 -4.41 -34.15
CA LYS F 206 -0.68 -3.88 -35.51
C LYS F 206 0.69 -3.38 -35.95
N PRO F 207 1.48 -2.68 -35.11
CA PRO F 207 2.82 -2.26 -35.58
C PRO F 207 3.68 -3.42 -36.07
N SER F 208 3.59 -4.58 -35.45
CA SER F 208 4.31 -5.77 -35.90
C SER F 208 3.49 -6.65 -36.83
N ASN F 209 2.24 -6.25 -37.11
CA ASN F 209 1.33 -7.04 -37.96
C ASN F 209 1.18 -8.46 -37.44
N THR F 210 1.09 -8.60 -36.12
CA THR F 210 1.03 -9.90 -35.47
C THR F 210 -0.32 -10.08 -34.77
N LYS F 211 -0.85 -11.29 -34.85
CA LYS F 211 -2.07 -11.66 -34.14
C LYS F 211 -1.89 -13.04 -33.56
N VAL F 212 -1.91 -13.13 -32.23
CA VAL F 212 -1.72 -14.39 -31.51
C VAL F 212 -3.02 -14.74 -30.80
N ASP F 213 -3.56 -15.91 -31.09
CA ASP F 213 -4.75 -16.43 -30.44
C ASP F 213 -4.31 -17.56 -29.51
N LYS F 214 -4.23 -17.26 -28.22
CA LYS F 214 -3.75 -18.20 -27.22
C LYS F 214 -4.93 -18.82 -26.48
N ARG F 215 -5.02 -20.15 -26.52
CA ARG F 215 -6.03 -20.87 -25.76
C ARG F 215 -5.50 -21.09 -24.35
N VAL F 216 -6.06 -20.38 -23.38
CA VAL F 216 -5.61 -20.43 -21.99
C VAL F 216 -6.49 -21.46 -21.28
N GLU F 217 -6.01 -22.69 -21.20
CA GLU F 217 -6.71 -23.82 -20.61
C GLU F 217 -6.07 -24.22 -19.29
N PRO F 218 -6.81 -24.85 -18.39
CA PRO F 218 -6.28 -25.18 -17.06
C PRO F 218 -5.03 -26.06 -17.14
N LYS F 219 -4.36 -26.14 -16.00
CA LYS F 219 -3.07 -26.83 -15.89
C LYS F 219 -3.27 -28.29 -15.53
N SER F 220 -2.69 -29.19 -16.33
CA SER F 220 -2.73 -30.64 -16.14
C SER F 220 -4.07 -31.17 -15.64
N ASP G 1 -3.66 37.81 -25.91
CA ASP G 1 -4.03 36.42 -25.65
C ASP G 1 -4.79 36.28 -24.34
N ILE G 2 -5.55 35.19 -24.21
CA ILE G 2 -6.39 34.95 -23.05
C ILE G 2 -5.88 33.70 -22.32
N GLN G 3 -5.95 33.73 -21.00
CA GLN G 3 -5.52 32.62 -20.17
C GLN G 3 -6.71 32.10 -19.36
N MET G 4 -6.94 30.79 -19.46
CA MET G 4 -8.03 30.14 -18.74
C MET G 4 -7.45 29.37 -17.55
N THR G 5 -7.94 29.67 -16.35
CA THR G 5 -7.50 29.00 -15.14
C THR G 5 -8.68 28.29 -14.50
N GLN G 6 -8.56 26.97 -14.34
CA GLN G 6 -9.63 26.19 -13.74
C GLN G 6 -9.38 25.95 -12.25
N SER G 7 -10.45 25.61 -11.54
CA SER G 7 -10.37 25.28 -10.12
C SER G 7 -11.55 24.42 -9.74
N PRO G 8 -11.33 23.35 -8.95
CA PRO G 8 -10.00 22.93 -8.50
C PRO G 8 -9.30 22.06 -9.55
N SER G 9 -7.98 21.86 -9.38
CA SER G 9 -7.24 21.01 -10.31
C SER G 9 -7.65 19.55 -10.20
N SER G 10 -8.22 19.14 -9.08
CA SER G 10 -8.70 17.77 -8.91
C SER G 10 -9.81 17.77 -7.87
N LEU G 11 -10.61 16.71 -7.87
CA LEU G 11 -11.77 16.63 -6.98
C LEU G 11 -12.09 15.18 -6.68
N SER G 12 -12.60 14.94 -5.48
CA SER G 12 -13.05 13.61 -5.05
C SER G 12 -14.42 13.76 -4.40
N ALA G 13 -15.43 13.12 -5.01
CA ALA G 13 -16.79 13.18 -4.50
C ALA G 13 -17.42 11.81 -4.62
N SER G 14 -18.42 11.56 -3.78
CA SER G 14 -19.14 10.29 -3.78
C SER G 14 -20.25 10.29 -4.82
N VAL G 15 -20.86 9.12 -5.01
CA VAL G 15 -21.91 8.97 -6.02
C VAL G 15 -23.13 9.78 -5.60
N GLY G 16 -23.68 10.54 -6.55
CA GLY G 16 -24.87 11.33 -6.30
C GLY G 16 -24.60 12.75 -5.85
N ASP G 17 -23.37 13.07 -5.45
CA ASP G 17 -23.05 14.42 -5.02
C ASP G 17 -22.99 15.37 -6.21
N ARG G 18 -23.40 16.61 -5.97
CA ARG G 18 -23.29 17.65 -6.97
C ARG G 18 -21.89 18.27 -6.92
N VAL G 19 -21.31 18.50 -8.10
CA VAL G 19 -19.96 19.03 -8.18
C VAL G 19 -19.95 20.26 -9.09
N THR G 20 -19.00 21.16 -8.82
CA THR G 20 -18.93 22.44 -9.51
C THR G 20 -17.48 22.75 -9.87
N PHE G 21 -17.26 23.11 -11.14
CA PHE G 21 -15.94 23.45 -11.65
C PHE G 21 -15.98 24.90 -12.12
N THR G 22 -15.02 25.70 -11.67
CA THR G 22 -14.96 27.12 -12.02
C THR G 22 -13.82 27.36 -12.99
N CYS G 23 -14.08 28.20 -13.99
CA CYS G 23 -13.12 28.54 -15.04
C CYS G 23 -13.04 30.07 -15.13
N ARG G 24 -11.90 30.63 -14.76
CA ARG G 24 -11.68 32.06 -14.75
C ARG G 24 -10.90 32.49 -15.98
N ALA G 25 -11.29 33.63 -16.54
CA ALA G 25 -10.69 34.17 -17.75
C ALA G 25 -9.88 35.42 -17.42
N SER G 26 -8.73 35.56 -18.09
CA SER G 26 -7.88 36.73 -17.88
C SER G 26 -8.52 38.01 -18.40
N GLN G 27 -9.48 37.92 -19.32
CA GLN G 27 -10.16 39.09 -19.83
C GLN G 27 -11.55 38.66 -20.31
N GLY G 28 -12.31 39.62 -20.84
CA GLY G 28 -13.65 39.34 -21.30
C GLY G 28 -13.64 38.49 -22.55
N VAL G 29 -14.44 37.43 -22.55
CA VAL G 29 -14.62 36.56 -23.71
C VAL G 29 -16.08 36.46 -24.12
N ASN G 30 -16.95 37.29 -23.55
CA ASN G 30 -18.41 37.27 -23.78
C ASN G 30 -18.90 35.89 -23.35
N ASN G 31 -19.66 35.18 -24.19
CA ASN G 31 -20.15 33.84 -23.86
C ASN G 31 -19.49 32.77 -24.73
N TRP G 32 -18.38 33.10 -25.38
CA TRP G 32 -17.67 32.16 -26.24
C TRP G 32 -16.77 31.28 -25.38
N LEU G 33 -17.38 30.26 -24.78
CA LEU G 33 -16.66 29.32 -23.94
C LEU G 33 -17.35 27.97 -24.02
N ALA G 34 -16.55 26.90 -24.01
CA ALA G 34 -17.06 25.54 -24.10
C ALA G 34 -16.44 24.68 -23.02
N TRP G 35 -17.15 23.63 -22.66
CA TRP G 35 -16.71 22.63 -21.69
C TRP G 35 -16.63 21.28 -22.37
N TYR G 36 -15.47 20.63 -22.27
CA TYR G 36 -15.23 19.33 -22.87
C TYR G 36 -14.89 18.31 -21.78
N GLN G 37 -15.28 17.06 -22.03
CA GLN G 37 -14.96 15.94 -21.17
C GLN G 37 -14.09 14.95 -21.93
N GLN G 38 -13.01 14.49 -21.29
CA GLN G 38 -12.09 13.56 -21.92
C GLN G 38 -11.76 12.45 -20.94
N LYS G 39 -12.03 11.20 -21.33
CA LYS G 39 -11.61 10.04 -20.58
C LYS G 39 -10.15 9.72 -20.89
N PRO G 40 -9.46 9.03 -19.98
CA PRO G 40 -8.05 8.66 -20.25
C PRO G 40 -7.93 7.80 -21.48
N GLY G 41 -7.20 8.30 -22.48
CA GLY G 41 -6.96 7.56 -23.70
C GLY G 41 -7.87 7.94 -24.85
N LYS G 42 -9.15 8.17 -24.54
CA LYS G 42 -10.12 8.48 -25.58
C LYS G 42 -10.09 9.98 -25.92
N ALA G 43 -10.82 10.33 -26.98
CA ALA G 43 -10.88 11.70 -27.46
C ALA G 43 -11.83 12.55 -26.60
N PRO G 44 -11.60 13.86 -26.53
CA PRO G 44 -12.51 14.72 -25.77
C PRO G 44 -13.89 14.77 -26.40
N LYS G 45 -14.90 14.87 -25.53
CA LYS G 45 -16.30 14.96 -25.95
C LYS G 45 -16.84 16.32 -25.58
N LEU G 46 -17.48 16.99 -26.55
CA LEU G 46 -18.10 18.27 -26.28
C LEU G 46 -19.26 18.11 -25.30
N LEU G 47 -19.24 18.91 -24.24
CA LEU G 47 -20.28 18.88 -23.22
C LEU G 47 -21.15 20.13 -23.24
N ILE G 48 -20.54 21.31 -23.16
CA ILE G 48 -21.27 22.56 -23.07
C ILE G 48 -20.73 23.52 -24.13
N TYR G 49 -21.64 24.15 -24.87
CA TYR G 49 -21.31 25.15 -25.87
C TYR G 49 -21.99 26.46 -25.51
N ARG G 50 -21.36 27.57 -25.89
CA ARG G 50 -21.82 28.92 -25.57
C ARG G 50 -22.00 29.13 -24.08
N ALA G 51 -21.30 28.32 -23.27
CA ALA G 51 -21.17 28.48 -21.83
C ALA G 51 -22.44 28.13 -21.05
N SER G 52 -23.55 27.86 -21.75
CA SER G 52 -24.78 27.55 -21.05
C SER G 52 -25.56 26.39 -21.65
N ASN G 53 -25.22 25.93 -22.85
CA ASN G 53 -26.13 25.11 -23.63
C ASN G 53 -25.60 23.69 -23.74
N LEU G 54 -26.51 22.76 -24.02
CA LEU G 54 -26.23 21.34 -23.98
C LEU G 54 -26.12 20.77 -25.38
N GLU G 55 -25.07 19.99 -25.62
CA GLU G 55 -24.92 19.26 -26.89
C GLU G 55 -25.81 18.03 -26.90
N THR G 56 -26.12 17.55 -28.10
CA THR G 56 -26.95 16.37 -28.25
C THR G 56 -26.20 15.12 -27.83
N GLY G 57 -26.86 14.27 -27.05
CA GLY G 57 -26.28 13.02 -26.61
C GLY G 57 -25.86 13.02 -25.17
N VAL G 58 -25.30 14.14 -24.69
CA VAL G 58 -24.81 14.24 -23.33
C VAL G 58 -26.01 14.22 -22.37
N PRO G 59 -25.86 13.70 -21.16
CA PRO G 59 -27.01 13.60 -20.26
C PRO G 59 -27.41 14.97 -19.71
N SER G 60 -28.62 15.01 -19.14
CA SER G 60 -29.22 16.25 -18.68
C SER G 60 -28.66 16.75 -17.35
N ARG G 61 -27.82 15.96 -16.68
CA ARG G 61 -27.27 16.38 -15.40
C ARG G 61 -26.17 17.43 -15.54
N PHE G 62 -25.74 17.74 -16.75
CA PHE G 62 -24.71 18.75 -16.97
C PHE G 62 -25.35 20.12 -17.17
N SER G 63 -24.73 21.14 -16.58
CA SER G 63 -25.25 22.50 -16.66
C SER G 63 -24.17 23.47 -17.12
N GLY G 64 -24.47 24.78 -17.08
CA GLY G 64 -23.51 25.78 -17.47
C GLY G 64 -23.95 27.20 -17.20
N SER G 65 -23.00 28.07 -16.84
CA SER G 65 -23.29 29.47 -16.54
C SER G 65 -21.98 30.24 -16.48
N GLY G 66 -22.08 31.55 -16.70
CA GLY G 66 -20.93 32.43 -16.68
C GLY G 66 -21.19 33.73 -17.41
N SER G 67 -20.69 34.86 -16.88
CA SER G 67 -21.02 36.16 -17.47
C SER G 67 -19.95 36.63 -18.46
N GLY G 68 -18.77 36.98 -17.95
CA GLY G 68 -17.66 37.29 -18.85
C GLY G 68 -16.27 36.89 -18.37
N THR G 69 -16.16 36.47 -17.11
CA THR G 69 -14.85 36.16 -16.57
C THR G 69 -14.87 34.86 -15.77
N GLU G 70 -16.01 34.56 -15.15
CA GLU G 70 -16.15 33.38 -14.29
C GLU G 70 -17.25 32.51 -14.87
N PHE G 71 -16.87 31.33 -15.36
CA PHE G 71 -17.80 30.37 -15.92
C PHE G 71 -17.86 29.14 -15.02
N THR G 72 -19.01 28.49 -14.98
CA THR G 72 -19.24 27.41 -14.02
C THR G 72 -19.87 26.22 -14.72
N LEU G 73 -19.31 25.03 -14.50
CA LEU G 73 -19.86 23.77 -14.97
C LEU G 73 -20.28 22.93 -13.76
N THR G 74 -21.56 22.59 -13.68
CA THR G 74 -22.09 21.84 -12.55
C THR G 74 -22.66 20.51 -13.01
N ILE G 75 -22.36 19.47 -12.26
CA ILE G 75 -22.98 18.16 -12.42
C ILE G 75 -23.87 17.92 -11.20
N SER G 76 -25.18 17.78 -11.46
CA SER G 76 -26.15 17.69 -10.37
C SER G 76 -26.01 16.37 -9.61
N SER G 77 -25.90 15.26 -10.34
CA SER G 77 -25.80 13.93 -9.72
C SER G 77 -24.61 13.22 -10.35
N LEU G 78 -23.54 13.08 -9.57
CA LEU G 78 -22.34 12.42 -10.06
C LEU G 78 -22.58 10.92 -10.22
N GLN G 79 -22.16 10.37 -11.36
CA GLN G 79 -22.40 8.98 -11.70
C GLN G 79 -21.06 8.29 -11.97
N PRO G 80 -20.98 6.97 -11.78
CA PRO G 80 -19.71 6.27 -12.01
C PRO G 80 -19.18 6.37 -13.44
N GLU G 81 -20.04 6.74 -14.40
CA GLU G 81 -19.57 6.90 -15.78
C GLU G 81 -18.94 8.25 -16.04
N ASP G 82 -18.88 9.13 -15.04
CA ASP G 82 -18.38 10.48 -15.22
C ASP G 82 -16.93 10.65 -14.77
N ILE G 83 -16.22 9.55 -14.51
CA ILE G 83 -14.79 9.65 -14.19
C ILE G 83 -14.06 10.08 -15.45
N ALA G 84 -13.58 11.31 -15.47
CA ALA G 84 -12.89 11.87 -16.63
C ALA G 84 -12.25 13.19 -16.21
N THR G 85 -11.65 13.88 -17.18
CA THR G 85 -11.11 15.21 -16.99
C THR G 85 -11.95 16.21 -17.77
N TYR G 86 -12.39 17.27 -17.10
CA TYR G 86 -13.25 18.28 -17.69
C TYR G 86 -12.47 19.58 -17.85
N TYR G 87 -12.43 20.10 -19.07
CA TYR G 87 -11.64 21.31 -19.34
C TYR G 87 -12.46 22.35 -20.09
N CYS G 88 -12.29 23.60 -19.69
CA CYS G 88 -12.92 24.75 -20.34
C CYS G 88 -11.99 25.32 -21.41
N GLN G 89 -12.58 25.78 -22.50
CA GLN G 89 -11.83 26.32 -23.62
C GLN G 89 -12.55 27.53 -24.19
N GLN G 90 -11.82 28.62 -24.39
CA GLN G 90 -12.39 29.83 -24.94
C GLN G 90 -12.40 29.79 -26.46
N HIS G 91 -13.28 30.60 -27.06
CA HIS G 91 -13.39 30.66 -28.51
C HIS G 91 -13.59 32.09 -29.03
N ASP G 92 -13.50 33.10 -28.18
CA ASP G 92 -13.73 34.47 -28.62
C ASP G 92 -12.64 34.95 -29.58
N ASN G 93 -11.38 34.66 -29.26
CA ASN G 93 -10.27 35.10 -30.09
C ASN G 93 -9.26 33.97 -30.21
N PHE G 94 -8.82 33.70 -31.44
CA PHE G 94 -7.83 32.65 -31.67
C PHE G 94 -6.46 33.09 -31.15
N PRO G 95 -5.66 32.18 -30.58
CA PRO G 95 -5.89 30.74 -30.43
C PRO G 95 -6.88 30.37 -29.32
N TYR G 96 -7.56 29.24 -29.49
CA TYR G 96 -8.50 28.75 -28.49
C TYR G 96 -7.72 28.13 -27.34
N THR G 97 -7.57 28.88 -26.25
CA THR G 97 -6.83 28.41 -25.09
C THR G 97 -7.75 27.64 -24.16
N PHE G 98 -7.21 26.56 -23.59
CA PHE G 98 -7.97 25.68 -22.70
C PHE G 98 -7.43 25.76 -21.28
N GLY G 99 -8.26 25.34 -20.33
CA GLY G 99 -7.86 25.31 -18.94
C GLY G 99 -6.96 24.14 -18.62
N GLN G 100 -6.37 24.19 -17.43
CA GLN G 100 -5.43 23.15 -17.01
C GLN G 100 -6.10 21.80 -16.77
N GLY G 101 -7.41 21.78 -16.62
CA GLY G 101 -8.12 20.53 -16.45
C GLY G 101 -8.47 20.25 -15.00
N THR G 102 -9.54 19.48 -14.81
CA THR G 102 -10.01 19.09 -13.48
C THR G 102 -10.30 17.60 -13.48
N LYS G 103 -9.61 16.86 -12.61
CA LYS G 103 -9.79 15.42 -12.51
C LYS G 103 -10.86 15.09 -11.48
N VAL G 104 -11.69 14.10 -11.80
CA VAL G 104 -12.80 13.68 -10.95
C VAL G 104 -12.59 12.22 -10.57
N VAL G 105 -12.63 11.93 -9.27
CA VAL G 105 -12.46 10.59 -8.74
C VAL G 105 -13.60 10.31 -7.78
N ILE G 106 -14.23 9.14 -7.93
CA ILE G 106 -15.34 8.76 -7.05
C ILE G 106 -14.80 8.17 -5.76
N ARG G 107 -15.46 8.50 -4.65
CA ARG G 107 -15.17 7.91 -3.35
C ARG G 107 -16.26 6.91 -3.03
N ARG G 108 -15.88 5.65 -2.82
CA ARG G 108 -16.83 4.56 -2.69
C ARG G 108 -16.52 3.72 -1.46
N THR G 109 -17.43 2.80 -1.16
CA THR G 109 -17.26 1.90 -0.03
C THR G 109 -16.02 1.04 -0.20
N VAL G 110 -15.32 0.80 0.90
CA VAL G 110 -14.12 -0.03 0.86
C VAL G 110 -14.51 -1.45 0.49
N ALA G 111 -13.81 -2.02 -0.49
CA ALA G 111 -14.07 -3.37 -0.97
C ALA G 111 -12.84 -4.23 -0.80
N ALA G 112 -13.04 -5.46 -0.36
CA ALA G 112 -11.93 -6.39 -0.21
C ALA G 112 -11.45 -6.85 -1.58
N PRO G 113 -10.14 -6.85 -1.83
CA PRO G 113 -9.64 -7.29 -3.15
C PRO G 113 -9.76 -8.79 -3.30
N SER G 114 -10.25 -9.22 -4.46
CA SER G 114 -10.20 -10.63 -4.81
C SER G 114 -8.82 -10.93 -5.39
N VAL G 115 -8.06 -11.80 -4.73
CA VAL G 115 -6.64 -11.98 -5.01
C VAL G 115 -6.41 -13.38 -5.54
N PHE G 116 -5.75 -13.45 -6.70
CA PHE G 116 -5.36 -14.71 -7.32
C PHE G 116 -3.86 -14.69 -7.57
N ILE G 117 -3.27 -15.88 -7.69
CA ILE G 117 -1.85 -16.02 -7.96
C ILE G 117 -1.67 -16.96 -9.15
N PHE G 118 -0.74 -16.60 -10.04
CA PHE G 118 -0.56 -17.24 -11.34
C PHE G 118 0.87 -17.75 -11.44
N PRO G 119 1.08 -19.06 -11.55
CA PRO G 119 2.44 -19.59 -11.71
C PRO G 119 2.93 -19.37 -13.13
N PRO G 120 4.24 -19.36 -13.34
CA PRO G 120 4.74 -19.19 -14.71
C PRO G 120 4.39 -20.38 -15.58
N SER G 121 4.22 -20.11 -16.87
CA SER G 121 3.90 -21.16 -17.82
C SER G 121 5.16 -21.92 -18.25
N ASP G 122 4.97 -23.18 -18.62
CA ASP G 122 6.09 -23.97 -19.12
C ASP G 122 6.63 -23.41 -20.44
N GLU G 123 5.74 -22.85 -21.26
CA GLU G 123 6.19 -22.22 -22.50
C GLU G 123 7.15 -21.07 -22.20
N GLN G 124 6.82 -20.23 -21.21
CA GLN G 124 7.75 -19.21 -20.77
C GLN G 124 8.97 -19.81 -20.09
N LEU G 125 8.78 -20.92 -19.36
CA LEU G 125 9.89 -21.56 -18.69
C LEU G 125 10.93 -22.05 -19.69
N LYS G 126 10.51 -22.39 -20.91
CA LYS G 126 11.48 -22.75 -21.95
C LYS G 126 12.41 -21.58 -22.26
N SER G 127 11.87 -20.36 -22.27
CA SER G 127 12.65 -19.18 -22.64
C SER G 127 13.79 -18.89 -21.67
N GLY G 128 13.75 -19.45 -20.45
CA GLY G 128 14.77 -19.21 -19.46
C GLY G 128 14.38 -18.22 -18.38
N THR G 129 13.23 -17.56 -18.51
CA THR G 129 12.69 -16.67 -17.50
C THR G 129 11.37 -17.22 -16.99
N ALA G 130 10.92 -16.68 -15.85
CA ALA G 130 9.67 -17.13 -15.25
C ALA G 130 9.01 -15.94 -14.57
N SER G 131 7.76 -15.68 -14.92
CA SER G 131 6.99 -14.59 -14.34
C SER G 131 5.89 -15.19 -13.47
N VAL G 132 5.89 -14.82 -12.19
CA VAL G 132 4.83 -15.21 -11.26
C VAL G 132 3.97 -13.98 -11.01
N VAL G 133 2.66 -14.12 -11.22
CA VAL G 133 1.75 -12.98 -11.22
C VAL G 133 0.87 -13.01 -9.98
N CYS G 134 0.58 -11.85 -9.43
CA CYS G 134 -0.42 -11.67 -8.38
C CYS G 134 -1.45 -10.67 -8.86
N LEU G 135 -2.71 -11.09 -8.89
CA LEU G 135 -3.80 -10.28 -9.40
C LEU G 135 -4.72 -9.86 -8.26
N LEU G 136 -4.95 -8.57 -8.15
CA LEU G 136 -5.89 -7.99 -7.21
C LEU G 136 -7.03 -7.38 -8.03
N ASN G 137 -8.27 -7.78 -7.73
CA ASN G 137 -9.41 -7.39 -8.54
C ASN G 137 -10.46 -6.73 -7.67
N ASN G 138 -11.03 -5.62 -8.16
CA ASN G 138 -12.27 -5.05 -7.65
C ASN G 138 -12.15 -4.67 -6.17
N PHE G 139 -11.27 -3.71 -5.91
CA PHE G 139 -11.06 -3.21 -4.56
C PHE G 139 -10.96 -1.70 -4.55
N TYR G 140 -11.16 -1.13 -3.37
CA TYR G 140 -11.05 0.29 -3.10
C TYR G 140 -10.58 0.45 -1.67
N PRO G 141 -9.63 1.37 -1.39
CA PRO G 141 -8.98 2.27 -2.35
C PRO G 141 -7.80 1.64 -3.07
N ARG G 142 -7.15 2.42 -3.95
CA ARG G 142 -6.02 1.90 -4.71
C ARG G 142 -4.85 1.52 -3.80
N GLU G 143 -4.70 2.19 -2.67
CA GLU G 143 -3.57 1.95 -1.78
C GLU G 143 -3.58 0.51 -1.27
N ALA G 144 -2.47 -0.20 -1.48
CA ALA G 144 -2.31 -1.57 -1.01
C ALA G 144 -0.84 -1.92 -1.02
N LYS G 145 -0.47 -2.87 -0.16
CA LYS G 145 0.91 -3.36 -0.09
C LYS G 145 0.94 -4.79 -0.59
N VAL G 146 1.72 -5.03 -1.65
CA VAL G 146 1.87 -6.36 -2.23
C VAL G 146 3.31 -6.80 -2.02
N GLN G 147 3.51 -7.82 -1.20
CA GLN G 147 4.82 -8.37 -0.92
C GLN G 147 4.95 -9.77 -1.52
N TRP G 148 6.09 -10.05 -2.12
CA TRP G 148 6.37 -11.35 -2.72
C TRP G 148 7.24 -12.14 -1.77
N LYS G 149 6.74 -13.27 -1.28
CA LYS G 149 7.46 -14.14 -0.36
C LYS G 149 7.79 -15.45 -1.06
N VAL G 150 9.07 -15.76 -1.17
CA VAL G 150 9.55 -16.98 -1.82
C VAL G 150 10.26 -17.79 -0.75
N ASP G 151 9.68 -18.94 -0.40
CA ASP G 151 10.18 -19.78 0.70
C ASP G 151 10.36 -18.97 1.97
N ASN G 152 9.35 -18.15 2.28
CA ASN G 152 9.35 -17.25 3.44
C ASN G 152 10.56 -16.31 3.40
N ALA G 153 10.71 -15.61 2.28
CA ALA G 153 11.78 -14.63 2.11
C ALA G 153 11.23 -13.45 1.32
N LEU G 154 11.37 -12.24 1.88
CA LEU G 154 10.91 -11.04 1.21
C LEU G 154 11.73 -10.80 -0.06
N GLN G 155 11.05 -10.56 -1.17
CA GLN G 155 11.69 -10.31 -2.45
C GLN G 155 11.60 -8.83 -2.79
N SER G 156 12.74 -8.24 -3.16
CA SER G 156 12.82 -6.84 -3.52
C SER G 156 13.59 -6.68 -4.82
N GLY G 157 13.10 -5.79 -5.68
CA GLY G 157 13.75 -5.51 -6.95
C GLY G 157 13.25 -6.34 -8.11
N ASN G 158 12.56 -7.44 -7.85
CA ASN G 158 12.07 -8.32 -8.90
C ASN G 158 10.59 -8.10 -9.20
N SER G 159 9.97 -7.09 -8.59
CA SER G 159 8.53 -6.88 -8.68
C SER G 159 8.22 -5.64 -9.52
N GLN G 160 7.16 -5.74 -10.33
CA GLN G 160 6.68 -4.63 -11.13
C GLN G 160 5.16 -4.63 -11.11
N GLU G 161 4.56 -3.50 -10.75
CA GLU G 161 3.12 -3.43 -10.53
C GLU G 161 2.44 -2.54 -11.57
N SER G 162 1.31 -3.01 -12.07
CA SER G 162 0.47 -2.27 -13.02
C SER G 162 -0.89 -2.02 -12.39
N VAL G 163 -1.42 -0.82 -12.61
CA VAL G 163 -2.65 -0.35 -11.98
C VAL G 163 -3.63 0.05 -13.07
N THR G 164 -4.85 -0.49 -13.01
CA THR G 164 -5.89 -0.09 -13.95
C THR G 164 -6.51 1.23 -13.52
N GLU G 165 -7.21 1.86 -14.47
CA GLU G 165 -7.97 3.05 -14.16
C GLU G 165 -9.21 2.69 -13.34
N GLN G 166 -9.79 3.70 -12.71
CA GLN G 166 -11.00 3.49 -11.91
C GLN G 166 -12.14 3.02 -12.81
N ASP G 167 -12.86 2.00 -12.36
CA ASP G 167 -13.92 1.41 -13.15
C ASP G 167 -15.05 2.41 -13.38
N SER G 168 -15.67 2.33 -14.54
CA SER G 168 -16.77 3.22 -14.90
C SER G 168 -18.12 2.73 -14.40
N LYS G 169 -18.17 1.58 -13.73
CA LYS G 169 -19.42 1.03 -13.22
C LYS G 169 -19.42 0.90 -11.70
N ASP G 170 -18.38 0.32 -11.11
CA ASP G 170 -18.30 0.18 -9.66
C ASP G 170 -17.13 0.94 -9.05
N SER G 171 -16.34 1.64 -9.86
CA SER G 171 -15.26 2.49 -9.37
C SER G 171 -14.26 1.72 -8.49
N THR G 172 -13.89 0.53 -8.94
CA THR G 172 -12.90 -0.29 -8.26
C THR G 172 -11.63 -0.39 -9.11
N TYR G 173 -10.54 -0.74 -8.44
CA TYR G 173 -9.23 -0.84 -9.09
C TYR G 173 -8.81 -2.30 -9.22
N SER G 174 -7.76 -2.49 -10.02
CA SER G 174 -7.15 -3.80 -10.18
C SER G 174 -5.65 -3.63 -10.31
N LEU G 175 -4.91 -4.48 -9.59
CA LEU G 175 -3.45 -4.46 -9.61
C LEU G 175 -2.92 -5.77 -10.18
N SER G 176 -1.81 -5.67 -10.91
CA SER G 176 -1.09 -6.84 -11.43
C SER G 176 0.37 -6.70 -11.03
N SER G 177 0.81 -7.52 -10.08
CA SER G 177 2.19 -7.51 -9.62
C SER G 177 2.91 -8.70 -10.25
N THR G 178 3.88 -8.41 -11.11
CA THR G 178 4.63 -9.44 -11.81
C THR G 178 6.01 -9.57 -11.17
N LEU G 179 6.41 -10.81 -10.91
CA LEU G 179 7.73 -11.14 -10.38
C LEU G 179 8.48 -11.86 -11.49
N THR G 180 9.46 -11.17 -12.08
CA THR G 180 10.32 -11.77 -13.09
C THR G 180 11.52 -12.39 -12.40
N LEU G 181 11.82 -13.64 -12.75
CA LEU G 181 12.83 -14.39 -12.02
C LEU G 181 13.48 -15.40 -12.95
N SER G 182 14.79 -15.55 -12.84
CA SER G 182 15.52 -16.46 -13.71
C SER G 182 15.07 -17.90 -13.47
N LYS G 183 15.10 -18.70 -14.54
CA LYS G 183 14.73 -20.11 -14.42
C LYS G 183 15.62 -20.82 -13.41
N ALA G 184 16.93 -20.56 -13.46
CA ALA G 184 17.83 -21.16 -12.48
C ALA G 184 17.44 -20.75 -11.06
N ASP G 185 17.15 -19.47 -10.85
CA ASP G 185 16.70 -19.01 -9.54
C ASP G 185 15.31 -19.53 -9.21
N TYR G 186 14.50 -19.80 -10.23
CA TYR G 186 13.15 -20.31 -10.00
C TYR G 186 13.17 -21.77 -9.57
N GLU G 187 14.15 -22.54 -10.04
CA GLU G 187 14.23 -23.96 -9.69
C GLU G 187 14.79 -24.22 -8.30
N LYS G 188 15.35 -23.21 -7.65
CA LYS G 188 15.92 -23.36 -6.31
C LYS G 188 14.90 -23.17 -5.20
N HIS G 189 13.64 -22.87 -5.53
CA HIS G 189 12.63 -22.62 -4.52
C HIS G 189 11.35 -23.36 -4.90
N LYS G 190 10.51 -23.59 -3.89
CA LYS G 190 9.31 -24.41 -4.05
C LYS G 190 8.02 -23.64 -3.79
N VAL G 191 7.94 -22.91 -2.68
CA VAL G 191 6.71 -22.25 -2.26
C VAL G 191 6.79 -20.78 -2.68
N TYR G 192 5.79 -20.32 -3.43
CA TYR G 192 5.72 -18.93 -3.87
C TYR G 192 4.40 -18.34 -3.41
N ALA G 193 4.46 -17.15 -2.80
CA ALA G 193 3.26 -16.52 -2.26
C ALA G 193 3.32 -15.02 -2.50
N CYS G 194 2.14 -14.42 -2.63
CA CYS G 194 1.99 -12.97 -2.60
C CYS G 194 1.03 -12.59 -1.49
N GLU G 195 1.41 -11.59 -0.71
CA GLU G 195 0.64 -11.11 0.42
C GLU G 195 0.15 -9.69 0.12
N VAL G 196 -1.16 -9.49 0.25
CA VAL G 196 -1.81 -8.22 0.00
C VAL G 196 -2.34 -7.68 1.32
N THR G 197 -1.91 -6.48 1.68
CA THR G 197 -2.33 -5.81 2.90
C THR G 197 -2.94 -4.46 2.53
N GLN G 198 -4.24 -4.31 2.79
CA GLN G 198 -4.95 -3.07 2.52
C GLN G 198 -5.14 -2.25 3.79
N GLY G 199 -5.73 -2.84 4.82
CA GLY G 199 -5.92 -2.21 6.10
C GLY G 199 -5.50 -3.13 7.22
N THR G 200 -6.41 -3.41 8.15
CA THR G 200 -6.17 -4.44 9.14
C THR G 200 -6.14 -5.84 8.53
N THR G 201 -6.60 -6.00 7.29
CA THR G 201 -6.58 -7.28 6.61
C THR G 201 -5.21 -7.55 5.99
N SER G 202 -4.84 -8.82 5.94
CA SER G 202 -3.63 -9.25 5.26
C SER G 202 -3.89 -10.64 4.68
N VAL G 203 -4.25 -10.67 3.40
CA VAL G 203 -4.53 -11.93 2.71
C VAL G 203 -3.25 -12.42 2.06
N THR G 204 -3.05 -13.74 2.02
CA THR G 204 -1.86 -14.31 1.39
C THR G 204 -2.29 -15.48 0.52
N LYS G 205 -1.90 -15.44 -0.75
CA LYS G 205 -2.15 -16.54 -1.67
C LYS G 205 -0.83 -17.18 -2.08
N SER G 206 -0.74 -18.49 -1.94
CA SER G 206 0.49 -19.23 -2.15
C SER G 206 0.24 -20.45 -3.04
N PHE G 207 1.32 -20.99 -3.56
CA PHE G 207 1.27 -22.25 -4.30
C PHE G 207 2.64 -22.91 -4.23
N ASN G 208 2.61 -24.25 -4.27
CA ASN G 208 3.82 -25.06 -4.24
C ASN G 208 4.19 -25.45 -5.67
N ARG G 209 5.43 -25.15 -6.04
CA ARG G 209 5.90 -25.47 -7.39
C ARG G 209 5.92 -26.98 -7.59
N GLY G 210 5.16 -27.44 -8.59
CA GLY G 210 5.09 -28.86 -8.91
C GLY G 210 3.75 -29.51 -8.62
N GLU G 211 2.74 -28.76 -8.20
CA GLU G 211 1.44 -29.33 -7.89
C GLU G 211 0.66 -29.65 -9.17
N CYS G 212 -0.16 -30.69 -9.08
CA CYS G 212 -1.00 -31.14 -10.19
C CYS G 212 -0.18 -31.44 -11.45
N GLU H 1 15.59 8.69 17.73
CA GLU H 1 16.95 8.28 18.08
C GLU H 1 17.93 8.61 16.96
N GLU H 2 17.63 8.12 15.75
CA GLU H 2 18.49 8.31 14.59
C GLU H 2 18.61 9.78 14.24
N GLN H 3 19.80 10.35 14.44
CA GLN H 3 20.03 11.78 14.22
C GLN H 3 21.41 11.98 13.60
N LEU H 4 21.51 12.91 12.66
CA LEU H 4 22.75 13.28 12.00
C LEU H 4 23.12 14.69 12.39
N VAL H 5 24.34 14.88 12.92
CA VAL H 5 24.81 16.19 13.36
C VAL H 5 25.98 16.61 12.48
N GLU H 6 26.01 17.88 12.10
CA GLU H 6 27.05 18.40 11.21
C GLU H 6 27.86 19.48 11.90
N SER H 7 29.14 19.58 11.53
CA SER H 7 30.04 20.58 12.08
C SER H 7 31.05 20.97 11.02
N GLY H 8 31.59 22.19 11.17
CA GLY H 8 32.66 22.68 10.32
C GLY H 8 32.30 23.85 9.42
N GLY H 9 31.05 24.29 9.39
CA GLY H 9 30.68 25.39 8.51
C GLY H 9 31.30 26.71 8.95
N GLY H 10 31.49 27.59 7.98
CA GLY H 10 32.07 28.88 8.27
C GLY H 10 32.56 29.57 7.01
N LEU H 11 33.43 30.56 7.21
CA LEU H 11 33.96 31.40 6.15
C LEU H 11 35.38 30.95 5.79
N VAL H 12 35.63 30.77 4.50
CA VAL H 12 36.95 30.35 4.01
C VAL H 12 37.36 31.26 2.87
N GLN H 13 38.64 31.66 2.86
CA GLN H 13 39.16 32.44 1.76
C GLN H 13 39.16 31.63 0.47
N PRO H 14 39.00 32.28 -0.68
CA PRO H 14 39.09 31.56 -1.95
C PRO H 14 40.44 30.85 -2.08
N GLY H 15 40.38 29.60 -2.53
CA GLY H 15 41.56 28.77 -2.60
C GLY H 15 41.95 28.08 -1.32
N GLY H 16 41.21 28.31 -0.23
CA GLY H 16 41.52 27.72 1.05
C GLY H 16 40.98 26.30 1.19
N SER H 17 40.99 25.81 2.42
CA SER H 17 40.57 24.45 2.73
C SER H 17 39.62 24.46 3.92
N LEU H 18 38.78 23.43 3.97
CA LEU H 18 37.84 23.29 5.08
C LEU H 18 37.40 21.84 5.18
N ARG H 19 37.26 21.35 6.42
CA ARG H 19 36.85 19.97 6.66
C ARG H 19 35.51 19.97 7.38
N LEU H 20 34.52 19.29 6.77
CA LEU H 20 33.19 19.14 7.34
C LEU H 20 33.04 17.75 7.94
N SER H 21 32.38 17.68 9.08
CA SER H 21 32.16 16.42 9.79
C SER H 21 30.67 16.18 9.96
N CYS H 22 30.27 14.91 9.78
CA CYS H 22 28.89 14.49 9.95
C CYS H 22 28.89 13.25 10.84
N THR H 23 28.41 13.40 12.07
CA THR H 23 28.40 12.32 13.04
C THR H 23 27.00 11.74 13.15
N ALA H 24 26.92 10.41 13.16
CA ALA H 24 25.67 9.68 13.29
C ALA H 24 25.54 9.20 14.73
N SER H 25 24.49 9.63 15.41
CA SER H 25 24.28 9.32 16.82
C SER H 25 23.21 8.25 17.05
N GLY H 26 22.61 7.72 15.98
CA GLY H 26 21.54 6.76 16.15
C GLY H 26 21.80 5.37 15.62
N PHE H 27 22.61 5.27 14.55
CA PHE H 27 22.83 3.98 13.91
C PHE H 27 24.32 3.72 13.69
N THR H 28 24.64 2.65 12.95
CA THR H 28 26.02 2.19 12.86
C THR H 28 26.86 3.00 11.89
N LEU H 29 26.25 3.58 10.85
CA LEU H 29 26.91 4.30 9.77
C LEU H 29 27.74 3.36 8.90
N SER H 30 27.84 2.08 9.26
CA SER H 30 28.56 1.11 8.44
C SER H 30 27.64 0.52 7.37
N THR H 31 26.49 -0.01 7.77
CA THR H 31 25.57 -0.67 6.84
C THR H 31 24.79 0.32 5.97
N TYR H 32 25.09 1.62 5.93
CA TYR H 32 24.34 2.57 5.14
C TYR H 32 25.28 3.36 4.23
N PHE H 33 24.83 3.57 2.99
CA PHE H 33 25.56 4.47 2.09
C PHE H 33 25.31 5.92 2.50
N MET H 34 26.32 6.76 2.28
CA MET H 34 26.23 8.16 2.70
C MET H 34 26.57 9.08 1.53
N PHE H 35 26.00 10.29 1.58
CA PHE H 35 26.15 11.24 0.49
C PHE H 35 26.31 12.66 1.04
N TRP H 36 27.04 13.47 0.29
CA TRP H 36 27.18 14.91 0.56
C TRP H 36 26.47 15.66 -0.56
N VAL H 37 25.52 16.52 -0.18
CA VAL H 37 24.70 17.29 -1.11
C VAL H 37 24.69 18.74 -0.65
N ARG H 38 24.93 19.67 -1.57
CA ARG H 38 24.87 21.08 -1.22
C ARG H 38 23.68 21.76 -1.87
N GLN H 39 23.28 22.87 -1.26
CA GLN H 39 22.23 23.74 -1.79
C GLN H 39 22.77 25.16 -1.82
N PRO H 40 23.02 25.73 -3.00
CA PRO H 40 23.45 27.13 -3.08
C PRO H 40 22.30 28.06 -2.74
N PRO H 41 22.59 29.30 -2.35
CA PRO H 41 21.50 30.26 -2.08
C PRO H 41 20.66 30.50 -3.33
N GLY H 42 19.34 30.46 -3.15
CA GLY H 42 18.43 30.67 -4.25
C GLY H 42 18.53 29.64 -5.36
N LYS H 43 19.08 28.47 -5.08
CA LYS H 43 19.28 27.43 -6.08
C LYS H 43 18.80 26.09 -5.53
N GLY H 44 18.54 25.17 -6.45
CA GLY H 44 18.05 23.85 -6.09
C GLY H 44 19.16 22.96 -5.54
N LEU H 45 18.77 21.73 -5.25
CA LEU H 45 19.71 20.76 -4.69
C LEU H 45 20.75 20.36 -5.72
N GLU H 46 21.90 19.89 -5.23
CA GLU H 46 22.97 19.43 -6.11
C GLU H 46 23.77 18.38 -5.35
N TRP H 47 23.61 17.12 -5.74
CA TRP H 47 24.40 16.05 -5.15
C TRP H 47 25.87 16.26 -5.49
N VAL H 48 26.74 16.04 -4.50
CA VAL H 48 28.17 16.30 -4.64
C VAL H 48 28.97 15.01 -4.60
N SER H 49 28.75 14.19 -3.58
CA SER H 49 29.64 13.04 -3.42
C SER H 49 28.92 11.92 -2.67
N GLY H 50 29.53 10.74 -2.72
CA GLY H 50 28.94 9.57 -2.07
C GLY H 50 30.02 8.58 -1.68
N ILE H 51 29.77 7.88 -0.56
CA ILE H 51 30.68 6.89 -0.02
C ILE H 51 29.87 5.66 0.40
N ASN H 52 30.52 4.50 0.30
CA ASN H 52 29.88 3.21 0.55
C ASN H 52 30.03 2.82 2.01
N LEU H 53 29.77 1.55 2.31
CA LEU H 53 29.85 1.04 3.68
C LEU H 53 31.24 1.24 4.27
N GLY H 54 32.25 0.59 3.67
CA GLY H 54 33.58 0.59 4.23
C GLY H 54 34.47 1.73 3.84
N GLY H 55 33.96 2.73 3.12
CA GLY H 55 34.82 3.78 2.62
C GLY H 55 35.78 3.36 1.54
N ASP H 56 35.55 2.18 0.94
CA ASP H 56 36.44 1.63 -0.06
C ASP H 56 36.26 2.31 -1.42
N LYS H 57 35.06 2.79 -1.72
CA LYS H 57 34.75 3.39 -3.01
C LYS H 57 34.07 4.74 -2.79
N THR H 58 34.34 5.69 -3.69
CA THR H 58 33.78 7.03 -3.58
C THR H 58 33.32 7.51 -4.95
N TRP H 59 32.41 8.47 -4.93
CA TRP H 59 31.93 9.14 -6.13
C TRP H 59 31.87 10.64 -5.89
N SER H 60 32.21 11.42 -6.91
CA SER H 60 32.13 12.87 -6.85
C SER H 60 31.86 13.41 -8.25
N THR H 61 31.06 14.47 -8.34
CA THR H 61 30.68 15.01 -9.63
C THR H 61 31.87 15.70 -10.30
N ASP H 62 31.74 15.88 -11.62
CA ASP H 62 32.83 16.46 -12.41
C ASP H 62 33.13 17.90 -12.01
N SER H 63 32.12 18.64 -11.53
CA SER H 63 32.34 20.03 -11.17
C SER H 63 33.22 20.17 -9.95
N VAL H 64 33.17 19.22 -9.02
CA VAL H 64 33.96 19.25 -7.80
C VAL H 64 34.97 18.11 -7.74
N LYS H 65 35.14 17.37 -8.83
CA LYS H 65 36.11 16.28 -8.85
C LYS H 65 37.52 16.83 -8.72
N GLY H 66 38.33 16.16 -7.89
CA GLY H 66 39.71 16.55 -7.67
C GLY H 66 39.90 17.52 -6.52
N ARG H 67 38.94 18.41 -6.29
CA ARG H 67 39.03 19.37 -5.20
C ARG H 67 38.45 18.84 -3.89
N PHE H 68 37.37 18.06 -3.96
CA PHE H 68 36.71 17.55 -2.78
C PHE H 68 37.04 16.07 -2.60
N THR H 69 37.32 15.70 -1.35
CA THR H 69 37.60 14.33 -0.97
C THR H 69 36.66 13.92 0.16
N THR H 70 36.22 12.66 0.13
CA THR H 70 35.29 12.15 1.13
C THR H 70 35.89 10.94 1.81
N SER H 71 35.81 10.90 3.14
CA SER H 71 36.32 9.80 3.93
C SER H 71 35.34 9.47 5.03
N LYS H 72 35.61 8.39 5.76
CA LYS H 72 34.77 8.05 6.90
C LYS H 72 35.59 7.27 7.92
N GLU H 73 35.14 7.35 9.16
CA GLU H 73 35.73 6.62 10.28
C GLU H 73 34.57 5.99 11.06
N ASN H 74 34.40 4.67 10.91
CA ASN H 74 33.30 3.97 11.55
C ASN H 74 33.52 3.79 13.05
N ALA H 75 34.78 3.80 13.50
CA ALA H 75 35.04 3.74 14.93
C ALA H 75 34.49 4.95 15.65
N LYS H 76 34.66 6.13 15.06
CA LYS H 76 34.12 7.38 15.60
C LYS H 76 32.75 7.73 15.02
N ASN H 77 32.24 6.93 14.08
CA ASN H 77 30.95 7.18 13.45
C ASN H 77 30.88 8.57 12.83
N THR H 78 31.88 8.89 12.01
CA THR H 78 31.95 10.23 11.43
C THR H 78 32.32 10.17 9.96
N LEU H 79 31.54 10.88 9.14
CA LEU H 79 31.81 11.04 7.71
C LEU H 79 32.45 12.42 7.48
N TYR H 80 33.58 12.44 6.78
CA TYR H 80 34.38 13.64 6.61
C TYR H 80 34.37 14.08 5.15
N LEU H 81 34.28 15.39 4.94
CA LEU H 81 34.36 16.00 3.61
C LEU H 81 35.45 17.07 3.64
N GLN H 82 36.57 16.79 2.99
CA GLN H 82 37.69 17.74 2.90
C GLN H 82 37.58 18.49 1.58
N MET H 83 37.40 19.81 1.66
CA MET H 83 37.26 20.66 0.49
C MET H 83 38.51 21.52 0.36
N ASP H 84 39.10 21.50 -0.83
CA ASP H 84 40.35 22.20 -1.12
C ASP H 84 40.16 23.09 -2.34
N SER H 85 40.82 24.25 -2.33
CA SER H 85 40.78 25.22 -3.42
C SER H 85 39.33 25.63 -3.71
N LEU H 86 38.71 26.25 -2.71
CA LEU H 86 37.31 26.64 -2.82
C LEU H 86 37.13 27.79 -3.80
N ARG H 87 35.94 27.87 -4.36
CA ARG H 87 35.52 28.88 -5.31
C ARG H 87 34.20 29.48 -4.83
N PRO H 88 33.85 30.68 -5.33
CA PRO H 88 32.57 31.28 -4.89
C PRO H 88 31.35 30.44 -5.21
N GLU H 89 31.43 29.53 -6.19
CA GLU H 89 30.30 28.67 -6.51
C GLU H 89 30.05 27.62 -5.42
N ASP H 90 31.04 27.35 -4.57
CA ASP H 90 30.88 26.35 -3.52
C ASP H 90 30.20 26.91 -2.28
N THR H 91 29.93 28.22 -2.23
CA THR H 91 29.21 28.82 -1.11
C THR H 91 27.79 28.28 -1.06
N ALA H 92 27.49 27.44 -0.08
CA ALA H 92 26.22 26.73 -0.04
C ALA H 92 26.01 26.13 1.34
N VAL H 93 24.79 25.62 1.56
CA VAL H 93 24.47 24.86 2.76
C VAL H 93 24.67 23.38 2.43
N TYR H 94 25.53 22.72 3.19
CA TYR H 94 25.89 21.34 2.93
C TYR H 94 25.13 20.41 3.88
N TYR H 95 24.68 19.28 3.34
CA TYR H 95 23.91 18.28 4.05
C TYR H 95 24.57 16.92 3.84
N CYS H 96 24.60 16.13 4.89
CA CYS H 96 24.99 14.72 4.81
C CYS H 96 23.73 13.87 4.89
N ALA H 97 23.55 12.98 3.93
CA ALA H 97 22.32 12.20 3.79
C ALA H 97 22.63 10.72 3.83
N ARG H 98 21.83 9.98 4.60
CA ARG H 98 21.86 8.54 4.62
C ARG H 98 21.04 7.99 3.44
N LEU H 99 21.32 6.74 3.07
CA LEU H 99 20.54 6.07 2.03
C LEU H 99 20.15 4.68 2.50
N ARG H 100 18.87 4.51 2.86
CA ARG H 100 18.35 3.19 3.15
C ARG H 100 18.30 2.36 1.88
N SER H 101 18.40 1.03 2.05
CA SER H 101 18.57 0.14 0.90
C SER H 101 17.39 0.24 -0.07
N GLN H 102 16.16 0.09 0.43
CA GLN H 102 15.01 -0.02 -0.45
C GLN H 102 14.18 1.25 -0.54
N ARG H 103 14.38 2.20 0.36
CA ARG H 103 13.53 3.39 0.43
C ARG H 103 14.10 4.57 -0.33
N GLY H 104 15.28 5.04 0.05
CA GLY H 104 15.87 6.24 -0.50
C GLY H 104 16.64 7.00 0.57
N PHE H 105 16.60 8.33 0.47
CA PHE H 105 17.30 9.19 1.42
C PHE H 105 16.37 9.46 2.59
N ASP H 106 16.65 8.81 3.73
CA ASP H 106 15.77 8.90 4.90
C ASP H 106 16.14 10.08 5.80
N HIS H 107 17.37 10.07 6.32
CA HIS H 107 17.80 11.03 7.32
C HIS H 107 18.83 11.98 6.73
N TRP H 108 18.66 13.28 7.04
CA TRP H 108 19.57 14.32 6.60
C TRP H 108 20.09 15.08 7.82
N GLY H 109 21.14 15.88 7.60
CA GLY H 109 21.63 16.76 8.63
C GLY H 109 20.89 18.07 8.68
N GLN H 110 21.23 18.88 9.69
CA GLN H 110 20.61 20.19 9.83
C GLN H 110 21.20 21.22 8.88
N GLY H 111 22.33 20.92 8.24
CA GLY H 111 22.95 21.83 7.30
C GLY H 111 24.07 22.65 7.90
N ALA H 112 25.21 22.68 7.22
CA ALA H 112 26.34 23.53 7.62
C ALA H 112 26.60 24.52 6.48
N LEU H 113 26.57 25.81 6.80
CA LEU H 113 26.75 26.84 5.78
C LEU H 113 28.23 27.09 5.57
N VAL H 114 28.67 27.01 4.31
CA VAL H 114 30.05 27.28 3.93
C VAL H 114 30.03 28.48 3.00
N THR H 115 30.76 29.52 3.37
CA THR H 115 30.86 30.75 2.59
C THR H 115 32.28 30.90 2.08
N VAL H 116 32.41 31.26 0.81
CA VAL H 116 33.70 31.43 0.15
C VAL H 116 33.75 32.89 -0.31
N SER H 117 34.44 33.73 0.46
CA SER H 117 34.55 35.14 0.14
C SER H 117 35.82 35.70 0.76
N SER H 118 36.26 36.84 0.23
CA SER H 118 37.42 37.53 0.75
C SER H 118 37.09 38.54 1.84
N ALA H 119 35.81 38.64 2.22
CA ALA H 119 35.40 39.55 3.26
C ALA H 119 35.70 38.96 4.64
N SER H 120 35.53 39.78 5.67
CA SER H 120 35.83 39.42 7.03
C SER H 120 34.56 39.31 7.87
N THR H 121 34.64 38.52 8.93
CA THR H 121 33.51 38.36 9.84
C THR H 121 33.19 39.68 10.54
N LYS H 122 31.90 40.00 10.65
CA LYS H 122 31.44 41.21 11.30
C LYS H 122 30.31 40.86 12.26
N GLY H 123 30.39 41.37 13.49
CA GLY H 123 29.37 41.14 14.47
C GLY H 123 28.12 41.95 14.20
N PRO H 124 26.97 41.45 14.65
CA PRO H 124 25.71 42.17 14.42
C PRO H 124 25.57 43.38 15.33
N SER H 125 24.68 44.27 14.92
CA SER H 125 24.28 45.41 15.75
C SER H 125 22.76 45.34 15.94
N VAL H 126 22.33 45.22 17.19
CA VAL H 126 20.91 45.01 17.49
C VAL H 126 20.31 46.33 17.97
N PHE H 127 19.21 46.73 17.34
CA PHE H 127 18.52 47.96 17.71
C PHE H 127 17.06 47.66 18.04
N PRO H 128 16.48 48.41 18.98
CA PRO H 128 15.09 48.17 19.35
C PRO H 128 14.11 48.80 18.36
N LEU H 129 12.91 48.21 18.32
CA LEU H 129 11.81 48.71 17.50
C LEU H 129 10.58 48.67 18.41
N ALA H 130 10.35 49.76 19.14
CA ALA H 130 9.34 49.77 20.20
C ALA H 130 8.41 50.95 20.03
N PRO H 131 7.10 50.75 20.25
CA PRO H 131 6.08 51.81 20.19
C PRO H 131 6.30 52.86 21.29
N SER H 137 -1.40 52.70 17.95
CA SER H 137 -1.61 52.29 19.33
C SER H 137 -3.02 51.72 19.54
N GLY H 138 -3.41 50.80 18.66
CA GLY H 138 -4.72 50.20 18.75
C GLY H 138 -4.70 48.71 18.98
N GLY H 139 -5.15 48.28 20.16
CA GLY H 139 -5.23 46.86 20.46
C GLY H 139 -3.87 46.19 20.51
N THR H 140 -3.59 45.37 19.49
CA THR H 140 -2.30 44.68 19.40
C THR H 140 -1.20 45.66 18.99
N ALA H 141 -0.05 45.53 19.64
CA ALA H 141 1.12 46.34 19.33
C ALA H 141 2.25 45.43 18.85
N ALA H 142 3.27 46.03 18.25
CA ALA H 142 4.36 45.29 17.65
C ALA H 142 5.68 45.70 18.28
N LEU H 143 6.45 44.71 18.72
CA LEU H 143 7.78 44.91 19.28
C LEU H 143 8.79 44.12 18.44
N GLY H 144 9.88 44.77 18.04
CA GLY H 144 10.81 44.14 17.13
C GLY H 144 12.26 44.47 17.45
N CYS H 145 13.15 43.72 16.81
CA CYS H 145 14.59 43.94 16.90
C CYS H 145 15.17 43.95 15.50
N LEU H 146 15.98 44.97 15.21
CA LEU H 146 16.62 45.13 13.90
C LEU H 146 18.09 44.73 14.03
N VAL H 147 18.50 43.73 13.27
CA VAL H 147 19.87 43.23 13.28
C VAL H 147 20.56 43.77 12.03
N LYS H 148 21.47 44.72 12.22
CA LYS H 148 22.10 45.45 11.13
C LYS H 148 23.60 45.14 11.07
N ASP H 149 24.12 45.09 9.85
CA ASP H 149 25.56 45.08 9.58
C ASP H 149 26.25 43.90 10.26
N TYR H 150 25.89 42.69 9.81
CA TYR H 150 26.55 41.48 10.25
C TYR H 150 26.97 40.65 9.05
N PHE H 151 28.01 39.85 9.25
CA PHE H 151 28.55 38.96 8.23
C PHE H 151 29.46 37.94 8.90
N PRO H 152 29.40 36.65 8.50
CA PRO H 152 28.45 36.12 7.52
C PRO H 152 27.16 35.62 8.17
N GLU H 153 26.40 34.84 7.43
CA GLU H 153 25.20 34.18 7.92
C GLU H 153 25.56 32.83 8.53
N PRO H 154 24.68 32.23 9.35
CA PRO H 154 23.36 32.69 9.78
C PRO H 154 23.34 33.42 11.11
N VAL H 155 22.22 34.08 11.38
CA VAL H 155 21.94 34.72 12.66
C VAL H 155 20.57 34.27 13.12
N THR H 156 20.48 33.71 14.31
CA THR H 156 19.21 33.24 14.84
C THR H 156 18.68 34.22 15.88
N VAL H 157 17.36 34.30 15.97
CA VAL H 157 16.70 35.22 16.90
C VAL H 157 15.63 34.45 17.66
N SER H 158 15.62 34.61 18.99
CA SER H 158 14.57 34.08 19.83
C SER H 158 14.03 35.21 20.70
N TRP H 159 12.92 34.94 21.39
CA TRP H 159 12.31 35.93 22.27
C TRP H 159 12.07 35.33 23.64
N ASN H 160 12.56 36.01 24.67
CA ASN H 160 12.46 35.56 26.06
C ASN H 160 13.05 34.16 26.24
N SER H 161 14.22 33.94 25.63
CA SER H 161 14.94 32.67 25.71
C SER H 161 14.08 31.51 25.21
N GLY H 162 13.22 31.77 24.24
CA GLY H 162 12.34 30.75 23.68
C GLY H 162 11.00 30.62 24.37
N ALA H 163 10.77 31.35 25.47
CA ALA H 163 9.48 31.26 26.15
C ALA H 163 8.35 31.86 25.31
N LEU H 164 8.65 32.89 24.50
CA LEU H 164 7.67 33.51 23.64
C LEU H 164 7.88 33.00 22.22
N THR H 165 6.87 32.33 21.68
CA THR H 165 6.95 31.77 20.34
C THR H 165 5.72 32.02 19.48
N SER H 166 4.64 32.56 20.03
CA SER H 166 3.42 32.79 19.27
C SER H 166 3.46 34.18 18.65
N GLY H 167 3.35 34.23 17.32
CA GLY H 167 3.32 35.49 16.61
C GLY H 167 4.66 36.04 16.20
N VAL H 168 5.74 35.28 16.32
CA VAL H 168 7.07 35.75 15.95
C VAL H 168 7.24 35.66 14.44
N HIS H 169 7.80 36.71 13.85
CA HIS H 169 8.14 36.74 12.43
C HIS H 169 9.58 37.20 12.32
N THR H 170 10.48 36.28 12.00
CA THR H 170 11.89 36.58 11.77
C THR H 170 12.10 36.66 10.27
N PHE H 171 12.26 37.88 9.76
CA PHE H 171 12.37 38.08 8.32
C PHE H 171 13.70 37.56 7.80
N PRO H 172 13.76 37.16 6.53
CA PRO H 172 15.03 36.74 5.94
C PRO H 172 16.00 37.92 5.84
N ALA H 173 17.27 37.57 5.71
CA ALA H 173 18.33 38.57 5.68
C ALA H 173 18.45 39.21 4.30
N VAL H 174 18.68 40.52 4.29
CA VAL H 174 18.90 41.28 3.06
C VAL H 174 20.39 41.56 2.93
N LEU H 175 20.92 41.36 1.72
CA LEU H 175 22.36 41.48 1.51
C LEU H 175 22.86 42.90 1.74
N GLN H 176 22.04 43.91 1.40
CA GLN H 176 22.39 45.32 1.55
C GLN H 176 23.51 45.72 0.58
N SER H 177 23.62 47.01 0.28
CA SER H 177 24.64 47.49 -0.66
C SER H 177 26.03 47.48 -0.06
N SER H 178 26.14 47.44 1.27
CA SER H 178 27.44 47.46 1.94
C SER H 178 28.08 46.08 2.03
N GLY H 179 27.39 45.03 1.57
CA GLY H 179 27.91 43.69 1.69
C GLY H 179 27.70 43.04 3.04
N LEU H 180 26.97 43.68 3.94
CA LEU H 180 26.69 43.15 5.27
C LEU H 180 25.21 42.79 5.38
N TYR H 181 24.94 41.58 5.86
CA TYR H 181 23.57 41.11 5.97
C TYR H 181 22.83 41.87 7.08
N SER H 182 21.50 41.89 6.97
CA SER H 182 20.67 42.57 7.95
C SER H 182 19.24 42.01 7.86
N LEU H 183 18.57 41.95 9.00
CA LEU H 183 17.21 41.45 9.06
C LEU H 183 16.47 42.10 10.21
N SER H 184 15.23 41.68 10.43
CA SER H 184 14.43 42.15 11.53
C SER H 184 13.53 41.03 12.02
N SER H 185 13.30 41.00 13.33
CA SER H 185 12.44 39.99 13.95
C SER H 185 11.42 40.71 14.81
N VAL H 186 10.13 40.55 14.49
CA VAL H 186 9.05 41.31 15.12
C VAL H 186 7.99 40.36 15.65
N VAL H 187 7.40 40.71 16.79
CA VAL H 187 6.31 39.95 17.39
C VAL H 187 5.18 40.90 17.74
N THR H 188 3.98 40.35 17.85
CA THR H 188 2.78 41.11 18.19
C THR H 188 2.29 40.69 19.57
N VAL H 189 1.98 41.68 20.40
CA VAL H 189 1.60 41.43 21.80
C VAL H 189 0.45 42.34 22.17
N PRO H 190 -0.37 41.92 23.14
CA PRO H 190 -1.41 42.82 23.66
C PRO H 190 -0.78 44.05 24.30
N SER H 191 -1.46 45.20 24.11
CA SER H 191 -0.95 46.45 24.65
C SER H 191 -0.92 46.45 26.18
N SER H 192 -1.92 45.82 26.80
CA SER H 192 -1.97 45.77 28.26
C SER H 192 -0.77 45.03 28.86
N SER H 193 -0.12 44.17 28.08
CA SER H 193 1.06 43.47 28.54
C SER H 193 2.35 44.27 28.35
N LEU H 194 2.26 45.46 27.78
CA LEU H 194 3.45 46.29 27.55
C LEU H 194 4.07 46.77 28.85
N GLY H 195 3.32 46.77 29.95
CA GLY H 195 3.84 47.27 31.21
C GLY H 195 4.09 46.20 32.26
N THR H 196 3.63 44.97 31.99
CA THR H 196 3.77 43.87 32.95
C THR H 196 4.93 42.96 32.58
N GLN H 197 4.90 42.38 31.37
CA GLN H 197 5.96 41.49 30.91
C GLN H 197 7.03 42.27 30.17
N THR H 198 8.28 41.87 30.36
CA THR H 198 9.41 42.45 29.66
C THR H 198 9.89 41.49 28.58
N TYR H 199 9.98 41.98 27.35
CA TYR H 199 10.36 41.16 26.21
C TYR H 199 11.78 41.49 25.78
N ILE H 200 12.62 40.46 25.68
CA ILE H 200 14.00 40.59 25.25
C ILE H 200 14.21 39.72 24.02
N CYS H 201 14.88 40.27 23.01
CA CYS H 201 15.25 39.49 21.83
C CYS H 201 16.68 38.99 22.02
N ASN H 202 16.86 37.69 21.82
CA ASN H 202 18.14 37.03 21.95
C ASN H 202 18.65 36.73 20.55
N VAL H 203 19.64 37.49 20.11
CA VAL H 203 20.22 37.37 18.77
C VAL H 203 21.56 36.67 18.91
N ASN H 204 21.72 35.55 18.20
CA ASN H 204 22.93 34.76 18.25
C ASN H 204 23.57 34.71 16.86
N HIS H 205 24.85 35.05 16.80
CA HIS H 205 25.66 35.01 15.59
C HIS H 205 26.85 34.10 15.90
N LYS H 206 26.71 32.82 15.55
CA LYS H 206 27.78 31.87 15.79
C LYS H 206 29.06 32.18 15.04
N PRO H 207 29.04 32.59 13.76
CA PRO H 207 30.31 32.92 13.09
C PRO H 207 31.17 33.94 13.83
N SER H 208 30.55 34.94 14.45
CA SER H 208 31.28 35.91 15.25
C SER H 208 31.26 35.59 16.74
N ASN H 209 30.65 34.48 17.14
CA ASN H 209 30.57 34.06 18.54
C ASN H 209 29.96 35.16 19.41
N THR H 210 28.90 35.79 18.90
CA THR H 210 28.26 36.92 19.58
C THR H 210 26.85 36.55 19.99
N LYS H 211 26.43 37.02 21.16
CA LYS H 211 25.06 36.84 21.63
C LYS H 211 24.60 38.14 22.29
N VAL H 212 23.59 38.78 21.71
CA VAL H 212 23.08 40.06 22.17
C VAL H 212 21.66 39.86 22.67
N ASP H 213 21.42 40.18 23.94
CA ASP H 213 20.09 40.14 24.52
C ASP H 213 19.62 41.58 24.69
N LYS H 214 18.77 42.03 23.77
CA LYS H 214 18.30 43.40 23.74
C LYS H 214 16.91 43.49 24.36
N ARG H 215 16.77 44.35 25.37
CA ARG H 215 15.49 44.60 26.02
C ARG H 215 14.76 45.70 25.24
N VAL H 216 13.68 45.33 24.57
CA VAL H 216 12.90 46.27 23.78
C VAL H 216 11.72 46.71 24.67
N GLU H 217 11.83 47.91 25.22
CA GLU H 217 10.81 48.51 26.05
C GLU H 217 10.23 49.75 25.38
N PRO H 218 8.97 50.08 25.64
CA PRO H 218 8.36 51.24 24.98
C PRO H 218 9.00 52.55 25.41
N LYS H 219 8.75 53.58 24.63
CA LYS H 219 9.32 54.90 24.89
C LYS H 219 8.33 55.78 25.67
N ASP I 1 21.77 8.00 -19.23
CA ASP I 1 21.25 8.74 -18.10
C ASP I 1 19.75 8.99 -18.25
N ILE I 2 19.08 9.24 -17.13
CA ILE I 2 17.63 9.43 -17.10
C ILE I 2 17.33 10.86 -16.69
N GLN I 3 16.29 11.43 -17.30
CA GLN I 3 15.85 12.79 -17.01
C GLN I 3 14.45 12.76 -16.41
N MET I 4 14.28 13.45 -15.28
CA MET I 4 13.00 13.54 -14.59
C MET I 4 12.40 14.91 -14.82
N THR I 5 11.16 14.94 -15.33
CA THR I 5 10.45 16.19 -15.57
C THR I 5 9.16 16.18 -14.77
N GLN I 6 8.98 17.18 -13.91
CA GLN I 6 7.77 17.29 -13.11
C GLN I 6 6.77 18.25 -13.74
N SER I 7 5.51 18.09 -13.35
CA SER I 7 4.44 18.97 -13.79
C SER I 7 3.33 18.98 -12.75
N PRO I 8 2.79 20.15 -12.42
CA PRO I 8 3.24 21.45 -12.94
C PRO I 8 4.40 22.03 -12.13
N SER I 9 5.09 23.03 -12.68
CA SER I 9 6.18 23.66 -11.96
C SER I 9 5.71 24.41 -10.72
N SER I 10 4.44 24.80 -10.68
CA SER I 10 3.86 25.46 -9.51
C SER I 10 2.37 25.14 -9.46
N LEU I 11 1.79 25.27 -8.27
CA LEU I 11 0.39 24.91 -8.08
C LEU I 11 -0.19 25.76 -6.95
N SER I 12 -1.45 26.17 -7.13
CA SER I 12 -2.16 26.96 -6.13
C SER I 12 -3.52 26.32 -5.90
N ALA I 13 -3.75 25.84 -4.67
CA ALA I 13 -5.00 25.19 -4.32
C ALA I 13 -5.41 25.60 -2.91
N SER I 14 -6.72 25.51 -2.64
CA SER I 14 -7.25 25.89 -1.35
C SER I 14 -7.12 24.74 -0.34
N VAL I 15 -7.39 25.06 0.92
CA VAL I 15 -7.32 24.06 1.98
C VAL I 15 -8.40 23.00 1.75
N GLY I 16 -8.02 21.73 1.88
CA GLY I 16 -8.94 20.63 1.69
C GLY I 16 -9.02 20.10 0.28
N ASP I 17 -8.46 20.80 -0.70
CA ASP I 17 -8.46 20.32 -2.07
C ASP I 17 -7.49 19.17 -2.24
N ARG I 18 -7.86 18.23 -3.10
CA ARG I 18 -6.95 17.15 -3.49
C ARG I 18 -6.06 17.63 -4.63
N VAL I 19 -4.76 17.40 -4.51
CA VAL I 19 -3.80 17.88 -5.49
C VAL I 19 -2.98 16.70 -6.01
N THR I 20 -2.46 16.85 -7.22
CA THR I 20 -1.73 15.79 -7.91
C THR I 20 -0.53 16.37 -8.63
N PHE I 21 0.63 15.74 -8.45
CA PHE I 21 1.85 16.08 -9.16
C PHE I 21 2.27 14.89 -10.01
N THR I 22 2.66 15.15 -11.26
CA THR I 22 3.09 14.10 -12.17
C THR I 22 4.57 14.22 -12.45
N CYS I 23 5.24 13.07 -12.55
CA CYS I 23 6.67 12.99 -12.79
C CYS I 23 6.89 12.04 -13.97
N ARG I 24 7.45 12.55 -15.05
CA ARG I 24 7.70 11.80 -16.26
C ARG I 24 9.18 11.48 -16.38
N ALA I 25 9.48 10.26 -16.81
CA ALA I 25 10.84 9.76 -16.92
C ALA I 25 11.22 9.59 -18.38
N SER I 26 12.48 9.88 -18.69
CA SER I 26 12.96 9.76 -20.06
C SER I 26 13.09 8.32 -20.51
N GLN I 27 13.12 7.36 -19.58
CA GLN I 27 13.17 5.94 -19.92
C GLN I 27 12.61 5.15 -18.74
N GLY I 28 12.57 3.83 -18.91
CA GLY I 28 12.00 2.97 -17.88
C GLY I 28 12.86 2.95 -16.63
N VAL I 29 12.22 3.17 -15.48
CA VAL I 29 12.88 3.13 -14.18
C VAL I 29 12.27 2.08 -13.27
N ASN I 30 11.44 1.19 -13.80
CA ASN I 30 10.76 0.14 -13.03
C ASN I 30 9.95 0.83 -11.93
N ASN I 31 10.06 0.41 -10.67
CA ASN I 31 9.35 1.04 -9.57
C ASN I 31 10.29 1.83 -8.66
N TRP I 32 11.48 2.16 -9.15
CA TRP I 32 12.49 2.86 -8.34
C TRP I 32 12.31 4.36 -8.52
N LEU I 33 11.35 4.91 -7.79
CA LEU I 33 11.13 6.36 -7.78
C LEU I 33 10.59 6.75 -6.41
N ALA I 34 11.07 7.88 -5.91
CA ALA I 34 10.69 8.38 -4.60
C ALA I 34 10.23 9.82 -4.69
N TRP I 35 9.36 10.20 -3.76
CA TRP I 35 8.84 11.56 -3.64
C TRP I 35 9.32 12.15 -2.33
N TYR I 36 9.94 13.33 -2.41
CA TYR I 36 10.47 14.03 -1.25
C TYR I 36 9.80 15.40 -1.10
N GLN I 37 9.66 15.84 0.14
CA GLN I 37 9.14 17.16 0.48
C GLN I 37 10.23 17.96 1.15
N GLN I 38 10.43 19.20 0.69
CA GLN I 38 11.43 20.09 1.29
C GLN I 38 10.78 21.43 1.59
N LYS I 39 10.87 21.86 2.84
CA LYS I 39 10.46 23.20 3.23
C LYS I 39 11.59 24.19 2.95
N PRO I 40 11.25 25.47 2.71
CA PRO I 40 12.29 26.46 2.44
C PRO I 40 13.28 26.59 3.58
N GLY I 41 14.53 26.23 3.30
CA GLY I 41 15.59 26.32 4.29
C GLY I 41 15.93 24.99 4.95
N LYS I 42 14.91 24.18 5.23
CA LYS I 42 15.13 22.91 5.91
C LYS I 42 15.54 21.83 4.91
N ALA I 43 15.91 20.67 5.47
CA ALA I 43 16.34 19.53 4.66
C ALA I 43 15.13 18.77 4.13
N PRO I 44 15.28 18.11 2.98
CA PRO I 44 14.15 17.34 2.43
C PRO I 44 13.77 16.18 3.32
N LYS I 45 12.48 15.86 3.31
CA LYS I 45 11.92 14.74 4.06
C LYS I 45 11.39 13.70 3.09
N LEU I 46 11.74 12.43 3.31
CA LEU I 46 11.23 11.35 2.49
C LEU I 46 9.72 11.21 2.69
N LEU I 47 8.97 11.18 1.58
CA LEU I 47 7.53 11.02 1.63
C LEU I 47 7.08 9.68 1.07
N ILE I 48 7.46 9.36 -0.16
CA ILE I 48 6.99 8.15 -0.82
C ILE I 48 8.19 7.37 -1.32
N TYR I 49 8.26 6.08 -0.99
CA TYR I 49 9.31 5.20 -1.45
C TYR I 49 8.70 4.04 -2.24
N ARG I 50 9.45 3.56 -3.23
CA ARG I 50 9.00 2.54 -4.17
C ARG I 50 7.75 2.97 -4.94
N ALA I 51 7.55 4.29 -5.05
CA ALA I 51 6.52 4.91 -5.87
C ALA I 51 5.09 4.68 -5.35
N SER I 52 4.94 3.84 -4.33
CA SER I 52 3.62 3.61 -3.76
C SER I 52 3.59 3.51 -2.24
N ASN I 53 4.73 3.34 -1.58
CA ASN I 53 4.76 3.05 -0.16
C ASN I 53 4.99 4.30 0.67
N LEU I 54 4.40 4.32 1.86
CA LEU I 54 4.43 5.48 2.75
C LEU I 54 5.52 5.30 3.79
N GLU I 55 6.33 6.34 3.99
CA GLU I 55 7.33 6.32 5.03
C GLU I 55 6.69 6.48 6.41
N THR I 56 7.41 6.01 7.43
CA THR I 56 6.91 6.12 8.80
C THR I 56 6.99 7.56 9.28
N GLY I 57 5.90 8.05 9.86
CA GLY I 57 5.87 9.40 10.39
C GLY I 57 5.04 10.37 9.56
N VAL I 58 5.11 10.23 8.24
CA VAL I 58 4.38 11.12 7.34
C VAL I 58 2.89 10.80 7.43
N PRO I 59 2.01 11.77 7.19
CA PRO I 59 0.56 11.50 7.32
C PRO I 59 0.04 10.63 6.19
N SER I 60 -1.15 10.06 6.43
CA SER I 60 -1.77 9.14 5.48
C SER I 60 -2.40 9.82 4.29
N ARG I 61 -2.48 11.15 4.29
CA ARG I 61 -3.08 11.86 3.15
C ARG I 61 -2.20 11.85 1.91
N PHE I 62 -0.96 11.38 2.02
CA PHE I 62 -0.07 11.27 0.87
C PHE I 62 -0.21 9.90 0.23
N SER I 63 -0.21 9.87 -1.10
CA SER I 63 -0.36 8.63 -1.86
C SER I 63 0.71 8.59 -2.96
N GLY I 64 0.69 7.50 -3.72
CA GLY I 64 1.63 7.35 -4.82
C GLY I 64 1.29 6.22 -5.77
N SER I 65 1.59 6.40 -7.05
CA SER I 65 1.34 5.38 -8.06
C SER I 65 2.17 5.70 -9.30
N GLY I 66 2.49 4.65 -10.05
CA GLY I 66 3.25 4.78 -11.28
C GLY I 66 3.88 3.48 -11.72
N SER I 67 3.88 3.20 -13.04
CA SER I 67 4.36 1.92 -13.53
C SER I 67 5.84 1.96 -13.94
N GLY I 68 6.15 2.69 -15.03
CA GLY I 68 7.54 2.84 -15.39
C GLY I 68 7.98 4.16 -16.00
N THR I 69 7.02 5.03 -16.35
CA THR I 69 7.37 6.27 -17.04
C THR I 69 6.64 7.46 -16.43
N GLU I 70 5.45 7.20 -15.89
CA GLU I 70 4.60 8.24 -15.31
C GLU I 70 4.34 7.88 -13.86
N PHE I 71 4.75 8.75 -12.94
CA PHE I 71 4.52 8.55 -11.52
C PHE I 71 3.70 9.71 -10.97
N THR I 72 2.85 9.40 -9.99
CA THR I 72 1.86 10.36 -9.52
C THR I 72 1.91 10.45 -8.00
N LEU I 73 1.96 11.68 -7.48
CA LEU I 73 1.86 11.94 -6.05
C LEU I 73 0.58 12.73 -5.80
N THR I 74 -0.31 12.16 -4.99
CA THR I 74 -1.60 12.78 -4.70
C THR I 74 -1.71 13.06 -3.21
N ILE I 75 -2.15 14.28 -2.88
CA ILE I 75 -2.53 14.64 -1.52
C ILE I 75 -4.05 14.77 -1.49
N SER I 76 -4.69 13.95 -0.68
CA SER I 76 -6.16 13.91 -0.66
C SER I 76 -6.74 15.17 -0.05
N SER I 77 -6.19 15.62 1.08
CA SER I 77 -6.68 16.79 1.78
C SER I 77 -5.50 17.72 2.05
N LEU I 78 -5.42 18.82 1.29
CA LEU I 78 -4.35 19.77 1.47
C LEU I 78 -4.50 20.49 2.81
N GLN I 79 -3.38 20.68 3.49
CA GLN I 79 -3.35 21.26 4.83
C GLN I 79 -2.43 22.47 4.85
N PRO I 80 -2.64 23.42 5.76
CA PRO I 80 -1.77 24.61 5.78
C PRO I 80 -0.31 24.30 6.05
N GLU I 81 0.01 23.15 6.62
CA GLU I 81 1.40 22.79 6.91
C GLU I 81 2.14 22.25 5.70
N ASP I 82 1.49 22.14 4.54
CA ASP I 82 2.08 21.51 3.37
C ASP I 82 2.68 22.52 2.39
N ILE I 83 2.90 23.77 2.81
CA ILE I 83 3.60 24.72 1.96
C ILE I 83 5.06 24.27 1.87
N ALA I 84 5.45 23.71 0.73
CA ALA I 84 6.79 23.18 0.53
C ALA I 84 6.95 22.91 -0.96
N THR I 85 8.11 22.38 -1.32
CA THR I 85 8.38 21.95 -2.69
C THR I 85 8.53 20.43 -2.70
N TYR I 86 7.79 19.78 -3.59
CA TYR I 86 7.77 18.32 -3.70
C TYR I 86 8.49 17.93 -4.97
N TYR I 87 9.51 17.07 -4.83
CA TYR I 87 10.31 16.66 -5.97
C TYR I 87 10.40 15.14 -6.08
N CYS I 88 10.32 14.66 -7.31
CA CYS I 88 10.46 13.23 -7.62
C CYS I 88 11.91 12.94 -7.96
N GLN I 89 12.37 11.75 -7.56
CA GLN I 89 13.76 11.36 -7.78
C GLN I 89 13.82 9.87 -8.10
N GLN I 90 14.57 9.53 -9.14
CA GLN I 90 14.71 8.15 -9.56
C GLN I 90 15.82 7.45 -8.80
N HIS I 91 15.73 6.12 -8.74
CA HIS I 91 16.74 5.32 -8.06
C HIS I 91 17.09 4.06 -8.83
N ASP I 92 16.62 3.90 -10.07
CA ASP I 92 16.90 2.69 -10.83
C ASP I 92 18.37 2.61 -11.22
N ASN I 93 18.96 3.72 -11.67
CA ASN I 93 20.35 3.74 -12.11
C ASN I 93 21.02 5.00 -11.60
N PHE I 94 22.18 4.83 -10.95
CA PHE I 94 22.93 5.97 -10.45
C PHE I 94 23.57 6.73 -11.62
N PRO I 95 23.63 8.07 -11.56
CA PRO I 95 23.20 8.96 -10.47
C PRO I 95 21.68 9.12 -10.34
N TYR I 96 21.23 9.42 -9.14
CA TYR I 96 19.81 9.58 -8.84
C TYR I 96 19.39 10.99 -9.27
N THR I 97 18.76 11.09 -10.43
CA THR I 97 18.31 12.36 -10.96
C THR I 97 16.94 12.72 -10.42
N PHE I 98 16.75 14.00 -10.09
CA PHE I 98 15.54 14.49 -9.47
C PHE I 98 14.79 15.43 -10.41
N GLY I 99 13.50 15.62 -10.13
CA GLY I 99 12.69 16.52 -10.90
C GLY I 99 12.97 17.98 -10.58
N GLN I 100 12.46 18.86 -11.44
CA GLN I 100 12.69 20.29 -11.29
C GLN I 100 11.98 20.87 -10.07
N GLY I 101 11.00 20.16 -9.53
CA GLY I 101 10.32 20.62 -8.33
C GLY I 101 8.98 21.27 -8.63
N THR I 102 8.06 21.17 -7.68
CA THR I 102 6.73 21.76 -7.79
C THR I 102 6.42 22.51 -6.50
N LYS I 103 6.19 23.81 -6.62
CA LYS I 103 5.89 24.66 -5.47
C LYS I 103 4.39 24.65 -5.20
N VAL I 104 4.04 24.65 -3.92
CA VAL I 104 2.65 24.60 -3.48
C VAL I 104 2.37 25.84 -2.65
N VAL I 105 1.35 26.60 -3.05
CA VAL I 105 0.92 27.80 -2.33
C VAL I 105 -0.59 27.70 -2.13
N ILE I 106 -1.03 27.85 -0.87
CA ILE I 106 -2.46 27.81 -0.57
C ILE I 106 -3.07 29.17 -0.87
N ARG I 107 -4.27 29.15 -1.45
CA ARG I 107 -5.06 30.34 -1.69
C ARG I 107 -6.09 30.48 -0.58
N ARG I 108 -6.15 31.67 0.02
CA ARG I 108 -6.93 31.89 1.23
C ARG I 108 -7.76 33.16 1.09
N THR I 109 -8.61 33.39 2.09
CA THR I 109 -9.41 34.60 2.13
C THR I 109 -8.52 35.84 2.20
N VAL I 110 -8.89 36.87 1.45
CA VAL I 110 -8.12 38.11 1.45
C VAL I 110 -8.18 38.74 2.84
N ALA I 111 -7.02 39.06 3.39
CA ALA I 111 -6.90 39.65 4.71
C ALA I 111 -6.22 41.00 4.62
N ALA I 112 -6.74 41.96 5.37
CA ALA I 112 -6.13 43.29 5.40
C ALA I 112 -4.81 43.24 6.17
N PRO I 113 -3.75 43.85 5.65
CA PRO I 113 -2.46 43.81 6.38
C PRO I 113 -2.50 44.72 7.59
N SER I 114 -2.04 44.19 8.73
CA SER I 114 -1.83 45.04 9.90
C SER I 114 -0.48 45.74 9.72
N VAL I 115 -0.52 47.07 9.60
CA VAL I 115 0.64 47.85 9.19
C VAL I 115 1.11 48.68 10.37
N PHE I 116 2.39 48.55 10.70
CA PHE I 116 3.04 49.34 11.74
C PHE I 116 4.24 50.07 11.15
N ILE I 117 4.62 51.16 11.81
CA ILE I 117 5.80 51.93 11.43
C ILE I 117 6.72 52.04 12.64
N PHE I 118 8.02 51.95 12.40
CA PHE I 118 9.03 51.90 13.45
C PHE I 118 10.07 52.97 13.18
N PRO I 119 10.27 53.91 14.11
CA PRO I 119 11.29 54.94 13.91
C PRO I 119 12.66 54.43 14.26
N PRO I 120 13.72 55.04 13.72
CA PRO I 120 15.07 54.62 14.10
C PRO I 120 15.36 54.93 15.55
N SER I 121 16.17 54.06 16.17
CA SER I 121 16.54 54.25 17.56
C SER I 121 17.69 55.24 17.67
N ASP I 122 17.78 55.89 18.84
CA ASP I 122 18.86 56.83 19.09
C ASP I 122 20.22 56.14 19.11
N GLU I 123 20.26 54.88 19.55
CA GLU I 123 21.51 54.14 19.50
C GLU I 123 22.01 53.99 18.07
N GLN I 124 21.09 53.70 17.14
CA GLN I 124 21.45 53.69 15.73
C GLN I 124 21.78 55.08 15.22
N LEU I 125 21.09 56.11 15.73
CA LEU I 125 21.39 57.47 15.34
C LEU I 125 22.81 57.88 15.74
N LYS I 126 23.35 57.26 16.79
CA LYS I 126 24.73 57.52 17.16
C LYS I 126 25.69 57.09 16.06
N SER I 127 25.42 55.94 15.42
CA SER I 127 26.33 55.41 14.40
C SER I 127 26.38 56.28 13.15
N GLY I 128 25.44 57.19 12.96
CA GLY I 128 25.40 58.04 11.80
C GLY I 128 24.43 57.62 10.72
N THR I 129 23.76 56.48 10.87
CA THR I 129 22.73 56.02 9.95
C THR I 129 21.42 55.90 10.70
N ALA I 130 20.33 55.78 9.93
CA ALA I 130 19.00 55.62 10.53
C ALA I 130 18.15 54.74 9.64
N SER I 131 17.56 53.71 10.22
CA SER I 131 16.68 52.79 9.50
C SER I 131 15.26 52.98 9.99
N VAL I 132 14.37 53.34 9.08
CA VAL I 132 12.94 53.46 9.37
C VAL I 132 12.24 52.24 8.79
N VAL I 133 11.46 51.55 9.63
CA VAL I 133 10.92 50.25 9.26
C VAL I 133 9.41 50.36 9.06
N CYS I 134 8.90 49.66 8.05
CA CYS I 134 7.47 49.50 7.86
C CYS I 134 7.17 48.00 7.87
N LEU I 135 6.28 47.59 8.76
CA LEU I 135 5.95 46.17 8.95
C LEU I 135 4.53 45.92 8.50
N LEU I 136 4.36 44.93 7.62
CA LEU I 136 3.06 44.46 7.17
C LEU I 136 2.89 43.04 7.69
N ASN I 137 1.83 42.79 8.43
CA ASN I 137 1.65 41.50 9.10
C ASN I 137 0.32 40.87 8.71
N ASN I 138 0.37 39.55 8.45
CA ASN I 138 -0.81 38.69 8.39
C ASN I 138 -1.80 39.17 7.32
N PHE I 139 -1.34 39.09 6.08
CA PHE I 139 -2.15 39.50 4.94
C PHE I 139 -2.01 38.50 3.80
N TYR I 140 -2.95 38.60 2.85
CA TYR I 140 -2.99 37.80 1.64
C TYR I 140 -3.71 38.65 0.59
N PRO I 141 -3.22 38.67 -0.66
CA PRO I 141 -2.03 37.95 -1.13
C PRO I 141 -0.73 38.70 -0.85
N ARG I 142 0.40 38.11 -1.27
CA ARG I 142 1.70 38.73 -1.04
C ARG I 142 1.84 40.05 -1.81
N GLU I 143 1.12 40.21 -2.91
CA GLU I 143 1.25 41.40 -3.74
C GLU I 143 0.81 42.64 -2.97
N ALA I 144 1.73 43.60 -2.83
CA ALA I 144 1.46 44.85 -2.15
C ALA I 144 2.49 45.88 -2.57
N LYS I 145 2.10 47.14 -2.53
CA LYS I 145 2.97 48.26 -2.87
C LYS I 145 3.27 49.04 -1.60
N VAL I 146 4.55 49.11 -1.23
CA VAL I 146 4.99 49.84 -0.05
C VAL I 146 5.81 51.03 -0.53
N GLN I 147 5.27 52.23 -0.33
CA GLN I 147 5.93 53.47 -0.74
C GLN I 147 6.36 54.25 0.49
N TRP I 148 7.56 54.82 0.45
CA TRP I 148 8.09 55.61 1.54
C TRP I 148 7.95 57.08 1.20
N LYS I 149 7.19 57.82 2.00
CA LYS I 149 6.96 59.24 1.80
C LYS I 149 7.59 60.03 2.95
N VAL I 150 8.51 60.91 2.61
CA VAL I 150 9.20 61.74 3.59
C VAL I 150 8.89 63.19 3.25
N ASP I 151 8.14 63.86 4.14
CA ASP I 151 7.68 65.22 3.91
C ASP I 151 6.94 65.33 2.57
N ASN I 152 6.07 64.37 2.30
CA ASN I 152 5.28 64.31 1.07
C ASN I 152 6.19 64.28 -0.17
N ALA I 153 7.17 63.38 -0.16
CA ALA I 153 8.07 63.19 -1.28
C ALA I 153 8.33 61.71 -1.46
N LEU I 154 8.12 61.21 -2.67
CA LEU I 154 8.33 59.80 -2.96
C LEU I 154 9.82 59.49 -2.91
N GLN I 155 10.18 58.45 -2.17
CA GLN I 155 11.57 58.02 -2.03
C GLN I 155 11.81 56.76 -2.86
N SER I 156 12.87 56.78 -3.65
CA SER I 156 13.23 55.65 -4.52
C SER I 156 14.70 55.33 -4.33
N GLY I 157 15.01 54.04 -4.26
CA GLY I 157 16.38 53.56 -4.14
C GLY I 157 16.87 53.40 -2.72
N ASN I 158 16.17 53.95 -1.73
CA ASN I 158 16.58 53.86 -0.34
C ASN I 158 15.83 52.78 0.42
N SER I 159 14.99 51.99 -0.25
CA SER I 159 14.14 51.01 0.38
C SER I 159 14.59 49.60 0.06
N GLN I 160 14.44 48.70 1.03
CA GLN I 160 14.78 47.29 0.84
C GLN I 160 13.75 46.45 1.59
N GLU I 161 13.11 45.51 0.88
CA GLU I 161 12.00 44.76 1.44
C GLU I 161 12.37 43.29 1.62
N SER I 162 11.90 42.72 2.73
CA SER I 162 12.07 41.32 3.06
C SER I 162 10.71 40.67 3.23
N VAL I 163 10.58 39.44 2.75
CA VAL I 163 9.30 38.73 2.69
C VAL I 163 9.45 37.40 3.41
N THR I 164 8.54 37.12 4.35
CA THR I 164 8.52 35.83 5.03
C THR I 164 7.80 34.79 4.19
N GLU I 165 8.02 33.52 4.54
CA GLU I 165 7.32 32.44 3.88
C GLU I 165 5.87 32.39 4.33
N GLN I 166 5.05 31.69 3.57
CA GLN I 166 3.63 31.54 3.89
C GLN I 166 3.47 30.81 5.21
N ASP I 167 2.57 31.32 6.05
CA ASP I 167 2.37 30.75 7.38
C ASP I 167 1.82 29.33 7.27
N SER I 168 2.24 28.47 8.19
CA SER I 168 1.82 27.08 8.22
C SER I 168 0.49 26.89 8.94
N LYS I 169 -0.12 27.96 9.44
CA LYS I 169 -1.39 27.87 10.16
C LYS I 169 -2.50 28.66 9.48
N ASP I 170 -2.24 29.90 9.08
CA ASP I 170 -3.24 30.74 8.44
C ASP I 170 -2.86 31.16 7.03
N SER I 171 -1.68 30.75 6.54
CA SER I 171 -1.25 31.03 5.16
C SER I 171 -1.23 32.53 4.85
N THR I 172 -0.72 33.31 5.79
CA THR I 172 -0.60 34.75 5.61
C THR I 172 0.86 35.15 5.46
N TYR I 173 1.08 36.33 4.90
CA TYR I 173 2.43 36.81 4.61
C TYR I 173 2.78 38.01 5.49
N SER I 174 4.07 38.32 5.51
CA SER I 174 4.59 39.47 6.24
C SER I 174 5.69 40.12 5.42
N LEU I 175 5.68 41.46 5.40
CA LEU I 175 6.68 42.24 4.70
C LEU I 175 7.39 43.19 5.67
N SER I 176 8.67 43.43 5.43
CA SER I 176 9.45 44.38 6.21
C SER I 176 10.20 45.27 5.22
N SER I 177 9.79 46.53 5.12
CA SER I 177 10.43 47.49 4.24
C SER I 177 11.29 48.42 5.09
N THR I 178 12.62 48.36 4.89
CA THR I 178 13.56 49.16 5.65
C THR I 178 14.08 50.29 4.76
N LEU I 179 14.07 51.50 5.32
CA LEU I 179 14.59 52.69 4.65
C LEU I 179 15.85 53.11 5.39
N THR I 180 17.00 52.92 4.75
CA THR I 180 18.28 53.34 5.30
C THR I 180 18.61 54.73 4.81
N LEU I 181 18.94 55.63 5.74
CA LEU I 181 19.10 57.04 5.40
C LEU I 181 20.15 57.64 6.31
N SER I 182 20.99 58.51 5.74
CA SER I 182 22.06 59.14 6.52
C SER I 182 21.47 60.05 7.59
N LYS I 183 22.21 60.20 8.69
CA LYS I 183 21.76 61.06 9.77
C LYS I 183 21.63 62.50 9.30
N ALA I 184 22.57 62.97 8.49
CA ALA I 184 22.49 64.34 7.98
C ALA I 184 21.22 64.55 7.17
N ASP I 185 20.90 63.60 6.28
CA ASP I 185 19.66 63.68 5.52
C ASP I 185 18.44 63.38 6.39
N TYR I 186 18.60 62.64 7.48
CA TYR I 186 17.48 62.34 8.37
C TYR I 186 17.08 63.57 9.19
N GLU I 187 18.05 64.42 9.53
CA GLU I 187 17.76 65.59 10.36
C GLU I 187 17.11 66.73 9.59
N LYS I 188 17.06 66.66 8.26
CA LYS I 188 16.44 67.70 7.45
C LYS I 188 14.95 67.50 7.24
N HIS I 189 14.37 66.44 7.79
CA HIS I 189 12.97 66.13 7.59
C HIS I 189 12.33 65.75 8.92
N LYS I 190 11.01 65.92 9.00
CA LYS I 190 10.27 65.73 10.23
C LYS I 190 9.25 64.60 10.16
N VAL I 191 8.43 64.56 9.10
CA VAL I 191 7.34 63.60 8.98
C VAL I 191 7.79 62.45 8.09
N TYR I 192 7.68 61.22 8.61
CA TYR I 192 8.04 60.03 7.85
C TYR I 192 6.84 59.08 7.84
N ALA I 193 6.49 58.58 6.65
CA ALA I 193 5.33 57.71 6.52
C ALA I 193 5.63 56.60 5.51
N CYS I 194 4.95 55.47 5.71
CA CYS I 194 4.92 54.39 4.73
C CYS I 194 3.47 54.10 4.36
N GLU I 195 3.24 53.98 3.06
CA GLU I 195 1.91 53.75 2.50
C GLU I 195 1.87 52.37 1.87
N VAL I 196 0.88 51.58 2.27
CA VAL I 196 0.68 50.22 1.79
C VAL I 196 -0.58 50.21 0.92
N THR I 197 -0.45 49.75 -0.31
CA THR I 197 -1.55 49.65 -1.26
C THR I 197 -1.63 48.21 -1.74
N GLN I 198 -2.70 47.50 -1.34
CA GLN I 198 -2.94 46.13 -1.77
C GLN I 198 -3.96 46.07 -2.89
N GLY I 199 -5.15 46.64 -2.67
CA GLY I 199 -6.19 46.71 -3.68
C GLY I 199 -6.77 48.10 -3.75
N THR I 200 -8.08 48.21 -3.57
CA THR I 200 -8.71 49.52 -3.45
C THR I 200 -8.31 50.23 -2.15
N THR I 201 -7.77 49.50 -1.19
CA THR I 201 -7.28 50.11 0.05
C THR I 201 -5.92 50.77 -0.17
N SER I 202 -5.67 51.83 0.61
CA SER I 202 -4.36 52.47 0.65
C SER I 202 -4.17 53.04 2.05
N VAL I 203 -3.53 52.25 2.91
CA VAL I 203 -3.30 52.66 4.30
C VAL I 203 -1.98 53.41 4.35
N THR I 204 -1.88 54.36 5.29
CA THR I 204 -0.66 55.14 5.45
C THR I 204 -0.39 55.32 6.93
N LYS I 205 0.79 54.88 7.39
CA LYS I 205 1.21 55.06 8.77
C LYS I 205 2.36 56.05 8.82
N SER I 206 2.22 57.08 9.66
CA SER I 206 3.15 58.19 9.70
C SER I 206 3.56 58.47 11.15
N PHE I 207 4.68 59.17 11.28
CA PHE I 207 5.14 59.65 12.58
C PHE I 207 5.98 60.91 12.38
N ASN I 208 5.92 61.79 13.38
CA ASN I 208 6.67 63.02 13.39
C ASN I 208 7.93 62.83 14.21
N ARG I 209 9.07 63.21 13.64
CA ARG I 209 10.36 63.07 14.32
C ARG I 209 10.40 63.98 15.53
N GLY I 210 10.57 63.39 16.73
CA GLY I 210 10.65 64.13 17.96
C GLY I 210 9.47 63.96 18.89
N GLU I 211 8.50 63.12 18.55
CA GLU I 211 7.35 62.90 19.41
C GLU I 211 7.71 62.01 20.59
N CYS I 212 6.97 62.18 21.69
CA CYS I 212 7.16 61.41 22.92
C CYS I 212 8.60 61.49 23.44
CAC FLC J . -28.35 20.86 -30.76
CA FLC J . -29.43 21.30 -31.71
CB FLC J . -30.03 20.17 -32.57
CBC FLC J . -28.97 19.56 -33.48
CG FLC J . -31.18 20.76 -33.40
CGC FLC J . -32.03 19.74 -34.10
OA1 FLC J . -27.22 20.60 -31.13
OA2 FLC J . -28.73 20.80 -29.52
OB1 FLC J . -27.97 20.18 -33.83
OB2 FLC J . -29.23 18.33 -33.83
OG1 FLC J . -32.38 19.84 -35.25
OG2 FLC J . -32.37 18.72 -33.33
OHB FLC J . -30.55 19.15 -31.71
#